data_6PXS
#
_entry.id   6PXS
#
_cell.length_a   113.457
_cell.length_b   113.457
_cell.length_c   266.119
_cell.angle_alpha   90.000
_cell.angle_beta   90.000
_cell.angle_gamma   90.000
#
_symmetry.space_group_name_H-M   'P 43 21 2'
#
loop_
_entity.id
_entity.type
_entity.pdbx_description
1 polymer 'FAD dependent oxidoreductase'
2 non-polymer 'FLAVIN-ADENINE DINUCLEOTIDE'
3 water water
#
_entity_poly.entity_id   1
_entity_poly.type   'polypeptide(L)'
_entity_poly.pdbx_seq_one_letter_code
;MRVLIIGAGILGASAAYHLARLGAQVEIIDQNHPGKATLAGAGVVCPWATEADDPDWYLLYARGARYYGTLIEELRGQGE
TELGYSRVGALVLAEDRARLDTIEGRISRRIKDAPEAGTVRRLGAGEAKRLFPPLRDDLEAIHIPGGARVDGRLLAASML
RVAISSGATLRNDYVSLRLNDGRAECLGSDGRPIPADEIIVTAGAWAAQILALLGLRHPVVPQKGQIIHLHLPGVATSGW
PVVLPMNSYYMLAFDDSRVVVGATREDGSGFDYRVTARGQLEVLQAGLGIAPGLADATHIETRVGFRPAGSAMRPILGRV
PQIAGLTIGNGLGASGLTVGPFAGHLLAGVVMGEPAEVPLERYSPTGPEAGLEHHHHHH
;
_entity_poly.pdbx_strand_id   A,B,C,D
#
# COMPACT_ATOMS: atom_id res chain seq x y z
N MET A 1 25.52 26.45 16.59
CA MET A 1 25.15 26.62 15.16
C MET A 1 26.21 25.99 14.26
N ARG A 2 26.86 24.93 14.74
CA ARG A 2 28.05 24.42 14.06
C ARG A 2 27.74 24.06 12.61
N VAL A 3 26.87 23.08 12.38
CA VAL A 3 26.64 22.56 11.04
C VAL A 3 25.15 22.31 10.83
N LEU A 4 24.68 22.65 9.63
CA LEU A 4 23.31 22.40 9.20
C LEU A 4 23.36 21.59 7.92
N ILE A 5 22.71 20.43 7.92
CA ILE A 5 22.74 19.50 6.80
C ILE A 5 21.37 19.47 6.16
N ILE A 6 21.33 19.65 4.84
CA ILE A 6 20.09 19.67 4.07
C ILE A 6 20.03 18.40 3.25
N GLY A 7 19.11 17.51 3.60
CA GLY A 7 18.99 16.23 2.94
C GLY A 7 19.66 15.12 3.73
N ALA A 8 18.90 14.09 4.07
CA ALA A 8 19.42 13.01 4.91
C ALA A 8 19.37 11.69 4.18
N GLY A 9 19.80 11.67 2.92
CA GLY A 9 20.03 10.43 2.21
C GLY A 9 21.28 9.75 2.71
N ILE A 10 21.80 8.84 1.88
CA ILE A 10 23.00 8.13 2.27
C ILE A 10 24.16 9.11 2.44
N LEU A 11 24.17 10.20 1.65
CA LEU A 11 25.29 11.13 1.70
C LEU A 11 25.17 12.09 2.87
N GLY A 12 24.01 12.73 3.01
CA GLY A 12 23.79 13.60 4.15
C GLY A 12 23.84 12.85 5.48
N ALA A 13 23.44 11.58 5.49
CA ALA A 13 23.49 10.80 6.71
C ALA A 13 24.92 10.42 7.07
N SER A 14 25.73 10.07 6.08
CA SER A 14 27.13 9.76 6.35
C SER A 14 27.87 10.99 6.86
N ALA A 15 27.62 12.15 6.26
CA ALA A 15 28.24 13.37 6.75
C ALA A 15 27.88 13.63 8.21
N ALA A 16 26.58 13.57 8.53
CA ALA A 16 26.16 13.74 9.91
C ALA A 16 26.82 12.70 10.81
N TYR A 17 26.85 11.45 10.37
CA TYR A 17 27.44 10.38 11.18
C TYR A 17 28.89 10.68 11.53
N HIS A 18 29.65 11.25 10.60
CA HIS A 18 31.05 11.52 10.87
C HIS A 18 31.24 12.81 11.67
N LEU A 19 30.43 13.83 11.40
CA LEU A 19 30.61 15.11 12.08
C LEU A 19 30.24 15.01 13.55
N ALA A 20 29.09 14.41 13.86
CA ALA A 20 28.62 14.38 15.24
C ALA A 20 29.60 13.67 16.16
N ARG A 21 30.33 12.68 15.64
CA ARG A 21 31.30 11.97 16.46
C ARG A 21 32.52 12.84 16.79
N LEU A 22 32.72 13.93 16.07
CA LEU A 22 33.81 14.86 16.34
C LEU A 22 33.35 16.06 17.16
N GLY A 23 32.23 15.93 17.87
CA GLY A 23 31.77 16.96 18.78
C GLY A 23 31.06 18.13 18.14
N ALA A 24 30.88 18.13 16.82
CA ALA A 24 30.19 19.22 16.15
C ALA A 24 28.68 19.12 16.39
N GLN A 25 28.05 20.27 16.59
CA GLN A 25 26.61 20.33 16.78
C GLN A 25 25.94 20.22 15.42
N VAL A 26 25.28 19.10 15.16
CA VAL A 26 24.71 18.78 13.86
C VAL A 26 23.20 18.95 13.92
N GLU A 27 22.65 19.73 13.00
CA GLU A 27 21.20 19.90 12.83
C GLU A 27 20.84 19.38 11.45
N ILE A 28 20.08 18.29 11.40
CA ILE A 28 19.73 17.61 10.16
C ILE A 28 18.30 17.93 9.81
N ILE A 29 18.06 18.24 8.53
CA ILE A 29 16.73 18.50 8.00
C ILE A 29 16.56 17.69 6.73
N ASP A 30 15.43 16.98 6.62
CA ASP A 30 15.19 16.10 5.49
C ASP A 30 13.69 16.02 5.24
N GLN A 31 13.27 16.42 4.04
CA GLN A 31 11.85 16.37 3.70
C GLN A 31 11.38 14.95 3.41
N ASN A 32 12.28 14.08 2.95
CA ASN A 32 11.93 12.73 2.53
C ASN A 32 10.98 12.77 1.34
N HIS A 33 11.40 13.48 0.29
CA HIS A 33 10.62 13.60 -0.93
C HIS A 33 10.22 12.22 -1.45
N PRO A 34 9.10 12.09 -2.15
CA PRO A 34 8.82 10.84 -2.86
C PRO A 34 9.90 10.58 -3.92
N GLY A 35 10.37 9.34 -3.97
CA GLY A 35 11.44 8.98 -4.86
C GLY A 35 12.83 9.14 -4.28
N LYS A 36 12.95 9.33 -2.98
CA LYS A 36 14.25 9.43 -2.33
C LYS A 36 15.16 8.29 -2.78
N ALA A 37 16.30 8.65 -3.37
CA ALA A 37 17.14 7.65 -4.01
C ALA A 37 17.60 6.57 -3.04
N THR A 38 17.98 6.97 -1.82
CA THR A 38 18.50 5.99 -0.87
C THR A 38 17.47 4.93 -0.52
N LEU A 39 16.19 5.29 -0.53
CA LEU A 39 15.14 4.32 -0.19
C LEU A 39 14.90 3.30 -1.29
N ALA A 40 15.40 3.55 -2.50
CA ALA A 40 15.20 2.65 -3.63
C ALA A 40 16.51 2.04 -4.12
N GLY A 41 17.63 2.32 -3.47
CA GLY A 41 18.91 1.81 -3.91
C GLY A 41 19.00 0.29 -3.84
N ALA A 42 19.44 -0.33 -4.94
CA ALA A 42 19.59 -1.78 -4.97
C ALA A 42 20.52 -2.25 -3.85
N GLY A 43 21.77 -1.80 -3.88
CA GLY A 43 22.72 -2.10 -2.82
C GLY A 43 23.85 -3.01 -3.22
N VAL A 44 24.34 -2.88 -4.44
CA VAL A 44 25.48 -3.67 -4.91
C VAL A 44 26.75 -2.89 -4.66
N VAL A 45 27.76 -3.56 -4.11
CA VAL A 45 29.07 -2.98 -3.83
C VAL A 45 30.12 -3.88 -4.47
N CYS A 46 30.48 -3.59 -5.72
CA CYS A 46 31.42 -4.42 -6.47
C CYS A 46 31.97 -3.61 -7.64
N PRO A 47 32.98 -2.77 -7.40
CA PRO A 47 33.40 -1.81 -8.45
C PRO A 47 34.34 -2.36 -9.50
N TRP A 48 35.01 -3.48 -9.25
CA TRP A 48 36.11 -3.90 -10.11
C TRP A 48 35.66 -4.28 -11.51
N ALA A 49 34.37 -4.55 -11.72
CA ALA A 49 33.86 -4.97 -13.01
C ALA A 49 33.25 -3.82 -13.82
N THR A 50 33.32 -2.59 -13.33
CA THR A 50 32.65 -1.49 -14.00
C THR A 50 33.25 -1.24 -15.37
N GLU A 51 32.39 -0.94 -16.33
CA GLU A 51 32.84 -0.62 -17.68
C GLU A 51 33.32 0.82 -17.80
N ALA A 52 32.81 1.70 -16.95
CA ALA A 52 33.19 3.11 -17.00
C ALA A 52 34.59 3.29 -16.41
N ASP A 53 35.53 3.75 -17.23
CA ASP A 53 36.89 4.02 -16.80
C ASP A 53 37.08 5.53 -16.74
N ASP A 54 36.70 6.11 -15.61
CA ASP A 54 36.94 7.52 -15.32
C ASP A 54 37.79 7.62 -14.06
N PRO A 55 39.06 8.03 -14.15
CA PRO A 55 39.91 7.98 -12.94
C PRO A 55 39.39 8.85 -11.80
N ASP A 56 38.88 10.04 -12.10
CA ASP A 56 38.36 10.90 -11.05
C ASP A 56 37.21 10.22 -10.31
N TRP A 57 36.32 9.55 -11.05
CA TRP A 57 35.19 8.88 -10.40
C TRP A 57 35.61 7.55 -9.80
N TYR A 58 36.45 6.77 -10.49
CA TYR A 58 36.81 5.45 -9.99
C TYR A 58 37.60 5.54 -8.70
N LEU A 59 38.40 6.59 -8.52
CA LEU A 59 39.18 6.74 -7.30
C LEU A 59 38.30 6.61 -6.07
N LEU A 60 37.16 7.31 -6.08
CA LEU A 60 36.24 7.25 -4.95
C LEU A 60 35.41 5.98 -4.96
N TYR A 61 35.12 5.42 -6.14
CA TYR A 61 34.32 4.21 -6.21
C TYR A 61 35.04 3.05 -5.54
N ALA A 62 36.26 2.76 -5.96
CA ALA A 62 37.02 1.68 -5.34
C ALA A 62 37.42 2.02 -3.91
N ARG A 63 37.66 3.31 -3.64
CA ARG A 63 38.00 3.72 -2.27
C ARG A 63 36.81 3.57 -1.34
N GLY A 64 35.62 4.01 -1.80
CA GLY A 64 34.42 3.88 -0.98
C GLY A 64 33.98 2.45 -0.76
N ALA A 65 34.42 1.52 -1.61
CA ALA A 65 34.10 0.12 -1.41
C ALA A 65 34.93 -0.50 -0.30
N ARG A 66 36.21 -0.09 -0.18
CA ARG A 66 37.05 -0.61 0.89
C ARG A 66 36.65 -0.04 2.24
N TYR A 67 36.10 1.18 2.27
CA TYR A 67 35.70 1.77 3.53
C TYR A 67 34.57 1.01 4.20
N TYR A 68 33.85 0.18 3.45
CA TYR A 68 32.73 -0.56 4.03
C TYR A 68 33.20 -1.48 5.15
N GLY A 69 34.39 -2.06 5.03
CA GLY A 69 34.91 -2.91 6.09
C GLY A 69 34.93 -2.21 7.43
N THR A 70 35.47 -0.98 7.46
CA THR A 70 35.52 -0.22 8.69
C THR A 70 34.11 0.13 9.18
N LEU A 71 33.24 0.51 8.26
CA LEU A 71 31.93 1.04 8.64
C LEU A 71 31.06 -0.02 9.30
N ILE A 72 31.05 -1.23 8.73
CA ILE A 72 30.16 -2.29 9.24
C ILE A 72 30.49 -2.58 10.69
N GLU A 73 31.78 -2.71 11.02
CA GLU A 73 32.16 -2.98 12.40
C GLU A 73 31.91 -1.76 13.28
N GLU A 74 32.25 -0.57 12.78
CA GLU A 74 31.99 0.65 13.56
C GLU A 74 30.52 0.74 13.95
N LEU A 75 29.62 0.46 13.01
CA LEU A 75 28.19 0.48 13.33
C LEU A 75 27.82 -0.73 14.18
N ARG A 76 28.41 -1.89 13.91
CA ARG A 76 28.12 -3.09 14.70
C ARG A 76 28.36 -2.84 16.18
N GLY A 77 29.51 -2.25 16.51
CA GLY A 77 29.86 -2.02 17.90
C GLY A 77 29.06 -0.90 18.55
N GLN A 78 28.04 -0.41 17.84
CA GLN A 78 27.20 0.67 18.35
C GLN A 78 25.73 0.25 18.43
N GLY A 79 25.44 -1.04 18.35
CA GLY A 79 24.09 -1.54 18.41
C GLY A 79 23.40 -1.67 17.07
N GLU A 80 24.04 -1.25 15.98
CA GLU A 80 23.45 -1.32 14.65
C GLU A 80 24.04 -2.54 13.95
N THR A 81 23.37 -3.69 14.11
CA THR A 81 23.85 -4.95 13.58
C THR A 81 23.00 -5.48 12.43
N GLU A 82 21.91 -4.80 12.07
CA GLU A 82 21.03 -5.23 10.99
C GLU A 82 21.13 -4.18 9.88
N LEU A 83 22.12 -4.34 9.01
CA LEU A 83 22.34 -3.42 7.90
C LEU A 83 22.20 -4.09 6.54
N GLY A 84 21.89 -5.38 6.50
CA GLY A 84 21.75 -6.08 5.24
C GLY A 84 23.05 -6.29 4.49
N TYR A 85 24.19 -6.09 5.14
CA TYR A 85 25.48 -6.23 4.48
C TYR A 85 25.95 -7.69 4.55
N SER A 86 26.65 -8.11 3.49
CA SER A 86 27.20 -9.45 3.42
C SER A 86 28.21 -9.56 2.30
N ARG A 87 29.41 -10.09 2.61
CA ARG A 87 30.45 -10.30 1.61
C ARG A 87 30.17 -11.64 0.92
N VAL A 88 29.19 -11.61 0.00
CA VAL A 88 28.68 -12.83 -0.61
C VAL A 88 29.35 -13.15 -1.94
N GLY A 89 30.26 -12.31 -2.42
CA GLY A 89 30.85 -12.49 -3.73
C GLY A 89 29.92 -12.05 -4.83
N ALA A 90 30.45 -12.01 -6.04
CA ALA A 90 29.70 -11.55 -7.21
C ALA A 90 30.01 -12.42 -8.41
N LEU A 91 29.05 -12.49 -9.33
CA LEU A 91 29.21 -13.21 -10.59
C LEU A 91 29.04 -12.21 -11.73
N VAL A 92 30.03 -12.16 -12.62
CA VAL A 92 29.99 -11.28 -13.78
C VAL A 92 29.71 -12.15 -15.00
N LEU A 93 28.65 -11.83 -15.72
CA LEU A 93 28.20 -12.60 -16.86
C LEU A 93 28.38 -11.79 -18.15
N ALA A 94 28.26 -12.50 -19.26
CA ALA A 94 28.24 -11.89 -20.58
C ALA A 94 27.71 -12.93 -21.57
N GLU A 95 27.16 -12.45 -22.68
CA GLU A 95 26.53 -13.36 -23.63
C GLU A 95 27.57 -14.16 -24.41
N ASP A 96 28.48 -13.46 -25.09
CA ASP A 96 29.49 -14.11 -25.91
C ASP A 96 30.81 -14.19 -25.16
N ARG A 97 31.54 -15.28 -25.37
CA ARG A 97 32.83 -15.46 -24.70
C ARG A 97 33.82 -14.37 -25.08
N ALA A 98 33.63 -13.73 -26.23
CA ALA A 98 34.55 -12.67 -26.65
C ALA A 98 34.56 -11.52 -25.65
N ARG A 99 33.37 -10.98 -25.35
CA ARG A 99 33.30 -9.87 -24.41
C ARG A 99 33.59 -10.32 -22.99
N LEU A 100 33.29 -11.58 -22.66
CA LEU A 100 33.61 -12.09 -21.32
C LEU A 100 35.12 -12.15 -21.12
N ASP A 101 35.88 -12.39 -22.19
CA ASP A 101 37.34 -12.34 -22.08
C ASP A 101 37.83 -10.92 -21.89
N THR A 102 37.21 -9.95 -22.58
CA THR A 102 37.57 -8.56 -22.38
C THR A 102 37.28 -8.11 -20.96
N ILE A 103 36.12 -8.50 -20.42
CA ILE A 103 35.78 -8.12 -19.05
C ILE A 103 36.75 -8.75 -18.07
N GLU A 104 37.09 -10.03 -18.28
CA GLU A 104 38.08 -10.68 -17.43
C GLU A 104 39.39 -9.89 -17.42
N GLY A 105 39.73 -9.25 -18.54
CA GLY A 105 40.94 -8.44 -18.58
C GLY A 105 40.83 -7.22 -17.69
N ARG A 106 39.74 -6.45 -17.85
CA ARG A 106 39.56 -5.26 -17.03
C ARG A 106 39.59 -5.61 -15.55
N ILE A 107 38.92 -6.70 -15.15
CA ILE A 107 38.86 -7.06 -13.74
C ILE A 107 40.25 -7.43 -13.23
N SER A 108 40.96 -8.29 -13.97
CA SER A 108 42.28 -8.72 -13.53
C SER A 108 43.20 -7.53 -13.29
N ARG A 109 43.23 -6.60 -14.24
CA ARG A 109 44.10 -5.42 -14.08
C ARG A 109 43.75 -4.65 -12.83
N ARG A 110 42.46 -4.59 -12.47
CA ARG A 110 42.02 -3.86 -11.29
C ARG A 110 41.94 -4.74 -10.05
N ILE A 111 41.98 -6.06 -10.20
CA ILE A 111 41.99 -6.95 -9.05
C ILE A 111 43.39 -7.20 -8.51
N LYS A 112 44.42 -6.90 -9.29
CA LYS A 112 45.79 -7.10 -8.82
C LYS A 112 46.12 -6.18 -7.66
N ASP A 113 45.73 -4.90 -7.76
CA ASP A 113 45.95 -3.92 -6.70
C ASP A 113 44.76 -3.81 -5.76
N ALA A 114 43.98 -4.89 -5.60
CA ALA A 114 42.79 -4.87 -4.75
C ALA A 114 42.59 -6.27 -4.17
N PRO A 115 43.32 -6.61 -3.11
CA PRO A 115 43.09 -7.90 -2.46
C PRO A 115 41.70 -8.02 -1.87
N GLU A 116 41.04 -6.91 -1.56
CA GLU A 116 39.66 -6.96 -1.08
C GLU A 116 38.76 -7.76 -2.01
N ALA A 117 39.10 -7.82 -3.31
CA ALA A 117 38.28 -8.54 -4.26
C ALA A 117 38.39 -10.06 -4.10
N GLY A 118 39.42 -10.54 -3.41
CA GLY A 118 39.63 -11.97 -3.30
C GLY A 118 40.31 -12.53 -4.54
N THR A 119 40.24 -13.84 -4.67
CA THR A 119 40.85 -14.55 -5.78
C THR A 119 39.83 -14.66 -6.91
N VAL A 120 40.01 -13.85 -7.95
CA VAL A 120 39.13 -13.94 -9.12
C VAL A 120 39.38 -15.26 -9.81
N ARG A 121 38.28 -15.92 -10.20
CA ARG A 121 38.36 -17.27 -10.75
C ARG A 121 37.28 -17.41 -11.82
N ARG A 122 37.68 -17.78 -13.02
CA ARG A 122 36.73 -17.94 -14.11
C ARG A 122 36.06 -19.31 -14.00
N LEU A 123 34.72 -19.29 -13.98
CA LEU A 123 33.93 -20.49 -13.80
C LEU A 123 33.45 -21.03 -15.14
N GLY A 124 33.24 -22.34 -15.20
CA GLY A 124 32.69 -22.97 -16.36
C GLY A 124 31.17 -22.98 -16.35
N ALA A 125 30.60 -23.37 -17.48
CA ALA A 125 29.15 -23.44 -17.58
C ALA A 125 28.57 -24.30 -16.47
N GLY A 126 27.47 -23.84 -15.87
CA GLY A 126 26.81 -24.55 -14.81
C GLY A 126 27.36 -24.29 -13.42
N GLU A 127 28.56 -23.72 -13.32
CA GLU A 127 29.13 -23.42 -12.00
C GLU A 127 28.52 -22.16 -11.40
N ALA A 128 28.18 -21.16 -12.22
CA ALA A 128 27.47 -20.00 -11.70
C ALA A 128 26.08 -20.36 -11.22
N LYS A 129 25.44 -21.34 -11.86
CA LYS A 129 24.13 -21.80 -11.41
C LYS A 129 24.22 -22.56 -10.09
N ARG A 130 25.40 -23.11 -9.77
CA ARG A 130 25.56 -23.78 -8.48
C ARG A 130 25.52 -22.80 -7.33
N LEU A 131 25.88 -21.54 -7.58
CA LEU A 131 25.84 -20.51 -6.57
C LEU A 131 24.57 -19.65 -6.62
N PHE A 132 23.98 -19.51 -7.80
CA PHE A 132 22.74 -18.75 -8.00
C PHE A 132 21.79 -19.66 -8.77
N PRO A 133 21.07 -20.53 -8.07
CA PRO A 133 20.32 -21.61 -8.73
C PRO A 133 19.47 -21.11 -9.90
N PRO A 134 18.70 -20.02 -9.73
CA PRO A 134 17.79 -19.64 -10.82
C PRO A 134 18.47 -19.28 -12.14
N LEU A 135 19.80 -19.16 -12.16
CA LEU A 135 20.49 -18.86 -13.41
C LEU A 135 20.40 -20.02 -14.39
N ARG A 136 20.70 -19.72 -15.65
CA ARG A 136 20.77 -20.76 -16.67
C ARG A 136 22.01 -21.61 -16.47
N ASP A 137 21.90 -22.90 -16.80
CA ASP A 137 23.02 -23.81 -16.62
C ASP A 137 24.11 -23.64 -17.68
N ASP A 138 23.86 -22.86 -18.73
CA ASP A 138 24.80 -22.71 -19.83
C ASP A 138 25.62 -21.44 -19.73
N LEU A 139 25.61 -20.77 -18.59
CA LEU A 139 26.25 -19.45 -18.46
C LEU A 139 27.65 -19.61 -17.86
N GLU A 140 28.65 -19.15 -18.59
CA GLU A 140 29.96 -18.92 -18.02
C GLU A 140 29.96 -17.62 -17.24
N ALA A 141 30.88 -17.50 -16.29
CA ALA A 141 30.90 -16.33 -15.42
C ALA A 141 32.29 -16.16 -14.84
N ILE A 142 32.49 -15.00 -14.21
CA ILE A 142 33.71 -14.65 -13.50
C ILE A 142 33.34 -14.43 -12.05
N HIS A 143 34.00 -15.15 -11.15
CA HIS A 143 33.67 -15.13 -9.72
C HIS A 143 34.58 -14.14 -9.01
N ILE A 144 33.97 -13.16 -8.34
CA ILE A 144 34.71 -12.18 -7.54
C ILE A 144 34.28 -12.35 -6.09
N PRO A 145 34.99 -13.13 -5.28
CA PRO A 145 34.53 -13.37 -3.90
C PRO A 145 34.34 -12.11 -3.09
N GLY A 146 34.97 -10.99 -3.48
CA GLY A 146 34.90 -9.77 -2.69
C GLY A 146 33.62 -8.97 -2.87
N GLY A 147 32.88 -9.24 -3.93
CA GLY A 147 31.63 -8.52 -4.16
C GLY A 147 30.67 -8.67 -3.00
N ALA A 148 30.08 -7.57 -2.55
CA ALA A 148 29.15 -7.58 -1.43
C ALA A 148 27.90 -6.80 -1.80
N ARG A 149 26.89 -6.90 -0.93
CA ARG A 149 25.66 -6.14 -1.07
C ARG A 149 25.27 -5.57 0.28
N VAL A 150 24.29 -4.67 0.28
CA VAL A 150 23.84 -3.99 1.49
C VAL A 150 22.47 -3.39 1.22
N ASP A 151 21.72 -3.15 2.29
CA ASP A 151 20.42 -2.47 2.20
C ASP A 151 20.68 -0.98 2.37
N GLY A 152 20.55 -0.23 1.27
CA GLY A 152 20.86 1.20 1.31
C GLY A 152 20.10 1.95 2.38
N ARG A 153 18.78 1.68 2.50
CA ARG A 153 17.98 2.41 3.47
C ARG A 153 18.38 2.10 4.89
N LEU A 154 18.63 0.83 5.21
CA LEU A 154 19.01 0.47 6.57
C LEU A 154 20.37 1.03 6.94
N LEU A 155 21.28 1.16 5.98
CA LEU A 155 22.59 1.73 6.28
C LEU A 155 22.47 3.20 6.64
N ALA A 156 21.86 4.00 5.76
CA ALA A 156 21.71 5.41 6.04
C ALA A 156 20.90 5.65 7.31
N ALA A 157 19.94 4.78 7.61
CA ALA A 157 19.16 4.92 8.82
C ALA A 157 20.04 4.71 10.06
N SER A 158 20.85 3.66 10.05
CA SER A 158 21.69 3.37 11.21
C SER A 158 22.70 4.49 11.47
N MET A 159 23.29 5.04 10.40
CA MET A 159 24.20 6.17 10.57
C MET A 159 23.52 7.32 11.27
N LEU A 160 22.32 7.70 10.81
CA LEU A 160 21.57 8.75 11.50
C LEU A 160 21.33 8.40 12.96
N ARG A 161 20.95 7.15 13.23
CA ARG A 161 20.71 6.75 14.62
C ARG A 161 21.95 6.96 15.47
N VAL A 162 23.12 6.57 14.96
CA VAL A 162 24.35 6.78 15.71
C VAL A 162 24.65 8.27 15.84
N ALA A 163 24.32 9.05 14.80
CA ALA A 163 24.58 10.48 14.85
C ALA A 163 23.71 11.17 15.90
N ILE A 164 22.43 10.83 15.94
CA ILE A 164 21.52 11.46 16.90
C ILE A 164 21.82 10.99 18.31
N SER A 165 22.23 9.74 18.48
CA SER A 165 22.72 9.29 19.78
C SER A 165 23.96 10.08 20.20
N SER A 166 24.59 10.78 19.27
CA SER A 166 25.78 11.58 19.54
C SER A 166 25.48 13.08 19.49
N GLY A 167 24.27 13.47 19.89
CA GLY A 167 23.93 14.86 20.05
C GLY A 167 23.36 15.56 18.82
N ALA A 168 23.07 14.82 17.76
CA ALA A 168 22.50 15.42 16.55
C ALA A 168 20.98 15.45 16.64
N THR A 169 20.37 16.20 15.72
CA THR A 169 18.93 16.36 15.66
C THR A 169 18.43 16.09 14.25
N LEU A 170 17.25 15.48 14.14
CA LEU A 170 16.66 15.15 12.87
C LEU A 170 15.22 15.66 12.85
N ARG A 171 14.84 16.29 11.74
CA ARG A 171 13.53 16.92 11.63
C ARG A 171 13.06 16.80 10.18
N ASN A 172 11.74 16.67 10.02
CA ASN A 172 11.11 16.62 8.70
C ASN A 172 10.64 18.02 8.35
N ASP A 173 11.28 18.65 7.38
CA ASP A 173 10.97 20.03 7.03
C ASP A 173 11.58 20.33 5.66
N TYR A 174 11.08 21.39 5.04
CA TYR A 174 11.57 21.86 3.75
C TYR A 174 12.17 23.24 3.96
N VAL A 175 13.47 23.36 3.68
CA VAL A 175 14.21 24.61 3.88
C VAL A 175 14.68 25.13 2.52
N SER A 176 15.12 26.39 2.52
CA SER A 176 15.57 27.04 1.30
C SER A 176 16.90 27.75 1.55
N LEU A 177 17.35 28.54 0.59
CA LEU A 177 18.63 29.23 0.68
C LEU A 177 18.51 30.61 0.04
N ARG A 178 19.21 31.59 0.63
CA ARG A 178 19.35 32.91 0.02
C ARG A 178 20.76 33.40 0.30
N LEU A 179 21.22 34.31 -0.56
CA LEU A 179 22.58 34.83 -0.52
C LEU A 179 22.56 36.21 0.14
N ASN A 180 23.18 36.31 1.32
CA ASN A 180 23.20 37.54 2.11
C ASN A 180 24.64 37.92 2.40
N ASP A 181 25.06 39.08 1.88
CA ASP A 181 26.39 39.64 2.16
C ASP A 181 27.49 38.62 1.87
N GLY A 182 27.34 37.88 0.77
CA GLY A 182 28.35 36.95 0.34
C GLY A 182 28.43 35.66 1.12
N ARG A 183 27.61 35.48 2.14
CA ARG A 183 27.57 34.25 2.92
C ARG A 183 26.24 33.55 2.72
N ALA A 184 26.25 32.23 2.92
CA ALA A 184 25.07 31.40 2.69
C ALA A 184 24.14 31.45 3.90
N GLU A 185 22.85 31.65 3.64
CA GLU A 185 21.81 31.61 4.67
C GLU A 185 20.83 30.50 4.34
N CYS A 186 20.32 29.84 5.39
CA CYS A 186 19.32 28.80 5.25
C CYS A 186 18.00 29.29 5.82
N LEU A 187 16.95 29.25 4.99
CA LEU A 187 15.64 29.77 5.36
C LEU A 187 14.76 28.61 5.83
N GLY A 188 14.31 28.69 7.09
CA GLY A 188 13.43 27.69 7.63
C GLY A 188 12.02 27.83 7.08
N SER A 189 11.11 27.05 7.67
CA SER A 189 9.73 27.06 7.22
C SER A 189 9.12 28.46 7.33
N ASP A 190 9.42 29.18 8.42
CA ASP A 190 8.86 30.51 8.61
C ASP A 190 9.43 31.52 7.63
N GLY A 191 10.54 31.21 6.97
CA GLY A 191 11.21 32.13 6.07
C GLY A 191 12.36 32.88 6.68
N ARG A 192 12.45 32.92 8.01
CA ARG A 192 13.58 33.57 8.67
C ARG A 192 14.79 32.64 8.67
N PRO A 193 16.00 33.20 8.58
CA PRO A 193 17.20 32.35 8.52
C PRO A 193 17.38 31.52 9.77
N ILE A 194 18.15 30.44 9.62
CA ILE A 194 18.46 29.51 10.70
C ILE A 194 19.93 29.69 11.05
N PRO A 195 20.27 30.13 12.26
CA PRO A 195 21.70 30.32 12.61
C PRO A 195 22.53 29.07 12.38
N ALA A 196 23.59 29.19 11.57
CA ALA A 196 24.45 28.06 11.26
C ALA A 196 25.80 28.58 10.79
N ASP A 197 26.87 28.06 11.39
CA ASP A 197 28.21 28.44 10.96
C ASP A 197 28.52 27.88 9.58
N GLU A 198 28.10 26.64 9.32
CA GLU A 198 28.40 25.95 8.07
C GLU A 198 27.15 25.21 7.61
N ILE A 199 26.93 25.21 6.30
CA ILE A 199 25.81 24.52 5.68
C ILE A 199 26.34 23.46 4.72
N ILE A 200 25.74 22.28 4.77
CA ILE A 200 26.03 21.20 3.83
C ILE A 200 24.74 20.87 3.10
N VAL A 201 24.80 20.87 1.77
CA VAL A 201 23.64 20.60 0.94
C VAL A 201 23.86 19.23 0.29
N THR A 202 23.17 18.23 0.83
CA THR A 202 23.16 16.87 0.29
C THR A 202 21.76 16.52 -0.22
N ALA A 203 21.14 17.47 -0.91
CA ALA A 203 19.76 17.37 -1.37
C ALA A 203 19.59 16.45 -2.56
N GLY A 204 20.64 15.74 -2.99
CA GLY A 204 20.48 14.82 -4.10
C GLY A 204 19.96 15.51 -5.33
N ALA A 205 18.97 14.89 -5.99
CA ALA A 205 18.47 15.40 -7.26
C ALA A 205 17.82 16.76 -7.10
N TRP A 206 17.24 17.05 -5.93
CA TRP A 206 16.58 18.32 -5.70
C TRP A 206 17.55 19.45 -5.37
N ALA A 207 18.85 19.16 -5.27
CA ALA A 207 19.80 20.17 -4.85
C ALA A 207 19.78 21.39 -5.77
N ALA A 208 19.72 21.16 -7.09
CA ALA A 208 19.75 22.27 -8.03
C ALA A 208 18.57 23.21 -7.82
N GLN A 209 17.47 22.74 -7.24
CA GLN A 209 16.29 23.59 -7.10
C GLN A 209 16.53 24.73 -6.12
N ILE A 210 17.24 24.45 -5.02
CA ILE A 210 17.43 25.47 -3.98
C ILE A 210 18.78 26.15 -4.14
N LEU A 211 19.75 25.46 -4.76
CA LEU A 211 21.05 26.09 -4.98
C LEU A 211 20.97 27.18 -6.04
N ALA A 212 20.04 27.05 -6.99
CA ALA A 212 19.87 28.08 -8.01
C ALA A 212 19.51 29.43 -7.40
N LEU A 213 18.99 29.45 -6.16
CA LEU A 213 18.67 30.70 -5.49
C LEU A 213 19.91 31.53 -5.20
N LEU A 214 21.10 30.92 -5.25
CA LEU A 214 22.35 31.61 -4.96
C LEU A 214 23.14 31.92 -6.22
N GLY A 215 22.50 31.89 -7.39
CA GLY A 215 23.18 32.14 -8.64
C GLY A 215 24.03 31.00 -9.14
N LEU A 216 23.95 29.83 -8.51
CA LEU A 216 24.73 28.67 -8.93
C LEU A 216 24.04 27.94 -10.08
N ARG A 217 24.84 27.20 -10.84
CA ARG A 217 24.34 26.34 -11.91
C ARG A 217 24.77 24.92 -11.56
N HIS A 218 23.94 24.24 -10.76
CA HIS A 218 24.21 22.89 -10.28
C HIS A 218 23.77 21.87 -11.33
N PRO A 219 24.71 21.22 -12.04
CA PRO A 219 24.33 20.31 -13.13
C PRO A 219 24.02 18.90 -12.66
N VAL A 220 23.02 18.77 -11.79
CA VAL A 220 22.56 17.47 -11.28
C VAL A 220 21.05 17.44 -11.42
N VAL A 221 20.55 16.54 -12.26
CA VAL A 221 19.12 16.40 -12.52
C VAL A 221 18.75 14.96 -12.21
N PRO A 222 17.47 14.69 -11.98
CA PRO A 222 17.05 13.34 -11.59
C PRO A 222 17.04 12.37 -12.77
N GLN A 223 17.45 11.13 -12.50
CA GLN A 223 17.33 10.02 -13.44
C GLN A 223 16.46 8.97 -12.79
N LYS A 224 15.20 8.89 -13.21
CA LYS A 224 14.27 7.93 -12.63
C LYS A 224 14.82 6.52 -12.76
N GLY A 225 14.51 5.69 -11.77
CA GLY A 225 14.89 4.29 -11.80
C GLY A 225 13.89 3.40 -11.10
N GLN A 226 13.39 2.38 -11.81
CA GLN A 226 12.45 1.42 -11.26
C GLN A 226 13.18 0.12 -10.95
N ILE A 227 12.97 -0.41 -9.76
CA ILE A 227 13.67 -1.60 -9.28
C ILE A 227 12.65 -2.56 -8.70
N ILE A 228 12.77 -3.84 -9.05
CA ILE A 228 11.78 -4.86 -8.69
C ILE A 228 12.32 -5.70 -7.54
N HIS A 229 11.44 -6.05 -6.62
CA HIS A 229 11.76 -6.90 -5.47
C HIS A 229 10.94 -8.17 -5.57
N LEU A 230 11.62 -9.32 -5.56
CA LEU A 230 11.00 -10.62 -5.68
C LEU A 230 11.10 -11.38 -4.36
N HIS A 231 10.29 -12.43 -4.24
CA HIS A 231 10.25 -13.25 -3.05
C HIS A 231 10.18 -14.72 -3.45
N LEU A 232 11.10 -15.52 -2.91
CA LEU A 232 11.19 -16.95 -3.18
C LEU A 232 10.72 -17.72 -1.96
N PRO A 233 9.41 -17.95 -1.78
CA PRO A 233 8.92 -18.53 -0.52
C PRO A 233 9.62 -19.81 -0.11
N GLY A 234 10.27 -19.78 1.05
CA GLY A 234 10.92 -20.97 1.58
C GLY A 234 12.25 -21.31 0.95
N VAL A 235 13.03 -20.30 0.54
CA VAL A 235 14.29 -20.50 -0.16
C VAL A 235 15.37 -19.75 0.61
N ALA A 236 16.44 -20.47 0.97
CA ALA A 236 17.57 -19.87 1.67
C ALA A 236 18.45 -19.13 0.68
N THR A 237 18.51 -17.80 0.80
CA THR A 237 19.28 -16.96 -0.10
C THR A 237 20.42 -16.22 0.58
N SER A 238 20.65 -16.45 1.87
CA SER A 238 21.68 -15.70 2.59
C SER A 238 23.06 -15.85 1.97
N GLY A 239 23.29 -16.92 1.21
CA GLY A 239 24.58 -17.19 0.61
C GLY A 239 24.66 -16.93 -0.88
N TRP A 240 23.62 -16.38 -1.47
CA TRP A 240 23.64 -16.17 -2.92
C TRP A 240 24.48 -14.94 -3.26
N PRO A 241 25.28 -15.00 -4.31
CA PRO A 241 26.14 -13.86 -4.66
C PRO A 241 25.38 -12.81 -5.45
N VAL A 242 26.10 -11.76 -5.81
CA VAL A 242 25.59 -10.74 -6.72
C VAL A 242 25.80 -11.20 -8.15
N VAL A 243 24.95 -10.73 -9.06
CA VAL A 243 25.03 -11.07 -10.47
C VAL A 243 25.13 -9.78 -11.27
N LEU A 244 26.10 -9.72 -12.18
CA LEU A 244 26.36 -8.53 -12.99
C LEU A 244 26.43 -8.95 -14.46
N PRO A 245 25.29 -8.98 -15.16
CA PRO A 245 25.29 -9.37 -16.57
C PRO A 245 25.93 -8.36 -17.50
N MET A 246 26.44 -7.23 -16.99
CA MET A 246 27.16 -6.26 -17.80
C MET A 246 26.32 -5.78 -18.97
N ASN A 247 25.04 -5.50 -18.70
CA ASN A 247 24.13 -4.98 -19.71
C ASN A 247 23.23 -3.89 -19.14
N SER A 248 23.74 -3.13 -18.17
CA SER A 248 23.02 -2.09 -17.45
C SER A 248 22.04 -2.68 -16.43
N TYR A 249 21.88 -4.00 -16.39
CA TYR A 249 20.99 -4.66 -15.43
C TYR A 249 21.82 -5.52 -14.50
N TYR A 250 21.15 -6.03 -13.47
CA TYR A 250 21.82 -6.77 -12.40
C TYR A 250 20.74 -7.38 -11.51
N MET A 251 21.18 -8.08 -10.46
CA MET A 251 20.26 -8.60 -9.47
C MET A 251 21.06 -9.16 -8.30
N LEU A 252 20.44 -9.14 -7.13
CA LEU A 252 21.09 -9.61 -5.91
C LEU A 252 20.02 -10.22 -5.01
N ALA A 253 20.47 -10.81 -3.91
CA ALA A 253 19.60 -11.51 -2.97
C ALA A 253 19.87 -11.05 -1.56
N PHE A 254 18.82 -11.08 -0.73
CA PHE A 254 18.92 -10.76 0.69
C PHE A 254 18.47 -11.98 1.50
N ASP A 255 18.64 -11.87 2.83
CA ASP A 255 18.49 -13.04 3.69
C ASP A 255 17.05 -13.56 3.69
N ASP A 256 16.06 -12.68 3.67
CA ASP A 256 14.68 -13.11 3.80
C ASP A 256 14.10 -13.54 2.48
N SER A 257 14.78 -14.48 1.80
CA SER A 257 14.24 -15.10 0.58
C SER A 257 13.85 -14.03 -0.45
N ARG A 258 14.57 -12.93 -0.48
CA ARG A 258 14.25 -11.79 -1.33
C ARG A 258 15.32 -11.63 -2.41
N VAL A 259 14.88 -11.38 -3.63
CA VAL A 259 15.76 -11.14 -4.77
C VAL A 259 15.34 -9.84 -5.43
N VAL A 260 16.31 -8.96 -5.66
CA VAL A 260 16.10 -7.67 -6.31
C VAL A 260 16.73 -7.72 -7.69
N VAL A 261 16.07 -7.08 -8.67
CA VAL A 261 16.49 -7.16 -10.06
C VAL A 261 16.82 -5.77 -10.58
N GLY A 262 17.76 -5.72 -11.53
CA GLY A 262 18.34 -4.50 -12.05
C GLY A 262 17.33 -3.42 -12.38
N ALA A 263 17.78 -2.17 -12.33
CA ALA A 263 16.88 -1.02 -12.43
C ALA A 263 16.91 -0.40 -13.81
N THR A 264 15.93 0.45 -14.07
CA THR A 264 15.86 1.23 -15.29
C THR A 264 16.72 2.48 -15.16
N ARG A 265 17.00 3.11 -16.31
CA ARG A 265 17.82 4.33 -16.36
C ARG A 265 17.13 5.29 -17.33
N GLU A 266 16.24 6.11 -16.80
CA GLU A 266 15.35 6.94 -17.59
C GLU A 266 15.83 8.38 -17.55
N ASP A 267 16.51 8.80 -18.62
CA ASP A 267 16.98 10.17 -18.73
C ASP A 267 15.81 11.10 -19.02
N GLY A 268 15.96 12.36 -18.62
CA GLY A 268 14.91 13.34 -18.83
C GLY A 268 13.58 12.93 -18.25
N SER A 269 13.58 12.09 -17.21
CA SER A 269 12.35 11.61 -16.62
C SER A 269 11.71 12.63 -15.70
N GLY A 270 12.47 13.61 -15.21
CA GLY A 270 11.92 14.50 -14.23
C GLY A 270 11.60 13.75 -12.94
N PHE A 271 10.83 14.41 -12.08
CA PHE A 271 10.40 13.82 -10.81
C PHE A 271 9.06 13.10 -10.98
N ASP A 272 9.09 12.09 -11.85
CA ASP A 272 7.89 11.32 -12.19
C ASP A 272 7.88 10.07 -11.30
N TYR A 273 7.17 10.18 -10.17
CA TYR A 273 7.13 9.11 -9.17
C TYR A 273 5.98 8.16 -9.48
N ARG A 274 6.14 7.44 -10.59
CA ARG A 274 5.17 6.47 -11.06
C ARG A 274 5.88 5.16 -11.42
N VAL A 275 5.16 4.06 -11.29
CA VAL A 275 5.63 2.75 -11.73
C VAL A 275 5.02 2.49 -13.10
N THR A 276 5.85 2.53 -14.14
CA THR A 276 5.35 2.42 -15.50
C THR A 276 5.35 0.98 -15.98
N ALA A 277 4.67 0.75 -17.11
CA ALA A 277 4.55 -0.60 -17.65
C ALA A 277 5.84 -1.04 -18.34
N ARG A 278 6.35 -0.21 -19.25
CA ARG A 278 7.56 -0.58 -19.99
C ARG A 278 8.76 -0.69 -19.05
N GLY A 279 8.88 0.24 -18.10
CA GLY A 279 9.97 0.16 -17.14
C GLY A 279 10.05 -1.19 -16.46
N GLN A 280 8.89 -1.75 -16.08
CA GLN A 280 8.88 -3.05 -15.43
C GLN A 280 9.12 -4.19 -16.43
N LEU A 281 8.59 -4.06 -17.64
CA LEU A 281 8.84 -5.08 -18.66
C LEU A 281 10.34 -5.24 -18.90
N GLU A 282 11.04 -4.12 -19.11
CA GLU A 282 12.47 -4.19 -19.39
C GLU A 282 13.22 -4.94 -18.29
N VAL A 283 12.89 -4.64 -17.03
CA VAL A 283 13.58 -5.30 -15.92
C VAL A 283 13.24 -6.77 -15.88
N LEU A 284 11.96 -7.12 -16.07
CA LEU A 284 11.56 -8.52 -16.03
C LEU A 284 12.24 -9.33 -17.13
N GLN A 285 12.35 -8.75 -18.33
CA GLN A 285 13.01 -9.46 -19.42
C GLN A 285 14.46 -9.75 -19.08
N ALA A 286 15.18 -8.74 -18.59
CA ALA A 286 16.59 -8.94 -18.25
C ALA A 286 16.75 -9.97 -17.14
N GLY A 287 15.94 -9.84 -16.08
CA GLY A 287 16.02 -10.77 -14.96
C GLY A 287 15.73 -12.20 -15.37
N LEU A 288 14.54 -12.44 -15.92
CA LEU A 288 14.17 -13.78 -16.35
C LEU A 288 14.98 -14.25 -17.55
N GLY A 289 15.57 -13.33 -18.32
CA GLY A 289 16.42 -13.73 -19.42
C GLY A 289 17.59 -14.57 -18.95
N ILE A 290 18.32 -14.09 -17.94
CA ILE A 290 19.48 -14.81 -17.42
C ILE A 290 19.13 -15.69 -16.23
N ALA A 291 17.92 -15.59 -15.68
CA ALA A 291 17.53 -16.34 -14.48
C ALA A 291 16.10 -16.82 -14.63
N PRO A 292 15.87 -17.83 -15.47
CA PRO A 292 14.51 -18.37 -15.61
C PRO A 292 13.94 -18.91 -14.31
N GLY A 293 14.77 -19.22 -13.32
CA GLY A 293 14.27 -19.73 -12.06
C GLY A 293 13.42 -18.74 -11.29
N LEU A 294 13.52 -17.45 -11.62
CA LEU A 294 12.70 -16.43 -10.98
C LEU A 294 11.32 -16.33 -11.59
N ALA A 295 10.98 -17.21 -12.55
CA ALA A 295 9.72 -17.07 -13.28
C ALA A 295 8.53 -17.12 -12.34
N ASP A 296 8.46 -18.12 -11.47
CA ASP A 296 7.35 -18.29 -10.55
C ASP A 296 7.66 -17.76 -9.16
N ALA A 297 8.50 -16.73 -9.07
CA ALA A 297 8.73 -16.04 -7.82
C ALA A 297 7.69 -14.93 -7.64
N THR A 298 7.39 -14.62 -6.39
CA THR A 298 6.41 -13.58 -6.10
C THR A 298 7.01 -12.21 -6.37
N HIS A 299 6.19 -11.31 -6.92
CA HIS A 299 6.54 -9.91 -7.09
C HIS A 299 5.87 -9.14 -5.96
N ILE A 300 6.66 -8.67 -5.00
CA ILE A 300 6.10 -8.06 -3.81
C ILE A 300 5.97 -6.54 -3.97
N GLU A 301 6.91 -5.89 -4.63
CA GLU A 301 6.82 -4.45 -4.84
C GLU A 301 7.78 -4.03 -5.94
N THR A 302 7.63 -2.78 -6.36
CA THR A 302 8.53 -2.15 -7.33
C THR A 302 8.78 -0.72 -6.88
N ARG A 303 10.01 -0.43 -6.47
CA ARG A 303 10.35 0.87 -5.94
C ARG A 303 10.77 1.82 -7.06
N VAL A 304 10.69 3.12 -6.76
CA VAL A 304 11.07 4.17 -7.69
C VAL A 304 12.02 5.12 -6.98
N GLY A 305 13.08 5.53 -7.67
CA GLY A 305 14.04 6.44 -7.11
C GLY A 305 14.65 7.34 -8.17
N PHE A 306 14.93 8.59 -7.81
CA PHE A 306 15.53 9.55 -8.73
C PHE A 306 17.01 9.69 -8.38
N ARG A 307 17.86 9.15 -9.24
CA ARG A 307 19.30 9.24 -9.00
C ARG A 307 19.76 10.68 -9.19
N PRO A 308 20.63 11.19 -8.31
CA PRO A 308 21.25 12.50 -8.58
C PRO A 308 22.30 12.39 -9.67
N ALA A 309 21.85 12.33 -10.92
CA ALA A 309 22.75 12.14 -12.05
C ALA A 309 23.31 13.48 -12.48
N GLY A 310 24.64 13.60 -12.50
CA GLY A 310 25.30 14.82 -12.88
C GLY A 310 25.72 14.80 -14.35
N SER A 311 26.08 15.98 -14.85
CA SER A 311 26.60 16.07 -16.21
C SER A 311 27.81 15.17 -16.38
N ALA A 312 28.80 15.31 -15.49
CA ALA A 312 29.95 14.42 -15.47
C ALA A 312 29.69 13.28 -14.49
N MET A 313 30.21 12.10 -14.84
CA MET A 313 30.03 10.94 -13.97
C MET A 313 30.74 11.10 -12.64
N ARG A 314 31.73 12.00 -12.55
CA ARG A 314 32.41 12.19 -11.27
C ARG A 314 31.54 13.03 -10.34
N PRO A 315 31.60 12.79 -9.03
CA PRO A 315 30.71 13.51 -8.11
C PRO A 315 31.10 14.98 -7.95
N ILE A 316 30.33 15.68 -7.11
CA ILE A 316 30.58 17.08 -6.78
C ILE A 316 30.73 17.15 -5.27
N LEU A 317 31.94 17.45 -4.81
CA LEU A 317 32.24 17.52 -3.38
C LEU A 317 33.20 18.67 -3.12
N GLY A 318 32.89 19.48 -2.12
CA GLY A 318 33.77 20.54 -1.68
C GLY A 318 33.03 21.85 -1.47
N ARG A 319 33.77 22.81 -0.92
CA ARG A 319 33.21 24.12 -0.66
C ARG A 319 32.90 24.85 -1.96
N VAL A 320 31.92 25.75 -1.89
CA VAL A 320 31.50 26.50 -3.06
C VAL A 320 32.43 27.69 -3.22
N PRO A 321 33.08 27.87 -4.37
CA PRO A 321 33.93 29.05 -4.55
C PRO A 321 33.14 30.35 -4.44
N GLN A 322 33.75 31.34 -3.81
CA GLN A 322 33.26 32.70 -3.65
C GLN A 322 32.06 32.79 -2.70
N ILE A 323 31.66 31.68 -2.06
CA ILE A 323 30.55 31.68 -1.12
C ILE A 323 31.05 31.01 0.16
N ALA A 324 30.96 31.74 1.27
CA ALA A 324 31.45 31.26 2.55
C ALA A 324 30.36 30.47 3.28
N GLY A 325 30.79 29.49 4.07
CA GLY A 325 29.87 28.73 4.87
C GLY A 325 28.94 27.83 4.10
N LEU A 326 29.37 27.32 2.95
CA LEU A 326 28.56 26.44 2.14
C LEU A 326 29.41 25.29 1.61
N THR A 327 28.84 24.09 1.66
CA THR A 327 29.50 22.89 1.17
C THR A 327 28.46 22.02 0.49
N ILE A 328 28.81 21.47 -0.67
CA ILE A 328 27.88 20.72 -1.50
C ILE A 328 28.40 19.31 -1.69
N GLY A 329 27.50 18.34 -1.57
CA GLY A 329 27.78 16.97 -1.94
C GLY A 329 26.64 16.40 -2.74
N ASN A 330 26.88 16.02 -3.99
CA ASN A 330 25.84 15.55 -4.88
C ASN A 330 26.50 14.93 -6.11
N GLY A 331 25.67 14.37 -6.99
CA GLY A 331 26.17 13.75 -8.19
C GLY A 331 26.56 12.30 -8.04
N LEU A 332 26.04 11.61 -7.01
CA LEU A 332 26.42 10.23 -6.78
C LEU A 332 25.86 9.28 -7.83
N GLY A 333 24.85 9.70 -8.58
CA GLY A 333 24.38 8.90 -9.71
C GLY A 333 23.96 7.51 -9.26
N ALA A 334 24.46 6.50 -9.98
CA ALA A 334 24.08 5.11 -9.77
C ALA A 334 25.10 4.34 -8.94
N SER A 335 25.98 5.04 -8.22
CA SER A 335 27.00 4.40 -7.40
C SER A 335 27.08 5.05 -6.03
N GLY A 336 25.98 5.65 -5.57
CA GLY A 336 26.02 6.39 -4.33
C GLY A 336 26.15 5.51 -3.10
N LEU A 337 25.50 4.34 -3.12
CA LEU A 337 25.60 3.45 -1.97
C LEU A 337 27.04 2.97 -1.78
N THR A 338 27.83 2.93 -2.86
CA THR A 338 29.24 2.60 -2.72
C THR A 338 30.06 3.82 -2.34
N VAL A 339 29.80 4.95 -3.00
CA VAL A 339 30.59 6.16 -2.76
C VAL A 339 30.09 6.94 -1.55
N GLY A 340 28.78 6.94 -1.32
CA GLY A 340 28.16 7.77 -0.32
C GLY A 340 28.84 7.74 1.03
N PRO A 341 28.89 6.56 1.66
CA PRO A 341 29.49 6.47 3.00
C PRO A 341 30.84 7.14 3.12
N PHE A 342 31.79 6.80 2.24
CA PHE A 342 33.11 7.43 2.32
C PHE A 342 33.03 8.89 1.90
N ALA A 343 32.22 9.22 0.90
CA ALA A 343 32.09 10.61 0.48
C ALA A 343 31.62 11.48 1.64
N GLY A 344 30.77 10.95 2.51
CA GLY A 344 30.38 11.70 3.70
C GLY A 344 31.57 11.99 4.60
N HIS A 345 32.43 11.00 4.80
CA HIS A 345 33.65 11.22 5.59
C HIS A 345 34.49 12.35 5.01
N LEU A 346 34.49 12.51 3.68
CA LEU A 346 35.21 13.61 3.07
C LEU A 346 34.55 14.95 3.39
N LEU A 347 33.23 15.03 3.22
CA LEU A 347 32.52 16.27 3.51
C LEU A 347 32.75 16.70 4.95
N ALA A 348 32.73 15.75 5.89
CA ALA A 348 33.00 16.08 7.29
C ALA A 348 34.32 16.81 7.44
N GLY A 349 35.39 16.23 6.90
CA GLY A 349 36.69 16.88 7.00
C GLY A 349 36.70 18.25 6.37
N VAL A 350 36.03 18.40 5.24
CA VAL A 350 36.01 19.69 4.54
C VAL A 350 35.47 20.79 5.44
N VAL A 351 34.24 20.60 5.93
CA VAL A 351 33.57 21.65 6.69
C VAL A 351 34.34 21.95 7.98
N MET A 352 35.05 20.97 8.53
CA MET A 352 35.79 21.18 9.77
C MET A 352 37.18 21.77 9.54
N GLY A 353 37.72 21.62 8.34
CA GLY A 353 39.05 22.13 8.03
C GLY A 353 40.15 21.11 8.07
N GLU A 354 39.84 19.85 8.38
CA GLU A 354 40.86 18.81 8.39
C GLU A 354 41.44 18.64 6.99
N PRO A 355 42.66 18.13 6.89
CA PRO A 355 43.25 17.88 5.57
C PRO A 355 42.49 16.79 4.82
N ALA A 356 42.47 16.92 3.50
CA ALA A 356 41.71 16.01 2.65
C ALA A 356 42.48 14.73 2.43
N GLU A 357 41.87 13.59 2.78
CA GLU A 357 42.49 12.30 2.48
C GLU A 357 42.72 12.14 0.98
N VAL A 358 41.88 12.76 0.16
CA VAL A 358 42.05 12.74 -1.29
C VAL A 358 41.92 14.17 -1.81
N PRO A 359 42.78 14.62 -2.71
CA PRO A 359 42.64 15.98 -3.25
C PRO A 359 41.28 16.17 -3.89
N LEU A 360 40.51 17.10 -3.34
CA LEU A 360 39.12 17.31 -3.73
C LEU A 360 38.97 18.38 -4.81
N GLU A 361 40.07 18.92 -5.33
CA GLU A 361 39.96 19.95 -6.36
C GLU A 361 39.23 19.42 -7.59
N ARG A 362 39.47 18.15 -7.94
CA ARG A 362 38.85 17.56 -9.11
C ARG A 362 37.34 17.36 -8.97
N TYR A 363 36.78 17.60 -7.78
CA TYR A 363 35.36 17.41 -7.54
C TYR A 363 34.65 18.68 -7.07
N SER A 364 35.37 19.78 -6.91
CA SER A 364 34.76 20.97 -6.33
C SER A 364 33.65 21.48 -7.23
N PRO A 365 32.56 22.02 -6.67
CA PRO A 365 31.52 22.62 -7.51
C PRO A 365 31.99 23.92 -8.13
N THR A 366 31.14 24.54 -8.96
CA THR A 366 31.44 25.81 -9.56
C THR A 366 30.89 26.95 -8.70
N GLY A 367 31.42 28.15 -8.93
CA GLY A 367 31.00 29.31 -8.18
C GLY A 367 29.80 30.00 -8.79
N PRO A 368 29.38 31.10 -8.19
CA PRO A 368 28.23 31.84 -8.74
C PRO A 368 28.56 32.44 -10.11
N GLU A 369 27.59 32.32 -11.01
CA GLU A 369 27.71 32.87 -12.37
C GLU A 369 27.05 34.25 -12.36
N ALA A 370 27.88 35.29 -12.27
CA ALA A 370 27.41 36.67 -12.20
C ALA A 370 26.30 36.95 -13.21
N MET B 1 6.84 -39.33 1.42
CA MET B 1 5.38 -39.55 1.64
C MET B 1 5.06 -39.54 3.12
N ARG B 2 6.00 -39.05 3.93
CA ARG B 2 5.87 -39.20 5.37
C ARG B 2 4.77 -38.29 5.94
N VAL B 3 4.94 -36.97 5.81
CA VAL B 3 4.10 -36.02 6.52
C VAL B 3 3.59 -34.96 5.55
N LEU B 4 2.36 -34.53 5.77
CA LEU B 4 1.74 -33.44 5.02
C LEU B 4 1.17 -32.45 6.03
N ILE B 5 1.61 -31.19 5.94
CA ILE B 5 1.21 -30.14 6.87
C ILE B 5 0.31 -29.17 6.12
N ILE B 6 -0.85 -28.86 6.72
CA ILE B 6 -1.81 -27.92 6.16
C ILE B 6 -1.73 -26.65 6.98
N GLY B 7 -1.19 -25.60 6.39
CA GLY B 7 -1.00 -24.34 7.09
C GLY B 7 0.41 -24.20 7.60
N ALA B 8 1.10 -23.14 7.19
CA ALA B 8 2.50 -22.95 7.53
C ALA B 8 2.73 -21.67 8.32
N GLY B 9 1.89 -21.43 9.34
CA GLY B 9 2.13 -20.35 10.26
C GLY B 9 3.28 -20.68 11.19
N ILE B 10 3.34 -20.00 12.35
CA ILE B 10 4.40 -20.31 13.31
C ILE B 10 4.29 -21.75 13.78
N LEU B 11 3.07 -22.29 13.86
CA LEU B 11 2.88 -23.64 14.38
C LEU B 11 3.18 -24.69 13.31
N GLY B 12 2.62 -24.51 12.11
CA GLY B 12 2.91 -25.43 11.03
C GLY B 12 4.35 -25.40 10.58
N ALA B 13 5.00 -24.23 10.73
CA ALA B 13 6.41 -24.13 10.33
C ALA B 13 7.31 -24.81 11.36
N SER B 14 7.01 -24.65 12.65
CA SER B 14 7.82 -25.29 13.68
C SER B 14 7.72 -26.81 13.58
N ALA B 15 6.53 -27.32 13.28
CA ALA B 15 6.37 -28.76 13.09
C ALA B 15 7.26 -29.26 11.96
N ALA B 16 7.23 -28.57 10.82
CA ALA B 16 8.07 -28.97 9.70
C ALA B 16 9.54 -28.89 10.07
N TYR B 17 9.95 -27.80 10.72
CA TYR B 17 11.35 -27.66 11.13
C TYR B 17 11.79 -28.85 11.97
N HIS B 18 10.98 -29.24 12.95
CA HIS B 18 11.36 -30.34 13.83
C HIS B 18 11.20 -31.69 13.16
N LEU B 19 10.30 -31.81 12.19
CA LEU B 19 10.13 -33.09 11.49
C LEU B 19 11.26 -33.32 10.49
N ALA B 20 11.69 -32.28 9.78
CA ALA B 20 12.77 -32.44 8.82
C ALA B 20 14.05 -32.94 9.49
N ARG B 21 14.28 -32.56 10.75
CA ARG B 21 15.46 -33.03 11.47
C ARG B 21 15.38 -34.52 11.78
N LEU B 22 14.18 -35.10 11.81
CA LEU B 22 14.00 -36.52 12.07
C LEU B 22 14.05 -37.36 10.80
N GLY B 23 14.42 -36.76 9.66
CA GLY B 23 14.57 -37.50 8.43
C GLY B 23 13.28 -37.78 7.68
N ALA B 24 12.15 -37.22 8.12
CA ALA B 24 10.88 -37.47 7.46
C ALA B 24 10.69 -36.52 6.28
N GLN B 25 10.04 -37.03 5.23
CA GLN B 25 9.72 -36.21 4.06
C GLN B 25 8.53 -35.32 4.41
N VAL B 26 8.75 -34.01 4.43
CA VAL B 26 7.73 -33.04 4.83
C VAL B 26 7.22 -32.32 3.59
N GLU B 27 5.90 -32.34 3.40
CA GLU B 27 5.23 -31.62 2.34
C GLU B 27 4.33 -30.57 2.98
N ILE B 28 4.63 -29.29 2.75
CA ILE B 28 3.92 -28.18 3.37
C ILE B 28 3.04 -27.54 2.32
N ILE B 29 1.80 -27.24 2.71
CA ILE B 29 0.84 -26.56 1.85
C ILE B 29 0.21 -25.43 2.67
N ASP B 30 0.34 -24.20 2.20
CA ASP B 30 -0.12 -23.03 2.93
C ASP B 30 -0.72 -22.03 1.95
N GLN B 31 -1.97 -21.62 2.23
CA GLN B 31 -2.67 -20.68 1.36
C GLN B 31 -2.27 -19.24 1.63
N ASN B 32 -1.89 -18.92 2.87
CA ASN B 32 -1.57 -17.57 3.28
C ASN B 32 -2.79 -16.65 3.13
N HIS B 33 -3.84 -16.99 3.85
CA HIS B 33 -5.05 -16.17 3.84
C HIS B 33 -4.72 -14.76 4.29
N PRO B 34 -5.37 -13.75 3.73
CA PRO B 34 -5.27 -12.40 4.31
C PRO B 34 -5.70 -12.42 5.77
N GLY B 35 -4.92 -11.77 6.62
CA GLY B 35 -5.14 -11.84 8.05
C GLY B 35 -4.46 -13.00 8.74
N LYS B 36 -3.54 -13.68 8.06
CA LYS B 36 -2.74 -14.72 8.70
C LYS B 36 -2.18 -14.21 10.01
N ALA B 37 -2.52 -14.90 11.10
CA ALA B 37 -2.19 -14.40 12.43
C ALA B 37 -0.71 -14.14 12.59
N THR B 38 0.13 -15.06 12.10
CA THR B 38 1.57 -14.96 12.33
C THR B 38 2.18 -13.75 11.62
N LEU B 39 1.57 -13.27 10.54
CA LEU B 39 2.07 -12.07 9.88
C LEU B 39 1.84 -10.82 10.71
N ALA B 40 0.85 -10.84 11.60
CA ALA B 40 0.53 -9.70 12.46
C ALA B 40 1.03 -9.87 13.89
N GLY B 41 1.58 -11.03 14.23
CA GLY B 41 2.06 -11.28 15.57
C GLY B 41 3.04 -10.24 16.06
N ALA B 42 2.68 -9.57 17.17
CA ALA B 42 3.53 -8.51 17.71
C ALA B 42 4.95 -9.01 17.94
N GLY B 43 5.09 -10.04 18.77
CA GLY B 43 6.41 -10.59 19.05
C GLY B 43 6.90 -10.40 20.46
N VAL B 44 6.02 -10.52 21.45
CA VAL B 44 6.41 -10.48 22.85
C VAL B 44 6.66 -11.89 23.35
N VAL B 45 7.80 -12.10 24.01
CA VAL B 45 8.16 -13.40 24.58
C VAL B 45 8.49 -13.14 26.05
N CYS B 46 7.49 -13.31 26.92
CA CYS B 46 7.66 -13.08 28.34
C CYS B 46 6.53 -13.74 29.11
N PRO B 47 6.61 -15.05 29.36
CA PRO B 47 5.48 -15.76 29.97
C PRO B 47 5.33 -15.51 31.46
N TRP B 48 6.45 -15.18 32.12
CA TRP B 48 6.44 -15.08 33.58
C TRP B 48 5.38 -14.12 34.10
N ALA B 49 4.92 -13.19 33.26
CA ALA B 49 3.94 -12.20 33.70
C ALA B 49 2.50 -12.57 33.37
N THR B 50 2.29 -13.55 32.50
CA THR B 50 0.93 -13.91 32.10
C THR B 50 0.05 -14.15 33.32
N GLU B 51 -1.17 -13.59 33.28
CA GLU B 51 -2.09 -13.72 34.39
C GLU B 51 -2.86 -15.04 34.36
N ALA B 52 -2.82 -15.78 33.25
CA ALA B 52 -3.48 -17.07 33.15
C ALA B 52 -2.72 -18.07 34.01
N ASP B 53 -3.22 -18.30 35.23
CA ASP B 53 -2.55 -19.16 36.20
C ASP B 53 -3.25 -20.51 36.25
N ASP B 54 -2.86 -21.37 35.31
CA ASP B 54 -3.30 -22.75 35.23
C ASP B 54 -2.08 -23.64 35.14
N PRO B 55 -2.26 -24.97 35.17
CA PRO B 55 -1.12 -25.87 34.93
C PRO B 55 -0.59 -25.79 33.51
N ASP B 56 -1.24 -25.04 32.63
CA ASP B 56 -0.66 -24.77 31.31
C ASP B 56 0.67 -24.05 31.43
N TRP B 57 0.87 -23.30 32.51
CA TRP B 57 2.16 -22.64 32.74
C TRP B 57 3.29 -23.65 32.76
N TYR B 58 3.17 -24.68 33.61
CA TYR B 58 4.24 -25.65 33.74
C TYR B 58 4.46 -26.44 32.45
N LEU B 59 3.43 -26.56 31.61
CA LEU B 59 3.48 -27.43 30.45
C LEU B 59 3.89 -26.72 29.17
N LEU B 60 3.32 -25.55 28.90
CA LEU B 60 3.53 -24.87 27.61
C LEU B 60 4.30 -23.56 27.75
N TYR B 61 3.81 -22.63 28.58
CA TYR B 61 4.44 -21.32 28.65
C TYR B 61 5.87 -21.42 29.16
N ALA B 62 6.05 -22.08 30.31
CA ALA B 62 7.38 -22.19 30.89
C ALA B 62 8.31 -22.99 29.98
N ARG B 63 7.87 -24.17 29.54
CA ARG B 63 8.71 -25.00 28.69
C ARG B 63 8.99 -24.33 27.36
N GLY B 64 8.00 -23.64 26.81
CA GLY B 64 8.18 -23.01 25.50
C GLY B 64 9.17 -21.87 25.54
N ALA B 65 9.05 -20.99 26.53
CA ALA B 65 9.97 -19.86 26.63
C ALA B 65 11.39 -20.29 26.97
N ARG B 66 11.55 -21.45 27.60
CA ARG B 66 12.89 -21.95 27.90
C ARG B 66 13.59 -22.48 26.66
N TYR B 67 12.83 -22.87 25.63
CA TYR B 67 13.40 -23.42 24.42
C TYR B 67 13.90 -22.36 23.45
N TYR B 68 13.40 -21.12 23.57
CA TYR B 68 13.82 -20.06 22.66
C TYR B 68 15.34 -19.92 22.64
N GLY B 69 15.99 -20.05 23.78
CA GLY B 69 17.44 -19.96 23.81
C GLY B 69 18.09 -20.96 22.88
N THR B 70 17.70 -22.23 22.98
CA THR B 70 18.27 -23.26 22.12
C THR B 70 17.91 -23.02 20.66
N LEU B 71 16.64 -22.68 20.40
CA LEU B 71 16.17 -22.60 19.02
C LEU B 71 16.90 -21.51 18.24
N ILE B 72 17.04 -20.32 18.85
CA ILE B 72 17.66 -19.21 18.14
C ILE B 72 19.08 -19.57 17.71
N GLU B 73 19.80 -20.30 18.56
CA GLU B 73 21.16 -20.68 18.22
C GLU B 73 21.18 -21.80 17.17
N GLU B 74 20.33 -22.80 17.33
CA GLU B 74 20.24 -23.85 16.31
C GLU B 74 19.95 -23.24 14.93
N LEU B 75 19.12 -22.19 14.89
CA LEU B 75 18.86 -21.51 13.63
C LEU B 75 20.05 -20.66 13.20
N ARG B 76 20.69 -19.97 14.15
CA ARG B 76 21.82 -19.12 13.81
C ARG B 76 22.94 -19.93 13.17
N GLY B 77 23.14 -21.16 13.63
CA GLY B 77 24.18 -22.01 13.08
C GLY B 77 23.79 -22.68 11.78
N GLN B 78 22.72 -22.20 11.15
CA GLN B 78 22.23 -22.77 9.89
C GLN B 78 22.08 -21.72 8.80
N GLY B 79 22.64 -20.52 8.99
CA GLY B 79 22.53 -19.46 8.01
C GLY B 79 21.38 -18.51 8.23
N GLU B 80 20.53 -18.76 9.22
CA GLU B 80 19.38 -17.91 9.51
C GLU B 80 19.77 -16.96 10.64
N THR B 81 20.07 -15.71 10.30
CA THR B 81 20.49 -14.72 11.27
C THR B 81 19.54 -13.53 11.38
N GLU B 82 18.42 -13.54 10.65
CA GLU B 82 17.45 -12.45 10.66
C GLU B 82 16.15 -13.00 11.23
N LEU B 83 16.02 -12.97 12.55
CA LEU B 83 14.80 -13.38 13.23
C LEU B 83 14.14 -12.24 14.01
N GLY B 84 14.78 -11.07 14.07
CA GLY B 84 14.25 -9.98 14.87
C GLY B 84 14.22 -10.27 16.34
N TYR B 85 14.94 -11.29 16.80
CA TYR B 85 14.93 -11.69 18.20
C TYR B 85 16.00 -10.93 18.98
N SER B 86 15.68 -10.63 20.24
CA SER B 86 16.64 -9.98 21.12
C SER B 86 16.17 -10.08 22.57
N ARG B 87 17.06 -10.52 23.46
CA ARG B 87 16.75 -10.64 24.89
C ARG B 87 16.93 -9.27 25.52
N VAL B 88 15.94 -8.39 25.27
CA VAL B 88 16.04 -6.99 25.67
C VAL B 88 15.44 -6.72 27.04
N GLY B 89 14.83 -7.72 27.67
CA GLY B 89 14.16 -7.52 28.94
C GLY B 89 12.74 -7.01 28.74
N ALA B 90 12.01 -6.96 29.86
CA ALA B 90 10.60 -6.56 29.83
C ALA B 90 10.27 -5.73 31.06
N LEU B 91 9.32 -4.81 30.88
CA LEU B 91 8.81 -3.97 31.95
C LEU B 91 7.32 -4.24 32.11
N VAL B 92 6.92 -4.58 33.33
CA VAL B 92 5.53 -4.88 33.65
C VAL B 92 5.00 -3.76 34.53
N LEU B 93 3.82 -3.25 34.18
CA LEU B 93 3.22 -2.09 34.82
C LEU B 93 1.86 -2.46 35.42
N ALA B 94 1.37 -1.57 36.29
CA ALA B 94 0.05 -1.70 36.88
C ALA B 94 -0.39 -0.33 37.36
N GLU B 95 -1.71 -0.13 37.43
CA GLU B 95 -2.23 1.19 37.74
C GLU B 95 -1.94 1.58 39.19
N ASP B 96 -2.16 0.65 40.13
CA ASP B 96 -1.98 0.94 41.55
C ASP B 96 -0.91 0.03 42.13
N ARG B 97 -0.23 0.52 43.16
CA ARG B 97 0.86 -0.25 43.77
C ARG B 97 0.36 -1.59 44.32
N ALA B 98 -0.92 -1.66 44.68
CA ALA B 98 -1.46 -2.90 45.23
C ALA B 98 -1.40 -4.03 44.20
N ARG B 99 -1.99 -3.80 43.02
CA ARG B 99 -1.97 -4.82 41.98
C ARG B 99 -0.55 -5.11 41.53
N LEU B 100 0.32 -4.11 41.53
CA LEU B 100 1.70 -4.33 41.12
C LEU B 100 2.44 -5.25 42.08
N ASP B 101 1.99 -5.34 43.34
CA ASP B 101 2.63 -6.25 44.29
C ASP B 101 2.24 -7.70 44.05
N THR B 102 0.95 -7.95 43.80
CA THR B 102 0.51 -9.32 43.55
C THR B 102 1.10 -9.87 42.26
N ILE B 103 1.39 -8.99 41.30
CA ILE B 103 2.02 -9.43 40.05
C ILE B 103 3.48 -9.79 40.30
N GLU B 104 4.20 -8.94 41.04
CA GLU B 104 5.57 -9.26 41.40
C GLU B 104 5.64 -10.61 42.10
N GLY B 105 4.68 -10.89 42.98
CA GLY B 105 4.64 -12.18 43.62
C GLY B 105 4.45 -13.31 42.63
N ARG B 106 3.43 -13.19 41.76
CA ARG B 106 3.18 -14.24 40.78
C ARG B 106 4.40 -14.50 39.92
N ILE B 107 5.15 -13.44 39.58
CA ILE B 107 6.38 -13.62 38.81
C ILE B 107 7.43 -14.32 39.66
N SER B 108 7.59 -13.89 40.92
CA SER B 108 8.60 -14.48 41.79
C SER B 108 8.39 -15.98 41.95
N ARG B 109 7.14 -16.39 42.18
CA ARG B 109 6.85 -17.81 42.34
C ARG B 109 7.18 -18.60 41.08
N ARG B 110 7.29 -17.95 39.93
CA ARG B 110 7.48 -18.64 38.66
C ARG B 110 8.89 -18.47 38.11
N ILE B 111 9.82 -17.93 38.89
CA ILE B 111 11.21 -17.83 38.45
C ILE B 111 11.99 -19.10 38.76
N LYS B 112 11.56 -19.88 39.75
CA LYS B 112 12.32 -21.06 40.17
C LYS B 112 12.54 -22.01 39.00
N ASP B 113 11.49 -22.27 38.22
CA ASP B 113 11.54 -23.24 37.13
C ASP B 113 11.80 -22.58 35.78
N ALA B 114 12.42 -21.41 35.77
CA ALA B 114 12.78 -20.73 34.53
C ALA B 114 13.85 -19.68 34.80
N PRO B 115 15.10 -20.09 35.04
CA PRO B 115 16.13 -19.10 35.40
C PRO B 115 16.45 -18.12 34.28
N GLU B 116 15.99 -18.36 33.06
CA GLU B 116 16.25 -17.41 31.97
C GLU B 116 15.68 -16.04 32.25
N ALA B 117 14.77 -15.93 33.21
CA ALA B 117 14.17 -14.64 33.54
C ALA B 117 15.19 -13.66 34.11
N GLY B 118 16.31 -14.15 34.62
CA GLY B 118 17.29 -13.28 35.25
C GLY B 118 16.86 -12.91 36.67
N THR B 119 17.36 -11.78 37.13
CA THR B 119 17.07 -11.28 38.48
C THR B 119 15.94 -10.27 38.37
N VAL B 120 14.72 -10.69 38.74
CA VAL B 120 13.58 -9.79 38.75
C VAL B 120 13.81 -8.70 39.79
N ARG B 121 13.35 -7.49 39.48
CA ARG B 121 13.67 -6.32 40.29
C ARG B 121 12.52 -5.32 40.24
N ARG B 122 12.31 -4.64 41.36
CA ARG B 122 11.26 -3.65 41.48
C ARG B 122 11.84 -2.27 41.18
N LEU B 123 11.27 -1.59 40.19
CA LEU B 123 11.72 -0.27 39.77
C LEU B 123 10.78 0.81 40.33
N GLY B 124 11.36 1.94 40.73
CA GLY B 124 10.59 3.07 41.18
C GLY B 124 10.23 4.01 40.05
N ALA B 125 9.37 4.98 40.38
CA ALA B 125 8.92 5.95 39.39
C ALA B 125 10.11 6.57 38.66
N GLY B 126 10.00 6.65 37.33
CA GLY B 126 11.02 7.25 36.51
C GLY B 126 12.11 6.31 36.04
N GLU B 127 12.27 5.16 36.67
CA GLU B 127 13.34 4.25 36.29
C GLU B 127 13.00 3.47 35.03
N ALA B 128 11.74 3.06 34.87
CA ALA B 128 11.32 2.44 33.63
C ALA B 128 11.45 3.40 32.45
N LYS B 129 11.21 4.69 32.69
CA LYS B 129 11.35 5.67 31.62
C LYS B 129 12.79 5.78 31.15
N ARG B 130 13.76 5.47 32.02
CA ARG B 130 15.15 5.49 31.60
C ARG B 130 15.49 4.33 30.68
N LEU B 131 14.69 3.26 30.69
CA LEU B 131 14.86 2.16 29.76
C LEU B 131 13.95 2.27 28.55
N PHE B 132 12.81 2.97 28.67
CA PHE B 132 11.88 3.17 27.58
C PHE B 132 11.47 4.65 27.59
N PRO B 133 12.27 5.51 26.96
CA PRO B 133 12.12 6.97 27.15
C PRO B 133 10.70 7.45 26.95
N PRO B 134 9.95 6.89 25.99
CA PRO B 134 8.57 7.38 25.78
C PRO B 134 7.64 7.19 26.96
N LEU B 135 7.99 6.38 27.95
CA LEU B 135 7.11 6.12 29.08
C LEU B 135 6.97 7.37 29.95
N ARG B 136 5.91 7.37 30.76
CA ARG B 136 5.72 8.42 31.76
C ARG B 136 6.71 8.23 32.91
N ASP B 137 7.09 9.36 33.51
CA ASP B 137 8.05 9.32 34.60
C ASP B 137 7.44 8.90 35.93
N ASP B 138 6.11 8.86 36.03
CA ASP B 138 5.43 8.50 37.27
C ASP B 138 5.01 7.03 37.31
N LEU B 139 5.65 6.18 36.51
CA LEU B 139 5.27 4.77 36.38
C LEU B 139 6.30 3.90 37.08
N GLU B 140 5.87 3.21 38.14
CA GLU B 140 6.65 2.12 38.70
C GLU B 140 6.46 0.88 37.85
N ALA B 141 7.44 -0.02 37.88
CA ALA B 141 7.40 -1.19 37.03
C ALA B 141 8.23 -2.30 37.65
N ILE B 142 8.08 -3.50 37.08
CA ILE B 142 8.87 -4.67 37.44
C ILE B 142 9.72 -5.03 36.23
N HIS B 143 11.03 -5.16 36.44
CA HIS B 143 11.95 -5.46 35.36
C HIS B 143 12.25 -6.95 35.35
N ILE B 144 12.07 -7.57 34.19
CA ILE B 144 12.37 -8.98 33.98
C ILE B 144 13.45 -9.08 32.90
N PRO B 145 14.72 -9.24 33.30
CA PRO B 145 15.80 -9.23 32.29
C PRO B 145 15.63 -10.26 31.20
N GLY B 146 14.88 -11.35 31.44
CA GLY B 146 14.79 -12.42 30.47
C GLY B 146 13.82 -12.18 29.33
N GLY B 147 12.87 -11.26 29.52
CA GLY B 147 11.88 -11.01 28.48
C GLY B 147 12.50 -10.59 27.17
N ALA B 148 12.03 -11.18 26.08
CA ALA B 148 12.58 -10.91 24.75
C ALA B 148 11.45 -10.59 23.78
N ARG B 149 11.84 -10.23 22.56
CA ARG B 149 10.93 -9.99 21.46
C ARG B 149 11.38 -10.78 20.25
N VAL B 150 10.56 -10.78 19.21
CA VAL B 150 10.87 -11.48 17.97
C VAL B 150 9.91 -11.01 16.89
N ASP B 151 10.34 -11.13 15.63
CA ASP B 151 9.44 -10.88 14.50
C ASP B 151 8.80 -12.21 14.13
N GLY B 152 7.52 -12.37 14.49
CA GLY B 152 6.85 -13.64 14.27
C GLY B 152 6.97 -14.14 12.85
N ARG B 153 6.85 -13.23 11.87
CA ARG B 153 6.95 -13.64 10.47
C ARG B 153 8.33 -14.18 10.14
N LEU B 154 9.38 -13.51 10.61
CA LEU B 154 10.73 -13.93 10.26
C LEU B 154 11.12 -15.23 10.94
N LEU B 155 10.62 -15.49 12.15
CA LEU B 155 10.94 -16.73 12.82
C LEU B 155 10.35 -17.93 12.09
N ALA B 156 9.06 -17.84 11.73
CA ALA B 156 8.44 -18.92 10.97
C ALA B 156 9.11 -19.08 9.60
N ALA B 157 9.43 -17.96 8.95
CA ALA B 157 10.07 -18.02 7.65
C ALA B 157 11.41 -18.75 7.72
N SER B 158 12.19 -18.45 8.75
CA SER B 158 13.52 -19.08 8.87
C SER B 158 13.38 -20.57 9.17
N MET B 159 12.43 -20.95 10.04
CA MET B 159 12.23 -22.37 10.31
C MET B 159 11.83 -23.12 9.04
N LEU B 160 10.94 -22.53 8.24
CA LEU B 160 10.62 -23.15 6.95
C LEU B 160 11.86 -23.25 6.06
N ARG B 161 12.68 -22.21 6.03
CA ARG B 161 13.86 -22.22 5.17
C ARG B 161 14.81 -23.35 5.56
N VAL B 162 14.97 -23.59 6.86
CA VAL B 162 15.84 -24.68 7.30
C VAL B 162 15.27 -26.02 6.89
N ALA B 163 13.94 -26.17 6.97
CA ALA B 163 13.31 -27.44 6.62
C ALA B 163 13.44 -27.72 5.14
N ILE B 164 13.17 -26.71 4.29
CA ILE B 164 13.26 -26.92 2.85
C ILE B 164 14.70 -27.13 2.41
N SER B 165 15.65 -26.50 3.12
CA SER B 165 17.05 -26.69 2.79
C SER B 165 17.49 -28.15 2.94
N SER B 166 16.72 -28.96 3.65
CA SER B 166 17.08 -30.35 3.96
C SER B 166 15.98 -31.30 3.52
N GLY B 167 15.46 -31.09 2.31
CA GLY B 167 14.57 -32.07 1.71
C GLY B 167 13.10 -31.89 2.01
N ALA B 168 12.64 -30.67 2.27
CA ALA B 168 11.22 -30.38 2.43
C ALA B 168 10.75 -29.51 1.29
N THR B 169 9.44 -29.48 1.09
CA THR B 169 8.84 -28.77 -0.04
C THR B 169 7.70 -27.89 0.47
N LEU B 170 7.52 -26.76 -0.20
CA LEU B 170 6.49 -25.80 0.15
C LEU B 170 5.85 -25.25 -1.13
N ARG B 171 4.52 -25.15 -1.11
CA ARG B 171 3.80 -24.57 -2.23
C ARG B 171 2.57 -23.85 -1.69
N ASN B 172 2.01 -22.98 -2.53
CA ASN B 172 0.87 -22.15 -2.16
C ASN B 172 -0.39 -22.74 -2.80
N ASP B 173 -1.29 -23.24 -1.97
CA ASP B 173 -2.49 -23.91 -2.46
C ASP B 173 -3.49 -24.03 -1.33
N TYR B 174 -4.73 -24.35 -1.70
CA TYR B 174 -5.82 -24.56 -0.75
C TYR B 174 -6.30 -25.99 -0.87
N VAL B 175 -6.22 -26.74 0.23
CA VAL B 175 -6.57 -28.15 0.24
C VAL B 175 -7.74 -28.37 1.19
N SER B 176 -8.39 -29.52 1.04
CA SER B 176 -9.54 -29.88 1.86
C SER B 176 -9.33 -31.24 2.49
N LEU B 177 -10.38 -31.80 3.09
CA LEU B 177 -10.29 -33.10 3.75
C LEU B 177 -11.50 -33.94 3.41
N ARG B 178 -11.30 -35.26 3.47
CA ARG B 178 -12.38 -36.23 3.29
C ARG B 178 -12.09 -37.42 4.20
N LEU B 179 -13.15 -38.07 4.67
CA LEU B 179 -13.04 -39.19 5.58
C LEU B 179 -13.17 -40.48 4.77
N ASN B 180 -12.08 -41.22 4.65
CA ASN B 180 -12.02 -42.44 3.85
C ASN B 180 -11.70 -43.62 4.77
N ASP B 181 -12.66 -44.55 4.89
CA ASP B 181 -12.45 -45.78 5.64
C ASP B 181 -11.94 -45.49 7.05
N GLY B 182 -12.47 -44.44 7.66
CA GLY B 182 -12.05 -44.02 8.98
C GLY B 182 -10.73 -43.28 9.03
N ARG B 183 -10.03 -43.17 7.91
CA ARG B 183 -8.76 -42.45 7.86
C ARG B 183 -8.95 -41.09 7.22
N ALA B 184 -8.04 -40.17 7.54
CA ALA B 184 -8.09 -38.82 6.99
C ALA B 184 -7.41 -38.78 5.62
N GLU B 185 -8.09 -38.17 4.65
CA GLU B 185 -7.57 -37.98 3.31
C GLU B 185 -7.48 -36.48 3.01
N CYS B 186 -6.42 -36.09 2.32
CA CYS B 186 -6.21 -34.72 1.90
C CYS B 186 -6.45 -34.61 0.40
N LEU B 187 -7.35 -33.71 0.01
CA LEU B 187 -7.75 -33.54 -1.39
C LEU B 187 -7.12 -32.26 -1.93
N GLY B 188 -6.35 -32.40 -3.01
CA GLY B 188 -5.69 -31.26 -3.61
C GLY B 188 -6.66 -30.37 -4.37
N SER B 189 -6.09 -29.34 -4.99
CA SER B 189 -6.88 -28.38 -5.75
C SER B 189 -7.73 -29.07 -6.80
N ASP B 190 -7.12 -30.01 -7.54
CA ASP B 190 -7.87 -30.76 -8.54
C ASP B 190 -8.99 -31.57 -7.90
N GLY B 191 -8.72 -32.17 -6.75
CA GLY B 191 -9.64 -33.08 -6.09
C GLY B 191 -9.06 -34.45 -5.84
N ARG B 192 -7.98 -34.82 -6.52
CA ARG B 192 -7.32 -36.10 -6.26
C ARG B 192 -6.68 -36.10 -4.88
N PRO B 193 -6.47 -37.28 -4.31
CA PRO B 193 -5.83 -37.34 -2.99
C PRO B 193 -4.34 -37.01 -3.08
N ILE B 194 -3.79 -36.63 -1.93
CA ILE B 194 -2.37 -36.30 -1.80
C ILE B 194 -1.73 -37.38 -0.93
N PRO B 195 -0.92 -38.28 -1.50
CA PRO B 195 -0.36 -39.38 -0.70
C PRO B 195 0.40 -38.85 0.51
N ALA B 196 0.07 -39.40 1.68
CA ALA B 196 0.71 -38.99 2.92
C ALA B 196 0.44 -40.04 3.98
N ASP B 197 1.49 -40.43 4.72
CA ASP B 197 1.32 -41.38 5.80
C ASP B 197 0.67 -40.73 7.01
N GLU B 198 1.02 -39.47 7.28
CA GLU B 198 0.49 -38.72 8.41
C GLU B 198 0.15 -37.31 7.95
N ILE B 199 -0.94 -36.76 8.48
CA ILE B 199 -1.40 -35.43 8.14
C ILE B 199 -1.42 -34.58 9.41
N ILE B 200 -0.98 -33.34 9.31
CA ILE B 200 -1.01 -32.37 10.40
C ILE B 200 -1.82 -31.17 9.93
N VAL B 201 -2.80 -30.77 10.74
CA VAL B 201 -3.67 -29.63 10.43
C VAL B 201 -3.31 -28.51 11.40
N THR B 202 -2.51 -27.56 10.91
CA THR B 202 -2.16 -26.37 11.68
C THR B 202 -2.71 -25.14 10.97
N ALA B 203 -3.96 -25.22 10.54
CA ALA B 203 -4.60 -24.21 9.70
C ALA B 203 -5.05 -22.97 10.47
N GLY B 204 -4.62 -22.81 11.71
CA GLY B 204 -4.99 -21.61 12.44
C GLY B 204 -6.49 -21.45 12.55
N ALA B 205 -6.95 -20.20 12.39
CA ALA B 205 -8.37 -19.91 12.58
C ALA B 205 -9.26 -20.63 11.58
N TRP B 206 -8.72 -20.95 10.40
CA TRP B 206 -9.52 -21.59 9.35
C TRP B 206 -9.62 -23.09 9.53
N ALA B 207 -9.03 -23.67 10.58
CA ALA B 207 -9.02 -25.13 10.72
C ALA B 207 -10.42 -25.70 10.81
N ALA B 208 -11.32 -25.03 11.54
CA ALA B 208 -12.66 -25.56 11.75
C ALA B 208 -13.43 -25.73 10.45
N GLN B 209 -12.99 -25.09 9.36
CA GLN B 209 -13.74 -25.13 8.13
C GLN B 209 -13.49 -26.40 7.33
N ILE B 210 -12.28 -26.97 7.41
CA ILE B 210 -11.97 -28.18 6.66
C ILE B 210 -12.12 -29.40 7.57
N LEU B 211 -11.90 -29.21 8.88
CA LEU B 211 -12.09 -30.32 9.81
C LEU B 211 -13.56 -30.69 9.94
N ALA B 212 -14.46 -29.72 9.76
CA ALA B 212 -15.89 -30.03 9.80
C ALA B 212 -16.27 -31.03 8.73
N LEU B 213 -15.50 -31.10 7.64
CA LEU B 213 -15.77 -32.09 6.60
C LEU B 213 -15.59 -33.51 7.10
N LEU B 214 -14.93 -33.70 8.24
CA LEU B 214 -14.73 -35.02 8.83
C LEU B 214 -15.69 -35.30 9.98
N GLY B 215 -16.72 -34.47 10.14
CA GLY B 215 -17.63 -34.61 11.26
C GLY B 215 -17.10 -34.11 12.58
N LEU B 216 -15.98 -33.39 12.58
CA LEU B 216 -15.40 -32.84 13.79
C LEU B 216 -16.01 -31.49 14.11
N ARG B 217 -16.05 -31.15 15.39
CA ARG B 217 -16.47 -29.84 15.87
C ARG B 217 -15.26 -29.20 16.52
N HIS B 218 -14.52 -28.43 15.73
CA HIS B 218 -13.30 -27.78 16.19
C HIS B 218 -13.67 -26.44 16.83
N PRO B 219 -13.52 -26.27 18.15
CA PRO B 219 -13.96 -25.03 18.81
C PRO B 219 -12.90 -23.93 18.78
N VAL B 220 -12.52 -23.53 17.56
CA VAL B 220 -11.55 -22.45 17.36
C VAL B 220 -12.12 -21.48 16.33
N VAL B 221 -12.34 -20.24 16.76
CA VAL B 221 -12.91 -19.21 15.89
C VAL B 221 -11.93 -18.05 15.87
N PRO B 222 -11.98 -17.23 14.83
CA PRO B 222 -11.03 -16.12 14.72
C PRO B 222 -11.37 -14.99 15.68
N GLN B 223 -10.33 -14.43 16.30
CA GLN B 223 -10.44 -13.24 17.14
C GLN B 223 -9.63 -12.14 16.46
N LYS B 224 -10.33 -11.23 15.79
CA LYS B 224 -9.65 -10.18 15.06
C LYS B 224 -8.80 -9.32 15.99
N GLY B 225 -7.66 -8.87 15.49
CA GLY B 225 -6.78 -7.99 16.24
C GLY B 225 -6.06 -7.01 15.34
N GLN B 226 -6.14 -5.72 15.67
CA GLN B 226 -5.48 -4.66 14.92
C GLN B 226 -4.30 -4.16 15.73
N ILE B 227 -3.13 -4.07 15.10
CA ILE B 227 -1.88 -3.76 15.77
C ILE B 227 -1.17 -2.67 14.97
N ILE B 228 -0.68 -1.65 15.68
CA ILE B 228 -0.14 -0.44 15.07
C ILE B 228 1.38 -0.46 15.13
N HIS B 229 2.01 -0.08 14.01
CA HIS B 229 3.46 0.06 13.93
C HIS B 229 3.80 1.53 13.79
N LEU B 230 4.79 2.00 14.56
CA LEU B 230 5.22 3.38 14.56
C LEU B 230 6.71 3.47 14.27
N HIS B 231 7.14 4.63 13.79
CA HIS B 231 8.53 4.86 13.41
C HIS B 231 9.04 6.13 14.08
N LEU B 232 10.18 6.01 14.77
CA LEU B 232 10.81 7.12 15.48
C LEU B 232 12.02 7.59 14.67
N PRO B 233 11.90 8.64 13.85
CA PRO B 233 13.01 8.99 12.94
C PRO B 233 14.32 9.19 13.66
N GLY B 234 15.30 8.38 13.32
CA GLY B 234 16.65 8.56 13.83
C GLY B 234 16.81 8.22 15.30
N VAL B 235 15.97 7.34 15.84
CA VAL B 235 15.96 7.02 17.26
C VAL B 235 16.44 5.57 17.42
N ALA B 236 17.49 5.39 18.21
CA ALA B 236 18.05 4.06 18.47
C ALA B 236 17.15 3.33 19.45
N THR B 237 16.42 2.33 18.95
CA THR B 237 15.50 1.54 19.77
C THR B 237 15.93 0.09 19.91
N SER B 238 17.13 -0.26 19.43
CA SER B 238 17.57 -1.66 19.49
C SER B 238 17.71 -2.16 20.91
N GLY B 239 17.92 -1.27 21.88
CA GLY B 239 18.09 -1.65 23.26
C GLY B 239 16.87 -1.51 24.13
N TRP B 240 15.76 -1.01 23.59
CA TRP B 240 14.57 -0.80 24.40
C TRP B 240 13.94 -2.14 24.76
N PRO B 241 13.42 -2.29 25.99
CA PRO B 241 12.75 -3.54 26.35
C PRO B 241 11.29 -3.57 25.90
N VAL B 242 10.56 -4.61 26.30
CA VAL B 242 9.14 -4.69 26.05
C VAL B 242 8.39 -4.10 27.23
N VAL B 243 7.14 -3.69 27.00
CA VAL B 243 6.31 -3.05 28.02
C VAL B 243 4.97 -3.80 28.07
N LEU B 244 4.57 -4.19 29.29
CA LEU B 244 3.35 -4.97 29.51
C LEU B 244 2.52 -4.30 30.59
N PRO B 245 1.58 -3.43 30.21
CA PRO B 245 0.73 -2.77 31.22
C PRO B 245 -0.31 -3.69 31.86
N MET B 246 -0.39 -4.95 31.46
CA MET B 246 -1.31 -5.90 32.09
C MET B 246 -2.75 -5.41 32.01
N ASN B 247 -3.14 -4.92 30.83
CA ASN B 247 -4.51 -4.47 30.61
C ASN B 247 -4.99 -4.85 29.22
N SER B 248 -4.52 -5.98 28.70
CA SER B 248 -4.82 -6.48 27.35
C SER B 248 -4.08 -5.70 26.27
N TYR B 249 -3.28 -4.69 26.63
CA TYR B 249 -2.46 -3.95 25.69
C TYR B 249 -0.99 -4.13 26.04
N TYR B 250 -0.12 -3.69 25.14
CA TYR B 250 1.32 -3.89 25.28
C TYR B 250 2.01 -3.12 24.17
N MET B 251 3.34 -3.08 24.23
CA MET B 251 4.12 -2.44 23.18
C MET B 251 5.58 -2.82 23.33
N LEU B 252 6.28 -2.90 22.20
CA LEU B 252 7.67 -3.29 22.13
C LEU B 252 8.37 -2.42 21.10
N ALA B 253 9.66 -2.68 20.90
CA ALA B 253 10.45 -1.90 19.97
C ALA B 253 11.41 -2.81 19.20
N PHE B 254 11.61 -2.50 17.93
CA PHE B 254 12.54 -3.22 17.07
C PHE B 254 13.70 -2.33 16.69
N ASP B 255 14.70 -2.94 16.04
CA ASP B 255 15.97 -2.26 15.82
C ASP B 255 15.85 -1.05 14.90
N ASP B 256 14.98 -1.13 13.90
CA ASP B 256 14.88 -0.08 12.88
C ASP B 256 13.96 1.05 13.33
N SER B 257 14.26 1.60 14.51
CA SER B 257 13.56 2.77 15.03
C SER B 257 12.04 2.57 14.99
N ARG B 258 11.60 1.34 15.26
CA ARG B 258 10.21 0.97 15.12
C ARG B 258 9.64 0.57 16.47
N VAL B 259 8.41 1.02 16.73
CA VAL B 259 7.69 0.71 17.96
C VAL B 259 6.31 0.19 17.60
N VAL B 260 5.95 -0.97 18.15
CA VAL B 260 4.67 -1.61 17.89
C VAL B 260 3.84 -1.56 19.17
N VAL B 261 2.53 -1.32 19.02
CA VAL B 261 1.63 -1.09 20.14
C VAL B 261 0.56 -2.18 20.15
N GLY B 262 0.17 -2.59 21.37
CA GLY B 262 -0.70 -3.72 21.59
C GLY B 262 -1.95 -3.75 20.74
N ALA B 263 -2.51 -4.94 20.56
CA ALA B 263 -3.59 -5.16 19.62
C ALA B 263 -4.94 -5.23 20.33
N THR B 264 -6.00 -5.18 19.53
CA THR B 264 -7.36 -5.30 20.02
C THR B 264 -7.77 -6.78 20.05
N ARG B 265 -8.77 -7.07 20.87
CA ARG B 265 -9.36 -8.41 20.98
C ARG B 265 -10.84 -8.27 20.63
N GLU B 266 -11.15 -8.44 19.35
CA GLU B 266 -12.51 -8.30 18.84
C GLU B 266 -13.11 -9.69 18.69
N ASP B 267 -13.93 -10.09 19.67
CA ASP B 267 -14.56 -11.40 19.64
C ASP B 267 -15.74 -11.39 18.68
N GLY B 268 -16.07 -12.58 18.17
CA GLY B 268 -17.16 -12.71 17.22
C GLY B 268 -17.00 -11.83 15.99
N SER B 269 -15.77 -11.50 15.63
CA SER B 269 -15.53 -10.62 14.49
C SER B 269 -15.60 -11.35 13.15
N GLY B 270 -15.31 -12.65 13.15
CA GLY B 270 -15.18 -13.35 11.89
C GLY B 270 -13.91 -12.93 11.16
N PHE B 271 -13.85 -13.28 9.88
CA PHE B 271 -12.69 -12.98 9.05
C PHE B 271 -12.90 -11.62 8.35
N ASP B 272 -12.89 -10.57 9.17
CA ASP B 272 -13.16 -9.21 8.71
C ASP B 272 -11.82 -8.49 8.54
N TYR B 273 -11.26 -8.56 7.34
CA TYR B 273 -9.94 -7.99 7.05
C TYR B 273 -10.11 -6.52 6.69
N ARG B 274 -10.31 -5.70 7.71
CA ARG B 274 -10.46 -4.27 7.55
C ARG B 274 -9.85 -3.57 8.76
N VAL B 275 -9.23 -2.42 8.51
CA VAL B 275 -8.70 -1.58 9.58
C VAL B 275 -9.79 -0.58 9.96
N THR B 276 -10.36 -0.75 11.15
CA THR B 276 -11.48 0.07 11.59
C THR B 276 -10.99 1.29 12.36
N ALA B 277 -11.90 2.22 12.61
CA ALA B 277 -11.56 3.45 13.32
C ALA B 277 -11.42 3.19 14.82
N ARG B 278 -12.47 2.63 15.44
CA ARG B 278 -12.42 2.38 16.88
C ARG B 278 -11.25 1.50 17.25
N GLY B 279 -11.01 0.43 16.48
CA GLY B 279 -9.89 -0.44 16.79
C GLY B 279 -8.58 0.31 16.93
N GLN B 280 -8.28 1.17 15.97
CA GLN B 280 -7.05 1.96 16.04
C GLN B 280 -7.12 2.96 17.19
N LEU B 281 -8.29 3.57 17.38
CA LEU B 281 -8.45 4.52 18.48
C LEU B 281 -8.14 3.86 19.82
N GLU B 282 -8.68 2.66 20.05
CA GLU B 282 -8.41 1.94 21.29
C GLU B 282 -6.91 1.80 21.52
N VAL B 283 -6.19 1.34 20.49
CA VAL B 283 -4.76 1.09 20.63
C VAL B 283 -4.01 2.39 20.84
N LEU B 284 -4.39 3.44 20.12
CA LEU B 284 -3.71 4.73 20.29
C LEU B 284 -3.90 5.29 21.69
N GLN B 285 -5.11 5.17 22.24
CA GLN B 285 -5.34 5.65 23.60
C GLN B 285 -4.50 4.86 24.61
N ALA B 286 -4.58 3.52 24.56
CA ALA B 286 -3.85 2.71 25.51
C ALA B 286 -2.35 2.95 25.41
N GLY B 287 -1.85 3.12 24.19
CA GLY B 287 -0.43 3.36 23.99
C GLY B 287 0.03 4.70 24.54
N LEU B 288 -0.48 5.79 23.94
CA LEU B 288 -0.06 7.13 24.38
C LEU B 288 -0.41 7.39 25.84
N GLY B 289 -1.38 6.67 26.39
CA GLY B 289 -1.71 6.87 27.79
C GLY B 289 -0.53 6.57 28.70
N ILE B 290 0.18 5.48 28.44
CA ILE B 290 1.35 5.13 29.24
C ILE B 290 2.65 5.68 28.66
N ALA B 291 2.68 5.96 27.36
CA ALA B 291 3.90 6.39 26.67
C ALA B 291 3.59 7.63 25.84
N PRO B 292 3.40 8.77 26.49
CA PRO B 292 3.13 10.01 25.74
C PRO B 292 4.25 10.39 24.79
N GLY B 293 5.46 9.87 24.97
CA GLY B 293 6.55 10.20 24.09
C GLY B 293 6.38 9.71 22.67
N LEU B 294 5.47 8.76 22.45
CA LEU B 294 5.17 8.28 21.11
C LEU B 294 4.20 9.18 20.36
N ALA B 295 3.82 10.32 20.95
CA ALA B 295 2.79 11.16 20.35
C ALA B 295 3.14 11.55 18.92
N ASP B 296 4.33 12.12 18.72
CA ASP B 296 4.74 12.62 17.41
C ASP B 296 5.52 11.59 16.60
N ALA B 297 5.36 10.31 16.90
CA ALA B 297 5.97 9.26 16.09
C ALA B 297 5.15 9.05 14.83
N THR B 298 5.82 8.58 13.78
CA THR B 298 5.13 8.33 12.52
C THR B 298 4.29 7.05 12.62
N HIS B 299 3.16 7.06 11.93
CA HIS B 299 2.28 5.89 11.83
C HIS B 299 2.54 5.25 10.47
N ILE B 300 3.28 4.15 10.47
CA ILE B 300 3.71 3.56 9.21
C ILE B 300 2.66 2.60 8.65
N GLU B 301 2.05 1.76 9.49
CA GLU B 301 1.01 0.86 9.02
C GLU B 301 0.24 0.30 10.20
N THR B 302 -0.84 -0.41 9.89
CA THR B 302 -1.65 -1.10 10.89
C THR B 302 -1.99 -2.48 10.34
N ARG B 303 -1.41 -3.52 10.93
CA ARG B 303 -1.62 -4.88 10.47
C ARG B 303 -2.87 -5.47 11.12
N VAL B 304 -3.49 -6.41 10.42
CA VAL B 304 -4.68 -7.11 10.91
C VAL B 304 -4.42 -8.60 10.85
N GLY B 305 -4.86 -9.30 11.89
CA GLY B 305 -4.68 -10.74 11.96
C GLY B 305 -5.75 -11.37 12.80
N PHE B 306 -6.08 -12.62 12.49
CA PHE B 306 -7.14 -13.36 13.17
C PHE B 306 -6.50 -14.42 14.06
N ARG B 307 -6.61 -14.25 15.37
CA ARG B 307 -6.01 -15.20 16.28
C ARG B 307 -6.80 -16.51 16.25
N PRO B 308 -6.12 -17.66 16.35
CA PRO B 308 -6.86 -18.93 16.54
C PRO B 308 -7.34 -19.07 17.99
N ALA B 309 -8.41 -18.36 18.30
CA ALA B 309 -8.96 -18.35 19.65
C ALA B 309 -9.82 -19.58 19.87
N GLY B 310 -9.42 -20.42 20.83
CA GLY B 310 -10.21 -21.59 21.17
C GLY B 310 -11.22 -21.31 22.27
N SER B 311 -12.14 -22.26 22.44
CA SER B 311 -13.13 -22.14 23.51
C SER B 311 -12.45 -21.92 24.85
N ALA B 312 -11.44 -22.73 25.15
CA ALA B 312 -10.61 -22.55 26.32
C ALA B 312 -9.36 -21.77 25.96
N MET B 313 -8.85 -21.00 26.93
CA MET B 313 -7.62 -20.25 26.70
C MET B 313 -6.45 -21.17 26.41
N ARG B 314 -6.57 -22.49 26.70
CA ARG B 314 -5.50 -23.43 26.41
C ARG B 314 -5.66 -24.00 24.99
N PRO B 315 -4.56 -24.43 24.37
CA PRO B 315 -4.60 -24.82 22.96
C PRO B 315 -5.18 -26.22 22.78
N ILE B 316 -5.17 -26.68 21.53
CA ILE B 316 -5.64 -28.00 21.14
C ILE B 316 -4.49 -28.68 20.41
N LEU B 317 -3.86 -29.65 21.08
CA LEU B 317 -2.71 -30.35 20.52
C LEU B 317 -2.88 -31.85 20.74
N GLY B 318 -2.56 -32.62 19.71
CA GLY B 318 -2.55 -34.07 19.82
C GLY B 318 -3.30 -34.73 18.67
N ARG B 319 -3.22 -36.05 18.67
CA ARG B 319 -3.86 -36.86 17.64
C ARG B 319 -5.37 -36.88 17.84
N VAL B 320 -6.10 -37.11 16.75
CA VAL B 320 -7.55 -37.06 16.77
C VAL B 320 -8.11 -38.42 17.18
N PRO B 321 -9.00 -38.49 18.17
CA PRO B 321 -9.61 -39.79 18.50
C PRO B 321 -10.52 -40.28 17.38
N GLN B 322 -10.43 -41.59 17.12
CA GLN B 322 -11.27 -42.34 16.19
C GLN B 322 -10.87 -42.11 14.73
N ILE B 323 -9.93 -41.21 14.43
CA ILE B 323 -9.51 -40.94 13.07
C ILE B 323 -8.01 -41.22 12.98
N ALA B 324 -7.63 -42.09 12.05
CA ALA B 324 -6.24 -42.50 11.90
C ALA B 324 -5.49 -41.53 11.00
N GLY B 325 -4.21 -41.32 11.32
CA GLY B 325 -3.37 -40.48 10.50
C GLY B 325 -3.77 -39.02 10.45
N LEU B 326 -4.30 -38.49 11.55
CA LEU B 326 -4.70 -37.09 11.61
C LEU B 326 -4.27 -36.50 12.94
N THR B 327 -3.47 -35.44 12.88
CA THR B 327 -3.09 -34.66 14.05
C THR B 327 -3.37 -33.20 13.76
N ILE B 328 -3.74 -32.46 14.80
CA ILE B 328 -4.09 -31.05 14.66
C ILE B 328 -3.38 -30.24 15.74
N GLY B 329 -2.93 -29.04 15.36
CA GLY B 329 -2.41 -28.08 16.31
C GLY B 329 -3.06 -26.74 16.07
N ASN B 330 -3.69 -26.19 17.11
CA ASN B 330 -4.44 -24.94 16.97
C ASN B 330 -4.76 -24.43 18.37
N GLY B 331 -5.46 -23.31 18.43
CA GLY B 331 -5.87 -22.74 19.70
C GLY B 331 -4.81 -21.92 20.40
N LEU B 332 -3.76 -21.52 19.68
CA LEU B 332 -2.68 -20.76 20.31
C LEU B 332 -3.14 -19.40 20.81
N GLY B 333 -4.29 -18.93 20.36
CA GLY B 333 -4.84 -17.69 20.89
C GLY B 333 -3.86 -16.54 20.73
N ALA B 334 -3.57 -15.87 21.85
CA ALA B 334 -2.74 -14.68 21.85
C ALA B 334 -1.31 -14.97 22.33
N SER B 335 -0.97 -16.22 22.59
CA SER B 335 0.37 -16.59 23.06
C SER B 335 1.05 -17.56 22.10
N GLY B 336 0.76 -17.43 20.80
CA GLY B 336 1.26 -18.39 19.84
C GLY B 336 2.72 -18.22 19.49
N LEU B 337 3.22 -16.98 19.47
CA LEU B 337 4.63 -16.76 19.17
C LEU B 337 5.52 -17.31 20.28
N THR B 338 5.00 -17.38 21.51
CA THR B 338 5.77 -17.92 22.63
C THR B 338 5.64 -19.44 22.75
N VAL B 339 4.43 -19.96 22.57
CA VAL B 339 4.21 -21.40 22.68
C VAL B 339 4.36 -22.13 21.35
N GLY B 340 4.21 -21.43 20.23
CA GLY B 340 4.21 -22.06 18.92
C GLY B 340 5.42 -22.95 18.67
N PRO B 341 6.61 -22.39 18.78
CA PRO B 341 7.82 -23.18 18.47
C PRO B 341 7.90 -24.49 19.24
N PHE B 342 7.65 -24.46 20.55
CA PHE B 342 7.69 -25.67 21.34
C PHE B 342 6.53 -26.59 21.01
N ALA B 343 5.33 -26.04 20.89
CA ALA B 343 4.18 -26.83 20.47
C ALA B 343 4.48 -27.59 19.18
N GLY B 344 5.23 -26.97 18.26
CA GLY B 344 5.62 -27.66 17.05
C GLY B 344 6.53 -28.84 17.32
N HIS B 345 7.38 -28.74 18.34
CA HIS B 345 8.20 -29.88 18.73
C HIS B 345 7.34 -31.02 19.26
N LEU B 346 6.27 -30.68 19.99
CA LEU B 346 5.36 -31.71 20.48
C LEU B 346 4.70 -32.46 19.33
N LEU B 347 4.13 -31.72 18.38
CA LEU B 347 3.51 -32.36 17.22
C LEU B 347 4.50 -33.23 16.47
N ALA B 348 5.78 -32.83 16.45
CA ALA B 348 6.79 -33.65 15.80
C ALA B 348 6.90 -35.02 16.47
N GLY B 349 6.86 -35.05 17.80
CA GLY B 349 6.92 -36.32 18.50
C GLY B 349 5.65 -37.14 18.37
N VAL B 350 4.50 -36.47 18.19
CA VAL B 350 3.24 -37.19 18.07
C VAL B 350 3.20 -38.00 16.79
N VAL B 351 3.36 -37.33 15.64
CA VAL B 351 3.25 -38.03 14.36
C VAL B 351 4.32 -39.09 14.22
N MET B 352 5.46 -38.92 14.87
CA MET B 352 6.56 -39.89 14.77
C MET B 352 6.47 -40.99 15.81
N GLY B 353 5.78 -40.76 16.93
CA GLY B 353 5.65 -41.75 17.98
C GLY B 353 6.61 -41.59 19.14
N GLU B 354 7.40 -40.53 19.16
CA GLU B 354 8.31 -40.30 20.27
C GLU B 354 7.53 -40.25 21.59
N PRO B 355 8.19 -40.48 22.72
CA PRO B 355 7.49 -40.41 24.00
C PRO B 355 7.10 -38.97 24.32
N ALA B 356 5.88 -38.81 24.83
CA ALA B 356 5.35 -37.49 25.11
C ALA B 356 6.13 -36.82 26.23
N GLU B 357 6.79 -35.70 25.92
CA GLU B 357 7.49 -34.94 26.94
C GLU B 357 6.52 -34.37 27.97
N VAL B 358 5.27 -34.15 27.58
CA VAL B 358 4.24 -33.61 28.47
C VAL B 358 2.95 -34.37 28.26
N PRO B 359 2.05 -34.33 29.24
CA PRO B 359 0.72 -34.93 29.04
C PRO B 359 -0.14 -34.09 28.10
N LEU B 360 -0.41 -34.62 26.91
CA LEU B 360 -1.25 -33.94 25.93
C LEU B 360 -2.74 -34.17 26.15
N GLU B 361 -3.13 -34.97 27.15
CA GLU B 361 -4.54 -35.26 27.35
C GLU B 361 -5.31 -34.00 27.68
N ARG B 362 -4.68 -33.06 28.39
CA ARG B 362 -5.31 -31.79 28.70
C ARG B 362 -5.62 -30.99 27.44
N TYR B 363 -4.96 -31.29 26.33
CA TYR B 363 -5.13 -30.55 25.08
C TYR B 363 -5.63 -31.41 23.93
N SER B 364 -5.92 -32.69 24.18
CA SER B 364 -6.34 -33.57 23.09
C SER B 364 -7.63 -33.05 22.45
N PRO B 365 -7.80 -33.24 21.16
CA PRO B 365 -8.99 -32.74 20.47
C PRO B 365 -10.19 -33.66 20.69
N THR B 366 -11.32 -33.24 20.14
CA THR B 366 -12.56 -34.00 20.22
C THR B 366 -12.72 -34.88 18.99
N GLY B 367 -13.45 -35.98 19.16
CA GLY B 367 -13.67 -36.92 18.08
C GLY B 367 -14.95 -36.63 17.33
N PRO B 368 -15.20 -37.42 16.27
CA PRO B 368 -16.44 -37.24 15.51
C PRO B 368 -17.66 -37.38 16.40
N GLU B 369 -18.60 -36.44 16.25
CA GLU B 369 -19.81 -36.48 17.07
C GLU B 369 -20.75 -37.60 16.62
N ALA B 370 -20.82 -37.83 15.31
CA ALA B 370 -21.67 -38.89 14.76
C ALA B 370 -23.10 -38.74 15.25
N ARG C 2 -36.13 -21.43 2.54
CA ARG C 2 -36.37 -21.88 1.16
C ARG C 2 -35.07 -22.28 0.47
N VAL C 3 -34.39 -21.31 -0.13
CA VAL C 3 -33.24 -21.58 -0.99
C VAL C 3 -31.96 -21.21 -0.27
N LEU C 4 -30.93 -22.05 -0.43
CA LEU C 4 -29.61 -21.83 0.15
C LEU C 4 -28.58 -21.87 -0.96
N ILE C 5 -27.87 -20.76 -1.16
CA ILE C 5 -26.87 -20.62 -2.22
C ILE C 5 -25.50 -20.64 -1.57
N ILE C 6 -24.60 -21.47 -2.10
CA ILE C 6 -23.26 -21.63 -1.58
C ILE C 6 -22.30 -21.05 -2.60
N GLY C 7 -21.70 -19.91 -2.27
CA GLY C 7 -20.82 -19.20 -3.18
C GLY C 7 -21.51 -18.00 -3.79
N ALA C 8 -20.93 -16.81 -3.62
CA ALA C 8 -21.58 -15.59 -4.05
C ALA C 8 -20.75 -14.83 -5.08
N GLY C 9 -20.21 -15.55 -6.07
CA GLY C 9 -19.59 -14.91 -7.21
C GLY C 9 -20.64 -14.34 -8.13
N ILE C 10 -20.26 -14.15 -9.40
CA ILE C 10 -21.20 -13.65 -10.38
C ILE C 10 -22.37 -14.62 -10.55
N LEU C 11 -22.08 -15.91 -10.49
CA LEU C 11 -23.14 -16.91 -10.71
C LEU C 11 -24.04 -17.04 -9.50
N GLY C 12 -23.46 -17.26 -8.32
CA GLY C 12 -24.27 -17.32 -7.12
C GLY C 12 -25.05 -16.05 -6.85
N ALA C 13 -24.48 -14.90 -7.24
CA ALA C 13 -25.17 -13.63 -7.03
C ALA C 13 -26.38 -13.50 -7.94
N SER C 14 -26.21 -13.82 -9.23
CA SER C 14 -27.32 -13.73 -10.16
C SER C 14 -28.48 -14.62 -9.72
N ALA C 15 -28.18 -15.84 -9.27
CA ALA C 15 -29.24 -16.74 -8.81
C ALA C 15 -30.02 -16.12 -7.66
N ALA C 16 -29.32 -15.52 -6.69
CA ALA C 16 -30.00 -14.82 -5.62
C ALA C 16 -30.81 -13.65 -6.14
N TYR C 17 -30.21 -12.86 -7.04
CA TYR C 17 -30.92 -11.71 -7.62
C TYR C 17 -32.23 -12.14 -8.23
N HIS C 18 -32.21 -13.19 -9.07
CA HIS C 18 -33.42 -13.60 -9.77
C HIS C 18 -34.43 -14.25 -8.82
N LEU C 19 -33.94 -15.02 -7.85
CA LEU C 19 -34.85 -15.75 -6.95
C LEU C 19 -35.49 -14.81 -5.92
N ALA C 20 -34.71 -13.88 -5.37
CA ALA C 20 -35.26 -12.98 -4.36
C ALA C 20 -36.41 -12.15 -4.92
N ARG C 21 -36.31 -11.74 -6.19
CA ARG C 21 -37.37 -10.96 -6.79
C ARG C 21 -38.68 -11.73 -6.87
N LEU C 22 -38.63 -13.06 -6.81
CA LEU C 22 -39.83 -13.89 -6.91
C LEU C 22 -40.36 -14.31 -5.54
N GLY C 23 -39.79 -13.79 -4.46
CA GLY C 23 -40.35 -13.97 -3.14
C GLY C 23 -39.84 -15.18 -2.37
N ALA C 24 -38.89 -15.92 -2.90
CA ALA C 24 -38.33 -17.06 -2.18
C ALA C 24 -37.36 -16.58 -1.11
N GLN C 25 -37.40 -17.24 0.05
CA GLN C 25 -36.51 -16.91 1.16
C GLN C 25 -35.10 -17.40 0.81
N VAL C 26 -34.23 -16.48 0.43
CA VAL C 26 -32.89 -16.80 -0.03
C VAL C 26 -31.90 -16.53 1.10
N GLU C 27 -31.07 -17.53 1.39
CA GLU C 27 -29.97 -17.40 2.35
C GLU C 27 -28.67 -17.68 1.62
N ILE C 28 -27.77 -16.69 1.59
CA ILE C 28 -26.52 -16.77 0.85
C ILE C 28 -25.37 -16.89 1.83
N ILE C 29 -24.44 -17.80 1.53
CA ILE C 29 -23.25 -18.01 2.34
C ILE C 29 -22.05 -18.03 1.39
N ASP C 30 -21.09 -17.14 1.64
CA ASP C 30 -19.93 -16.98 0.77
C ASP C 30 -18.67 -16.88 1.61
N GLN C 31 -17.69 -17.73 1.29
CA GLN C 31 -16.45 -17.79 2.06
C GLN C 31 -15.44 -16.74 1.63
N ASN C 32 -15.56 -16.21 0.41
CA ASN C 32 -14.61 -15.24 -0.13
C ASN C 32 -13.18 -15.78 -0.08
N HIS C 33 -12.98 -16.91 -0.75
CA HIS C 33 -11.66 -17.49 -0.85
C HIS C 33 -10.71 -16.48 -1.50
N PRO C 34 -9.41 -16.57 -1.22
CA PRO C 34 -8.45 -15.79 -2.01
C PRO C 34 -8.52 -16.18 -3.48
N GLY C 35 -8.50 -15.17 -4.35
CA GLY C 35 -8.58 -15.43 -5.77
C GLY C 35 -9.99 -15.61 -6.30
N LYS C 36 -10.99 -15.14 -5.58
CA LYS C 36 -12.36 -15.19 -6.08
C LYS C 36 -12.43 -14.70 -7.51
N ALA C 37 -12.87 -15.57 -8.41
CA ALA C 37 -12.79 -15.31 -9.84
C ALA C 37 -13.48 -13.98 -10.19
N THR C 38 -14.73 -13.81 -9.75
CA THR C 38 -15.49 -12.62 -10.13
C THR C 38 -14.76 -11.34 -9.79
N LEU C 39 -13.94 -11.34 -8.73
CA LEU C 39 -13.21 -10.14 -8.36
C LEU C 39 -12.07 -9.83 -9.31
N ALA C 40 -11.54 -10.83 -10.01
CA ALA C 40 -10.41 -10.65 -10.92
C ALA C 40 -10.82 -10.61 -12.38
N GLY C 41 -12.09 -10.83 -12.68
CA GLY C 41 -12.53 -10.87 -14.07
C GLY C 41 -12.29 -9.57 -14.82
N ALA C 42 -11.74 -9.67 -16.02
CA ALA C 42 -11.48 -8.49 -16.84
C ALA C 42 -12.78 -7.78 -17.18
N GLY C 43 -13.70 -8.47 -17.84
CA GLY C 43 -15.00 -7.91 -18.15
C GLY C 43 -15.24 -7.66 -19.62
N VAL C 44 -14.73 -8.52 -20.49
CA VAL C 44 -14.97 -8.40 -21.92
C VAL C 44 -16.17 -9.25 -22.29
N VAL C 45 -17.08 -8.67 -23.08
CA VAL C 45 -18.30 -9.36 -23.52
C VAL C 45 -18.37 -9.19 -25.04
N CYS C 46 -17.83 -10.18 -25.76
CA CYS C 46 -17.80 -10.14 -27.21
C CYS C 46 -17.62 -11.55 -27.76
N PRO C 47 -18.70 -12.34 -27.85
CA PRO C 47 -18.55 -13.77 -28.17
C PRO C 47 -18.37 -14.07 -29.65
N TRP C 48 -18.70 -13.14 -30.53
CA TRP C 48 -18.76 -13.46 -31.96
C TRP C 48 -17.39 -13.74 -32.56
N ALA C 49 -16.31 -13.31 -31.88
CA ALA C 49 -14.96 -13.50 -32.40
C ALA C 49 -14.26 -14.73 -31.84
N THR C 50 -14.83 -15.38 -30.82
CA THR C 50 -14.15 -16.49 -30.17
C THR C 50 -13.80 -17.58 -31.18
N GLU C 51 -12.64 -18.20 -30.98
CA GLU C 51 -12.17 -19.27 -31.85
C GLU C 51 -12.62 -20.65 -31.38
N ALA C 52 -13.18 -20.76 -30.19
CA ALA C 52 -13.69 -22.04 -29.70
C ALA C 52 -15.06 -22.31 -30.33
N ASP C 53 -15.18 -23.45 -30.99
CA ASP C 53 -16.40 -23.84 -31.70
C ASP C 53 -17.03 -25.02 -30.96
N ASP C 54 -17.85 -24.71 -29.96
CA ASP C 54 -18.61 -25.70 -29.21
C ASP C 54 -20.04 -25.19 -29.10
N PRO C 55 -20.97 -25.69 -29.92
CA PRO C 55 -22.32 -25.10 -29.93
C PRO C 55 -23.01 -25.15 -28.57
N ASP C 56 -22.85 -26.23 -27.82
CA ASP C 56 -23.47 -26.32 -26.51
C ASP C 56 -22.96 -25.22 -25.59
N TRP C 57 -21.67 -24.87 -25.72
CA TRP C 57 -21.12 -23.77 -24.94
C TRP C 57 -21.50 -22.42 -25.55
N TYR C 58 -21.28 -22.26 -26.86
CA TYR C 58 -21.55 -20.98 -27.50
C TYR C 58 -23.01 -20.58 -27.34
N LEU C 59 -23.93 -21.55 -27.31
CA LEU C 59 -25.34 -21.23 -27.16
C LEU C 59 -25.57 -20.33 -25.95
N LEU C 60 -24.87 -20.60 -24.85
CA LEU C 60 -25.00 -19.76 -23.65
C LEU C 60 -24.13 -18.52 -23.74
N TYR C 61 -22.99 -18.61 -24.41
CA TYR C 61 -22.09 -17.45 -24.53
C TYR C 61 -22.79 -16.30 -25.23
N ALA C 62 -23.32 -16.55 -26.43
CA ALA C 62 -23.98 -15.49 -27.19
C ALA C 62 -25.30 -15.09 -26.53
N ARG C 63 -26.01 -16.06 -25.94
CA ARG C 63 -27.27 -15.73 -25.27
C ARG C 63 -27.04 -14.87 -24.05
N GLY C 64 -26.04 -15.22 -23.23
CA GLY C 64 -25.74 -14.43 -22.05
C GLY C 64 -25.28 -13.03 -22.38
N ALA C 65 -24.65 -12.84 -23.54
CA ALA C 65 -24.24 -11.50 -23.95
C ALA C 65 -25.44 -10.63 -24.25
N ARG C 66 -26.40 -11.14 -25.02
CA ARG C 66 -27.60 -10.36 -25.33
C ARG C 66 -28.39 -10.04 -24.06
N TYR C 67 -28.32 -10.91 -23.05
CA TYR C 67 -29.10 -10.71 -21.84
C TYR C 67 -28.72 -9.43 -21.11
N TYR C 68 -27.52 -8.90 -21.36
CA TYR C 68 -27.11 -7.66 -20.71
C TYR C 68 -28.07 -6.52 -21.04
N GLY C 69 -28.73 -6.58 -22.20
CA GLY C 69 -29.73 -5.57 -22.51
C GLY C 69 -30.87 -5.56 -21.52
N THR C 70 -31.29 -6.75 -21.07
CA THR C 70 -32.33 -6.84 -20.06
C THR C 70 -31.79 -6.53 -18.67
N LEU C 71 -30.58 -7.01 -18.36
CA LEU C 71 -30.06 -6.87 -17.01
C LEU C 71 -29.73 -5.43 -16.67
N ILE C 72 -28.96 -4.76 -17.53
CA ILE C 72 -28.53 -3.39 -17.24
C ILE C 72 -29.72 -2.50 -16.97
N GLU C 73 -30.80 -2.66 -17.74
CA GLU C 73 -31.98 -1.83 -17.54
C GLU C 73 -32.75 -2.25 -16.29
N GLU C 74 -32.92 -3.56 -16.09
CA GLU C 74 -33.59 -4.02 -14.88
C GLU C 74 -32.87 -3.55 -13.63
N LEU C 75 -31.54 -3.46 -13.68
CA LEU C 75 -30.78 -2.92 -12.56
C LEU C 75 -30.83 -1.39 -12.54
N ARG C 76 -30.75 -0.76 -13.71
CA ARG C 76 -30.82 0.69 -13.78
C ARG C 76 -32.09 1.20 -13.11
N GLY C 77 -33.24 0.58 -13.42
CA GLY C 77 -34.50 1.00 -12.85
C GLY C 77 -34.70 0.54 -11.43
N GLN C 78 -33.60 0.27 -10.72
CA GLN C 78 -33.67 -0.17 -9.34
C GLN C 78 -32.64 0.54 -8.46
N GLY C 79 -32.03 1.61 -8.94
CA GLY C 79 -31.05 2.36 -8.19
C GLY C 79 -29.61 2.02 -8.52
N GLU C 80 -29.37 0.98 -9.32
CA GLU C 80 -28.02 0.53 -9.64
C GLU C 80 -27.64 1.09 -11.01
N THR C 81 -26.74 2.08 -11.01
CA THR C 81 -26.33 2.73 -12.25
C THR C 81 -24.83 2.69 -12.49
N GLU C 82 -24.03 2.20 -11.54
CA GLU C 82 -22.58 2.16 -11.67
C GLU C 82 -22.17 0.69 -11.75
N LEU C 83 -22.19 0.14 -12.97
CA LEU C 83 -21.80 -1.24 -13.22
C LEU C 83 -20.62 -1.36 -14.16
N GLY C 84 -20.03 -0.24 -14.59
CA GLY C 84 -18.94 -0.28 -15.54
C GLY C 84 -19.32 -0.81 -16.91
N TYR C 85 -20.61 -0.95 -17.20
CA TYR C 85 -21.04 -1.47 -18.49
C TYR C 85 -21.05 -0.36 -19.55
N SER C 86 -20.65 -0.71 -20.76
CA SER C 86 -20.68 0.24 -21.87
C SER C 86 -20.54 -0.48 -23.21
N ARG C 87 -21.41 -0.14 -24.16
CA ARG C 87 -21.37 -0.71 -25.52
C ARG C 87 -20.37 0.08 -26.35
N VAL C 88 -19.08 -0.16 -26.05
CA VAL C 88 -18.00 0.64 -26.63
C VAL C 88 -17.46 0.09 -27.94
N GLY C 89 -17.89 -1.10 -28.35
CA GLY C 89 -17.35 -1.72 -29.54
C GLY C 89 -16.06 -2.46 -29.26
N ALA C 90 -15.64 -3.26 -30.25
CA ALA C 90 -14.47 -4.11 -30.10
C ALA C 90 -13.64 -4.07 -31.38
N LEU C 91 -12.34 -4.27 -31.21
CA LEU C 91 -11.40 -4.37 -32.32
C LEU C 91 -10.73 -5.74 -32.26
N VAL C 92 -10.80 -6.48 -33.36
CA VAL C 92 -10.19 -7.80 -33.47
C VAL C 92 -8.97 -7.67 -34.36
N LEU C 93 -7.80 -8.05 -33.84
CA LEU C 93 -6.53 -7.89 -34.52
C LEU C 93 -5.92 -9.24 -34.86
N ALA C 94 -5.01 -9.21 -35.84
CA ALA C 94 -4.23 -10.38 -36.21
C ALA C 94 -2.92 -9.90 -36.83
N GLU C 95 -1.89 -10.73 -36.71
CA GLU C 95 -0.56 -10.32 -37.18
C GLU C 95 -0.46 -10.39 -38.70
N ASP C 96 -0.70 -11.58 -39.26
CA ASP C 96 -0.63 -11.77 -40.71
C ASP C 96 -2.02 -11.66 -41.30
N ARG C 97 -2.14 -10.98 -42.44
CA ARG C 97 -3.43 -10.78 -43.08
C ARG C 97 -4.11 -12.10 -43.42
N ALA C 98 -3.35 -13.19 -43.51
CA ALA C 98 -3.96 -14.49 -43.79
C ALA C 98 -4.93 -14.89 -42.69
N ARG C 99 -4.45 -14.90 -41.44
CA ARG C 99 -5.32 -15.28 -40.32
C ARG C 99 -6.48 -14.29 -40.16
N LEU C 100 -6.25 -13.01 -40.46
CA LEU C 100 -7.31 -12.02 -40.32
C LEU C 100 -8.47 -12.32 -41.26
N ASP C 101 -8.20 -12.95 -42.40
CA ASP C 101 -9.28 -13.27 -43.33
C ASP C 101 -10.12 -14.43 -42.80
N THR C 102 -9.48 -15.48 -42.30
CA THR C 102 -10.22 -16.60 -41.73
C THR C 102 -11.04 -16.14 -40.52
N ILE C 103 -10.53 -15.16 -39.77
CA ILE C 103 -11.28 -14.65 -38.63
C ILE C 103 -12.49 -13.84 -39.10
N GLU C 104 -12.27 -12.96 -40.07
CA GLU C 104 -13.39 -12.22 -40.65
C GLU C 104 -14.49 -13.18 -41.13
N GLY C 105 -14.10 -14.38 -41.55
CA GLY C 105 -15.09 -15.37 -41.93
C GLY C 105 -15.84 -15.92 -40.73
N ARG C 106 -15.11 -16.32 -39.69
CA ARG C 106 -15.77 -16.84 -38.49
C ARG C 106 -16.80 -15.86 -37.95
N ILE C 107 -16.45 -14.57 -37.91
CA ILE C 107 -17.34 -13.58 -37.31
C ILE C 107 -18.64 -13.51 -38.08
N SER C 108 -18.56 -13.38 -39.41
CA SER C 108 -19.78 -13.29 -40.21
C SER C 108 -20.64 -14.54 -40.05
N ARG C 109 -20.01 -15.71 -39.97
CA ARG C 109 -20.77 -16.96 -39.85
C ARG C 109 -21.53 -17.01 -38.52
N ARG C 110 -20.99 -16.42 -37.47
CA ARG C 110 -21.64 -16.41 -36.17
C ARG C 110 -22.54 -15.19 -35.98
N ILE C 111 -22.45 -14.18 -36.84
CA ILE C 111 -23.33 -13.02 -36.76
C ILE C 111 -24.68 -13.29 -37.39
N LYS C 112 -24.87 -14.45 -38.03
CA LYS C 112 -26.13 -14.74 -38.70
C LYS C 112 -27.32 -14.51 -37.78
N ASP C 113 -27.24 -15.03 -36.56
CA ASP C 113 -28.31 -14.89 -35.56
C ASP C 113 -27.98 -13.85 -34.51
N ALA C 114 -27.21 -12.81 -34.89
CA ALA C 114 -26.75 -11.81 -33.92
C ALA C 114 -26.65 -10.45 -34.61
N PRO C 115 -27.78 -9.74 -34.72
CA PRO C 115 -27.70 -8.33 -35.16
C PRO C 115 -27.18 -7.40 -34.08
N GLU C 116 -27.21 -7.84 -32.81
CA GLU C 116 -26.63 -7.05 -31.73
C GLU C 116 -25.15 -6.75 -31.98
N ALA C 117 -24.47 -7.58 -32.78
CA ALA C 117 -23.06 -7.33 -33.10
C ALA C 117 -22.89 -6.09 -33.96
N GLY C 118 -23.96 -5.60 -34.59
CA GLY C 118 -23.87 -4.40 -35.39
C GLY C 118 -23.37 -4.69 -36.80
N THR C 119 -22.84 -3.63 -37.43
CA THR C 119 -22.31 -3.72 -38.78
C THR C 119 -20.79 -3.85 -38.69
N VAL C 120 -20.29 -5.03 -39.07
CA VAL C 120 -18.86 -5.30 -39.03
C VAL C 120 -18.20 -4.68 -40.26
N ARG C 121 -16.96 -4.20 -40.09
CA ARG C 121 -16.20 -3.64 -41.18
C ARG C 121 -14.72 -3.89 -40.93
N ARG C 122 -14.02 -4.34 -41.97
CA ARG C 122 -12.56 -4.49 -41.90
C ARG C 122 -11.94 -3.11 -42.03
N LEU C 123 -11.11 -2.74 -41.05
CA LEU C 123 -10.51 -1.43 -41.01
C LEU C 123 -9.14 -1.43 -41.68
N GLY C 124 -8.81 -0.31 -42.32
CA GLY C 124 -7.51 -0.17 -42.92
C GLY C 124 -6.46 0.26 -41.92
N ALA C 125 -5.20 0.01 -42.27
CA ALA C 125 -4.08 0.35 -41.39
C ALA C 125 -4.21 1.77 -40.87
N GLY C 126 -4.21 1.91 -39.55
CA GLY C 126 -4.34 3.20 -38.89
C GLY C 126 -5.74 3.53 -38.43
N GLU C 127 -6.76 2.83 -38.94
CA GLU C 127 -8.12 3.11 -38.52
C GLU C 127 -8.40 2.55 -37.12
N ALA C 128 -7.81 1.39 -36.79
CA ALA C 128 -7.95 0.88 -35.44
C ALA C 128 -7.28 1.80 -34.43
N LYS C 129 -6.09 2.30 -34.75
CA LYS C 129 -5.40 3.23 -33.86
C LYS C 129 -6.17 4.51 -33.68
N ARG C 130 -7.05 4.88 -34.62
CA ARG C 130 -7.84 6.08 -34.49
C ARG C 130 -8.87 5.99 -33.37
N LEU C 131 -9.27 4.77 -33.00
CA LEU C 131 -10.21 4.56 -31.90
C LEU C 131 -9.52 4.16 -30.60
N PHE C 132 -8.36 3.51 -30.69
CA PHE C 132 -7.58 3.11 -29.52
C PHE C 132 -6.17 3.66 -29.73
N PRO C 133 -5.94 4.92 -29.37
CA PRO C 133 -4.68 5.59 -29.76
C PRO C 133 -3.45 4.79 -29.40
N PRO C 134 -3.40 4.19 -28.20
CA PRO C 134 -2.17 3.47 -27.80
C PRO C 134 -1.73 2.40 -28.79
N LEU C 135 -2.64 1.87 -29.62
CA LEU C 135 -2.26 0.85 -30.58
C LEU C 135 -1.22 1.39 -31.55
N ARG C 136 -0.45 0.48 -32.14
CA ARG C 136 0.50 0.86 -33.17
C ARG C 136 -0.21 0.97 -34.52
N ASP C 137 0.28 1.90 -35.35
CA ASP C 137 -0.48 2.33 -36.53
C ASP C 137 -0.50 1.28 -37.64
N ASP C 138 0.38 0.29 -37.61
CA ASP C 138 0.51 -0.67 -38.69
C ASP C 138 -0.44 -1.86 -38.54
N LEU C 139 -1.51 -1.71 -37.76
CA LEU C 139 -2.41 -2.81 -37.44
C LEU C 139 -3.73 -2.65 -38.18
N GLU C 140 -4.04 -3.60 -39.05
CA GLU C 140 -5.40 -3.74 -39.56
C GLU C 140 -6.26 -4.43 -38.50
N ALA C 141 -7.57 -4.21 -38.59
CA ALA C 141 -8.46 -4.74 -37.57
C ALA C 141 -9.86 -4.89 -38.14
N ILE C 142 -10.69 -5.61 -37.41
CA ILE C 142 -12.10 -5.81 -37.73
C ILE C 142 -12.91 -5.19 -36.60
N HIS C 143 -13.75 -4.21 -36.93
CA HIS C 143 -14.52 -3.48 -35.94
C HIS C 143 -15.89 -4.14 -35.75
N ILE C 144 -16.22 -4.47 -34.51
CA ILE C 144 -17.52 -5.03 -34.16
C ILE C 144 -18.25 -4.03 -33.29
N PRO C 145 -19.01 -3.10 -33.85
CA PRO C 145 -19.76 -2.16 -33.01
C PRO C 145 -20.89 -2.86 -32.27
N GLY C 146 -20.72 -3.03 -30.96
CA GLY C 146 -21.68 -3.76 -30.17
C GLY C 146 -21.03 -4.59 -29.09
N GLY C 147 -19.74 -4.88 -29.26
CA GLY C 147 -18.98 -5.51 -28.20
C GLY C 147 -18.83 -4.54 -27.03
N ALA C 148 -19.12 -5.03 -25.82
CA ALA C 148 -19.14 -4.20 -24.64
C ALA C 148 -18.20 -4.77 -23.58
N ARG C 149 -17.97 -3.96 -22.54
CA ARG C 149 -17.22 -4.38 -21.38
C ARG C 149 -18.02 -4.03 -20.13
N VAL C 150 -17.59 -4.59 -19.00
CA VAL C 150 -18.29 -4.40 -17.73
C VAL C 150 -17.31 -4.64 -16.60
N ASP C 151 -17.60 -4.08 -15.43
CA ASP C 151 -16.78 -4.28 -14.23
C ASP C 151 -17.45 -5.39 -13.42
N GLY C 152 -17.03 -6.64 -13.69
CA GLY C 152 -17.65 -7.78 -13.04
C GLY C 152 -17.73 -7.62 -11.53
N ARG C 153 -16.70 -7.04 -10.93
CA ARG C 153 -16.73 -6.82 -9.48
C ARG C 153 -17.92 -5.97 -9.08
N LEU C 154 -18.21 -4.92 -9.84
CA LEU C 154 -19.32 -4.04 -9.52
C LEU C 154 -20.67 -4.63 -9.91
N LEU C 155 -20.68 -5.51 -10.91
CA LEU C 155 -21.94 -6.13 -11.31
C LEU C 155 -22.44 -7.09 -10.24
N ALA C 156 -21.55 -7.98 -9.76
CA ALA C 156 -21.94 -8.91 -8.71
C ALA C 156 -22.36 -8.17 -7.44
N ALA C 157 -21.66 -7.08 -7.11
CA ALA C 157 -22.02 -6.32 -5.92
C ALA C 157 -23.41 -5.72 -6.04
N SER C 158 -23.76 -5.21 -7.22
CA SER C 158 -25.06 -4.58 -7.40
C SER C 158 -26.19 -5.60 -7.33
N MET C 159 -26.02 -6.77 -7.96
CA MET C 159 -27.06 -7.78 -7.92
C MET C 159 -27.29 -8.29 -6.50
N LEU C 160 -26.23 -8.42 -5.71
CA LEU C 160 -26.39 -8.84 -4.33
C LEU C 160 -27.16 -7.81 -3.52
N ARG C 161 -26.88 -6.52 -3.73
CA ARG C 161 -27.60 -5.48 -3.02
C ARG C 161 -29.10 -5.56 -3.32
N VAL C 162 -29.46 -5.75 -4.58
CA VAL C 162 -30.88 -5.86 -4.93
C VAL C 162 -31.49 -7.11 -4.29
N ALA C 163 -30.71 -8.20 -4.24
CA ALA C 163 -31.21 -9.41 -3.61
C ALA C 163 -31.42 -9.23 -2.11
N ILE C 164 -30.48 -8.53 -1.45
CA ILE C 164 -30.62 -8.31 -0.02
C ILE C 164 -31.78 -7.38 0.27
N SER C 165 -31.96 -6.34 -0.54
CA SER C 165 -33.10 -5.44 -0.37
C SER C 165 -34.43 -6.15 -0.60
N SER C 166 -34.41 -7.35 -1.18
CA SER C 166 -35.62 -8.12 -1.42
C SER C 166 -35.76 -9.29 -0.45
N GLY C 167 -35.11 -9.22 0.72
CA GLY C 167 -35.28 -10.21 1.75
C GLY C 167 -34.24 -11.30 1.80
N ALA C 168 -33.17 -11.20 1.02
CA ALA C 168 -32.10 -12.19 1.06
C ALA C 168 -31.12 -11.85 2.18
N THR C 169 -30.33 -12.86 2.56
CA THR C 169 -29.34 -12.72 3.61
C THR C 169 -27.99 -13.18 3.11
N LEU C 170 -26.93 -12.54 3.61
CA LEU C 170 -25.56 -12.82 3.21
C LEU C 170 -24.68 -12.88 4.44
N ARG C 171 -23.96 -13.98 4.61
CA ARG C 171 -23.00 -14.10 5.71
C ARG C 171 -21.79 -14.89 5.23
N ASN C 172 -20.68 -14.68 5.92
CA ASN C 172 -19.39 -15.24 5.54
C ASN C 172 -19.13 -16.53 6.34
N ASP C 173 -18.98 -17.64 5.63
CA ASP C 173 -18.70 -18.92 6.26
C ASP C 173 -18.28 -19.91 5.18
N TYR C 174 -17.72 -21.03 5.62
CA TYR C 174 -17.38 -22.15 4.75
C TYR C 174 -18.26 -23.32 5.15
N VAL C 175 -19.16 -23.71 4.25
CA VAL C 175 -20.18 -24.71 4.54
C VAL C 175 -19.88 -25.97 3.76
N SER C 176 -20.50 -27.07 4.18
CA SER C 176 -20.27 -28.39 3.62
C SER C 176 -21.63 -29.04 3.32
N LEU C 177 -21.57 -30.26 2.78
CA LEU C 177 -22.77 -30.99 2.40
C LEU C 177 -22.66 -32.44 2.85
N ARG C 178 -23.80 -33.01 3.22
CA ARG C 178 -23.88 -34.42 3.57
C ARG C 178 -25.20 -34.98 3.08
N LEU C 179 -25.23 -36.30 2.93
CA LEU C 179 -26.40 -37.01 2.40
C LEU C 179 -27.18 -37.58 3.58
N ASN C 180 -28.35 -37.00 3.86
CA ASN C 180 -29.12 -37.35 5.05
C ASN C 180 -30.15 -38.44 4.76
N ASP C 181 -31.09 -38.17 3.86
CA ASP C 181 -32.14 -39.12 3.50
C ASP C 181 -32.36 -39.10 2.00
N GLY C 182 -31.28 -39.08 1.23
CA GLY C 182 -31.36 -38.85 -0.19
C GLY C 182 -31.41 -37.39 -0.58
N ARG C 183 -31.55 -36.48 0.38
CA ARG C 183 -31.54 -35.05 0.14
C ARG C 183 -30.22 -34.45 0.61
N ALA C 184 -29.90 -33.29 0.06
CA ALA C 184 -28.68 -32.58 0.43
C ALA C 184 -28.95 -31.73 1.67
N GLU C 185 -28.15 -31.94 2.71
CA GLU C 185 -28.21 -31.14 3.92
C GLU C 185 -26.91 -30.37 4.08
N CYS C 186 -27.03 -29.11 4.49
CA CYS C 186 -25.89 -28.20 4.57
C CYS C 186 -25.50 -27.99 6.02
N LEU C 187 -24.20 -28.14 6.31
CA LEU C 187 -23.66 -27.94 7.65
C LEU C 187 -22.71 -26.75 7.65
N GLY C 188 -22.85 -25.89 8.65
CA GLY C 188 -21.94 -24.77 8.81
C GLY C 188 -20.63 -25.17 9.43
N SER C 189 -19.75 -24.19 9.59
CA SER C 189 -18.45 -24.44 10.21
C SER C 189 -18.61 -25.08 11.58
N ASP C 190 -19.53 -24.55 12.39
CA ASP C 190 -19.76 -25.12 13.71
C ASP C 190 -20.26 -26.56 13.63
N GLY C 191 -20.90 -26.93 12.52
CA GLY C 191 -21.45 -28.25 12.35
C GLY C 191 -22.95 -28.34 12.49
N ARG C 192 -23.60 -27.29 12.95
CA ARG C 192 -25.05 -27.28 13.01
C ARG C 192 -25.63 -27.31 11.59
N PRO C 193 -26.84 -27.84 11.42
CA PRO C 193 -27.47 -27.86 10.09
C PRO C 193 -28.02 -26.49 9.72
N ILE C 194 -28.13 -26.28 8.42
CA ILE C 194 -28.67 -25.05 7.85
C ILE C 194 -29.95 -25.41 7.10
N PRO C 195 -31.11 -25.28 7.75
CA PRO C 195 -32.37 -25.65 7.09
C PRO C 195 -32.54 -24.95 5.76
N ALA C 196 -32.89 -25.72 4.73
CA ALA C 196 -33.08 -25.18 3.39
C ALA C 196 -33.89 -26.18 2.58
N ASP C 197 -34.92 -25.68 1.89
CA ASP C 197 -35.73 -26.55 1.03
C ASP C 197 -35.00 -26.89 -0.26
N GLU C 198 -34.25 -25.94 -0.82
CA GLU C 198 -33.47 -26.14 -2.04
C GLU C 198 -32.09 -25.55 -1.84
N ILE C 199 -31.07 -26.30 -2.24
CA ILE C 199 -29.68 -25.87 -2.12
C ILE C 199 -29.10 -25.70 -3.52
N ILE C 200 -28.35 -24.62 -3.71
CA ILE C 200 -27.65 -24.33 -4.96
C ILE C 200 -26.17 -24.20 -4.66
N VAL C 201 -25.34 -24.82 -5.48
CA VAL C 201 -23.89 -24.84 -5.30
C VAL C 201 -23.27 -24.11 -6.48
N THR C 202 -22.88 -22.86 -6.27
CA THR C 202 -22.17 -22.08 -7.28
C THR C 202 -20.82 -21.67 -6.73
N ALA C 203 -20.10 -22.63 -6.14
CA ALA C 203 -18.87 -22.40 -5.41
C ALA C 203 -17.64 -22.24 -6.31
N GLY C 204 -17.84 -22.08 -7.61
CA GLY C 204 -16.69 -21.89 -8.48
C GLY C 204 -15.70 -23.02 -8.36
N ALA C 205 -14.41 -22.68 -8.52
CA ALA C 205 -13.37 -23.70 -8.57
C ALA C 205 -13.30 -24.53 -7.30
N TRP C 206 -13.74 -23.97 -6.17
CA TRP C 206 -13.70 -24.70 -4.90
C TRP C 206 -14.82 -25.71 -4.76
N ALA C 207 -15.72 -25.82 -5.74
CA ALA C 207 -16.89 -26.67 -5.59
C ALA C 207 -16.52 -28.14 -5.48
N ALA C 208 -15.46 -28.58 -6.16
CA ALA C 208 -15.05 -29.98 -6.14
C ALA C 208 -14.48 -30.44 -4.80
N GLN C 209 -14.51 -29.61 -3.77
CA GLN C 209 -14.01 -29.97 -2.45
C GLN C 209 -15.10 -30.40 -1.48
N ILE C 210 -16.33 -29.96 -1.67
CA ILE C 210 -17.44 -30.36 -0.82
C ILE C 210 -18.36 -31.35 -1.53
N LEU C 211 -18.59 -31.16 -2.83
CA LEU C 211 -19.38 -32.13 -3.61
C LEU C 211 -18.76 -33.52 -3.52
N ALA C 212 -17.43 -33.61 -3.52
CA ALA C 212 -16.77 -34.91 -3.43
C ALA C 212 -17.23 -35.70 -2.21
N LEU C 213 -17.69 -35.01 -1.17
CA LEU C 213 -18.22 -35.68 0.02
C LEU C 213 -19.47 -36.50 -0.27
N LEU C 214 -20.11 -36.28 -1.42
CA LEU C 214 -21.33 -37.00 -1.79
C LEU C 214 -21.07 -38.06 -2.85
N GLY C 215 -19.81 -38.42 -3.08
CA GLY C 215 -19.49 -39.37 -4.13
C GLY C 215 -19.58 -38.82 -5.54
N LEU C 216 -19.75 -37.50 -5.68
CA LEU C 216 -19.83 -36.89 -7.00
C LEU C 216 -18.44 -36.66 -7.56
N ARG C 217 -18.30 -36.82 -8.87
CA ARG C 217 -17.06 -36.56 -9.59
C ARG C 217 -17.25 -35.24 -10.34
N HIS C 218 -16.93 -34.14 -9.66
CA HIS C 218 -17.12 -32.80 -10.22
C HIS C 218 -15.86 -32.41 -10.99
N PRO C 219 -15.89 -32.38 -12.33
CA PRO C 219 -14.66 -32.10 -13.10
C PRO C 219 -14.42 -30.61 -13.32
N VAL C 220 -14.19 -29.88 -12.22
CA VAL C 220 -13.90 -28.46 -12.29
C VAL C 220 -12.72 -28.17 -11.37
N VAL C 221 -11.64 -27.65 -11.94
CA VAL C 221 -10.44 -27.31 -11.19
C VAL C 221 -10.11 -25.85 -11.46
N PRO C 222 -9.30 -25.22 -10.61
CA PRO C 222 -8.96 -23.81 -10.83
C PRO C 222 -7.88 -23.65 -11.89
N GLN C 223 -8.06 -22.60 -12.71
CA GLN C 223 -7.04 -22.17 -13.66
C GLN C 223 -6.65 -20.75 -13.30
N LYS C 224 -5.48 -20.59 -12.69
CA LYS C 224 -5.02 -19.28 -12.26
C LYS C 224 -4.92 -18.33 -13.45
N GLY C 225 -5.11 -17.05 -13.17
CA GLY C 225 -4.96 -16.01 -14.17
C GLY C 225 -4.59 -14.69 -13.55
N GLN C 226 -3.51 -14.08 -14.04
CA GLN C 226 -3.03 -12.79 -13.56
C GLN C 226 -3.39 -11.71 -14.58
N ILE C 227 -3.90 -10.59 -14.10
CA ILE C 227 -4.43 -9.53 -14.95
C ILE C 227 -3.91 -8.19 -14.44
N ILE C 228 -3.49 -7.33 -15.36
CA ILE C 228 -2.82 -6.08 -15.02
C ILE C 228 -3.75 -4.91 -15.30
N HIS C 229 -3.77 -3.96 -14.37
CA HIS C 229 -4.53 -2.72 -14.51
C HIS C 229 -3.57 -1.56 -14.67
N LEU C 230 -3.83 -0.70 -15.65
CA LEU C 230 -2.98 0.45 -15.95
C LEU C 230 -3.79 1.73 -15.85
N HIS C 231 -3.08 2.85 -15.75
CA HIS C 231 -3.70 4.17 -15.59
C HIS C 231 -2.98 5.16 -16.49
N LEU C 232 -3.74 5.84 -17.35
CA LEU C 232 -3.23 6.92 -18.18
C LEU C 232 -3.58 8.25 -17.52
N PRO C 233 -2.66 8.91 -16.82
CA PRO C 233 -3.02 10.13 -16.08
C PRO C 233 -3.58 11.20 -17.01
N GLY C 234 -4.83 11.58 -16.77
CA GLY C 234 -5.46 12.66 -17.51
C GLY C 234 -5.73 12.32 -18.96
N VAL C 235 -6.29 11.14 -19.22
CA VAL C 235 -6.61 10.70 -20.57
C VAL C 235 -8.03 10.15 -20.57
N ALA C 236 -8.85 10.60 -21.52
CA ALA C 236 -10.23 10.17 -21.62
C ALA C 236 -10.30 8.82 -22.33
N THR C 237 -10.85 7.82 -21.65
CA THR C 237 -10.93 6.46 -22.18
C THR C 237 -12.34 5.90 -22.23
N SER C 238 -13.35 6.69 -21.82
CA SER C 238 -14.72 6.17 -21.80
C SER C 238 -15.18 5.67 -23.15
N GLY C 239 -14.60 6.16 -24.24
CA GLY C 239 -15.01 5.80 -25.58
C GLY C 239 -14.12 4.78 -26.28
N TRP C 240 -13.05 4.34 -25.64
CA TRP C 240 -12.15 3.40 -26.30
C TRP C 240 -12.80 2.03 -26.42
N PRO C 241 -12.54 1.29 -27.50
CA PRO C 241 -13.16 -0.04 -27.65
C PRO C 241 -12.36 -1.14 -26.97
N VAL C 242 -12.90 -2.35 -26.98
CA VAL C 242 -12.14 -3.52 -26.55
C VAL C 242 -11.22 -3.95 -27.69
N VAL C 243 -10.13 -4.62 -27.33
CA VAL C 243 -9.13 -5.05 -28.31
C VAL C 243 -8.84 -6.53 -28.06
N LEU C 244 -8.98 -7.33 -29.11
CA LEU C 244 -8.82 -8.79 -29.04
C LEU C 244 -7.81 -9.22 -30.09
N PRO C 245 -6.52 -9.26 -29.76
CA PRO C 245 -5.50 -9.68 -30.73
C PRO C 245 -5.53 -11.16 -31.06
N MET C 246 -6.48 -11.93 -30.52
CA MET C 246 -6.66 -13.34 -30.88
C MET C 246 -5.36 -14.13 -30.70
N ASN C 247 -4.67 -13.88 -29.59
CA ASN C 247 -3.46 -14.61 -29.23
C ASN C 247 -3.47 -14.95 -27.75
N SER C 248 -4.65 -15.26 -27.23
CA SER C 248 -4.91 -15.57 -25.83
C SER C 248 -4.92 -14.32 -24.95
N TYR C 249 -4.59 -13.15 -25.48
CA TYR C 249 -4.52 -11.92 -24.71
C TYR C 249 -5.53 -10.92 -25.25
N TYR C 250 -5.71 -9.84 -24.50
CA TYR C 250 -6.71 -8.82 -24.80
C TYR C 250 -6.45 -7.62 -23.90
N MET C 251 -7.29 -6.59 -24.07
CA MET C 251 -7.21 -5.42 -23.22
C MET C 251 -8.44 -4.55 -23.48
N LEU C 252 -8.87 -3.85 -22.43
CA LEU C 252 -10.06 -3.01 -22.49
C LEU C 252 -9.79 -1.75 -21.66
N ALA C 253 -10.74 -0.82 -21.70
CA ALA C 253 -10.62 0.44 -20.98
C ALA C 253 -11.90 0.73 -20.22
N PHE C 254 -11.76 1.51 -19.15
CA PHE C 254 -12.88 1.96 -18.33
C PHE C 254 -12.88 3.48 -18.25
N ASP C 255 -13.89 4.04 -17.60
CA ASP C 255 -14.07 5.49 -17.61
C ASP C 255 -12.93 6.20 -16.89
N ASP C 256 -12.47 5.66 -15.77
CA ASP C 256 -11.52 6.38 -14.92
C ASP C 256 -10.09 6.29 -15.45
N SER C 257 -9.89 6.66 -16.71
CA SER C 257 -8.56 6.69 -17.32
C SER C 257 -7.77 5.44 -16.98
N ARG C 258 -8.42 4.29 -17.11
CA ARG C 258 -7.87 3.01 -16.68
C ARG C 258 -7.93 2.03 -17.83
N VAL C 259 -6.88 1.22 -17.97
CA VAL C 259 -6.77 0.23 -19.03
C VAL C 259 -6.38 -1.11 -18.41
N VAL C 260 -7.11 -2.17 -18.77
CA VAL C 260 -6.86 -3.51 -18.29
C VAL C 260 -6.30 -4.34 -19.43
N VAL C 261 -5.33 -5.20 -19.13
CA VAL C 261 -4.63 -5.98 -20.15
C VAL C 261 -4.86 -7.46 -19.89
N GLY C 262 -4.87 -8.23 -20.98
CA GLY C 262 -5.26 -9.63 -20.94
C GLY C 262 -4.57 -10.44 -19.87
N ALA C 263 -5.13 -11.60 -19.55
CA ALA C 263 -4.69 -12.40 -18.42
C ALA C 263 -3.87 -13.60 -18.87
N THR C 264 -3.22 -14.23 -17.90
CA THR C 264 -2.51 -15.48 -18.13
C THR C 264 -3.47 -16.66 -18.03
N ARG C 265 -2.97 -17.83 -18.41
CA ARG C 265 -3.75 -19.07 -18.35
C ARG C 265 -2.79 -20.16 -17.86
N GLU C 266 -2.81 -20.37 -16.55
CA GLU C 266 -1.83 -21.21 -15.87
C GLU C 266 -2.52 -22.49 -15.41
N ASP C 267 -2.52 -23.49 -16.28
CA ASP C 267 -3.08 -24.78 -15.93
C ASP C 267 -2.28 -25.41 -14.78
N GLY C 268 -2.93 -26.31 -14.06
CA GLY C 268 -2.26 -27.00 -12.96
C GLY C 268 -1.67 -26.06 -11.92
N SER C 269 -2.22 -24.85 -11.79
CA SER C 269 -1.69 -23.91 -10.82
C SER C 269 -2.23 -24.17 -9.42
N GLY C 270 -3.42 -24.76 -9.31
CA GLY C 270 -4.05 -24.84 -8.02
C GLY C 270 -4.46 -23.45 -7.55
N PHE C 271 -4.73 -23.35 -6.25
CA PHE C 271 -5.10 -22.08 -5.64
C PHE C 271 -3.85 -21.34 -5.17
N ASP C 272 -2.96 -21.07 -6.12
CA ASP C 272 -1.71 -20.36 -5.86
C ASP C 272 -1.98 -18.87 -5.99
N TYR C 273 -2.43 -18.27 -4.89
CA TYR C 273 -2.81 -16.85 -4.87
C TYR C 273 -1.54 -16.03 -4.69
N ARG C 274 -0.81 -15.85 -5.78
CA ARG C 274 0.42 -15.08 -5.80
C ARG C 274 0.56 -14.40 -7.15
N VAL C 275 1.16 -13.22 -7.15
CA VAL C 275 1.48 -12.50 -8.38
C VAL C 275 2.92 -12.85 -8.74
N THR C 276 3.09 -13.64 -9.80
CA THR C 276 4.40 -14.13 -10.18
C THR C 276 5.05 -13.19 -11.21
N ALA C 277 6.35 -13.38 -11.41
CA ALA C 277 7.10 -12.51 -12.30
C ALA C 277 6.76 -12.81 -13.76
N ARG C 278 7.02 -14.03 -14.21
CA ARG C 278 6.78 -14.37 -15.61
C ARG C 278 5.34 -14.10 -16.01
N GLY C 279 4.40 -14.30 -15.08
CA GLY C 279 3.01 -14.00 -15.38
C GLY C 279 2.81 -12.56 -15.81
N GLN C 280 3.47 -11.63 -15.13
CA GLN C 280 3.35 -10.22 -15.49
C GLN C 280 4.22 -9.87 -16.70
N LEU C 281 5.32 -10.59 -16.90
CA LEU C 281 6.11 -10.38 -18.11
C LEU C 281 5.30 -10.72 -19.35
N GLU C 282 4.63 -11.87 -19.34
CA GLU C 282 3.84 -12.28 -20.50
C GLU C 282 2.77 -11.25 -20.83
N VAL C 283 2.06 -10.77 -19.81
CA VAL C 283 0.97 -9.83 -20.05
C VAL C 283 1.50 -8.51 -20.58
N LEU C 284 2.65 -8.06 -20.05
CA LEU C 284 3.20 -6.78 -20.49
C LEU C 284 3.78 -6.88 -21.89
N GLN C 285 4.41 -7.99 -22.23
CA GLN C 285 4.91 -8.17 -23.59
C GLN C 285 3.76 -8.15 -24.59
N ALA C 286 2.69 -8.89 -24.31
CA ALA C 286 1.55 -8.92 -25.21
C ALA C 286 0.93 -7.54 -25.36
N GLY C 287 0.59 -6.90 -24.25
CA GLY C 287 -0.04 -5.59 -24.28
C GLY C 287 0.79 -4.55 -24.99
N LEU C 288 2.03 -4.35 -24.54
CA LEU C 288 2.89 -3.35 -25.16
C LEU C 288 3.30 -3.73 -26.57
N GLY C 289 3.15 -5.00 -26.96
CA GLY C 289 3.50 -5.40 -28.31
C GLY C 289 2.57 -4.82 -29.35
N ILE C 290 1.27 -4.84 -29.08
CA ILE C 290 0.29 -4.25 -30.00
C ILE C 290 -0.06 -2.82 -29.62
N ALA C 291 0.18 -2.41 -28.37
CA ALA C 291 -0.17 -1.08 -27.88
C ALA C 291 1.05 -0.44 -27.24
N PRO C 292 2.04 -0.05 -28.06
CA PRO C 292 3.23 0.61 -27.48
C PRO C 292 2.92 1.93 -26.81
N GLY C 293 1.75 2.52 -27.06
CA GLY C 293 1.39 3.74 -26.38
C GLY C 293 1.20 3.59 -24.89
N LEU C 294 0.99 2.36 -24.42
CA LEU C 294 0.85 2.06 -23.00
C LEU C 294 2.19 2.05 -22.26
N ALA C 295 3.28 2.38 -22.93
CA ALA C 295 4.61 2.20 -22.35
C ALA C 295 4.74 2.94 -21.02
N ASP C 296 4.47 4.24 -21.02
CA ASP C 296 4.66 5.08 -19.84
C ASP C 296 3.39 5.21 -19.01
N ALA C 297 2.53 4.20 -19.01
CA ALA C 297 1.33 4.22 -18.20
C ALA C 297 1.63 3.69 -16.81
N THR C 298 0.93 4.24 -15.81
CA THR C 298 1.12 3.82 -14.44
C THR C 298 0.56 2.41 -14.25
N HIS C 299 1.33 1.57 -13.56
CA HIS C 299 0.86 0.26 -13.11
C HIS C 299 0.32 0.43 -11.69
N ILE C 300 -0.99 0.26 -11.53
CA ILE C 300 -1.63 0.49 -10.24
C ILE C 300 -1.80 -0.81 -9.45
N GLU C 301 -2.22 -1.89 -10.11
CA GLU C 301 -2.33 -3.17 -9.42
C GLU C 301 -2.37 -4.29 -10.43
N THR C 302 -2.11 -5.50 -9.93
CA THR C 302 -2.27 -6.74 -10.68
C THR C 302 -3.10 -7.68 -9.84
N ARG C 303 -4.21 -8.16 -10.39
CA ARG C 303 -5.13 -9.04 -9.69
C ARG C 303 -4.93 -10.49 -10.10
N VAL C 304 -5.39 -11.38 -9.24
CA VAL C 304 -5.28 -12.82 -9.47
C VAL C 304 -6.67 -13.44 -9.29
N GLY C 305 -6.96 -14.43 -10.11
CA GLY C 305 -8.24 -15.12 -10.02
C GLY C 305 -8.08 -16.55 -10.49
N PHE C 306 -8.94 -17.42 -9.96
CA PHE C 306 -8.93 -18.85 -10.30
C PHE C 306 -10.21 -19.15 -11.08
N ARG C 307 -10.08 -19.37 -12.38
CA ARG C 307 -11.24 -19.64 -13.20
C ARG C 307 -11.79 -21.03 -12.88
N PRO C 308 -13.12 -21.20 -12.84
CA PRO C 308 -13.67 -22.57 -12.71
C PRO C 308 -13.63 -23.31 -14.03
N ALA C 309 -12.44 -23.82 -14.36
CA ALA C 309 -12.22 -24.49 -15.64
C ALA C 309 -12.68 -25.94 -15.54
N GLY C 310 -13.60 -26.33 -16.43
CA GLY C 310 -14.09 -27.69 -16.45
C GLY C 310 -13.34 -28.58 -17.43
N SER C 311 -13.64 -29.88 -17.37
CA SER C 311 -13.05 -30.81 -18.31
C SER C 311 -13.44 -30.46 -19.74
N ALA C 312 -14.72 -30.21 -19.97
CA ALA C 312 -15.21 -29.67 -21.23
C ALA C 312 -15.47 -28.17 -21.07
N MET C 313 -15.41 -27.46 -22.19
CA MET C 313 -15.64 -26.02 -22.14
C MET C 313 -17.08 -25.66 -21.81
N ARG C 314 -18.02 -26.57 -22.06
CA ARG C 314 -19.41 -26.23 -21.78
C ARG C 314 -19.69 -26.34 -20.27
N PRO C 315 -20.56 -25.47 -19.73
CA PRO C 315 -20.72 -25.42 -18.27
C PRO C 315 -21.49 -26.60 -17.71
N ILE C 316 -21.73 -26.55 -16.40
CA ILE C 316 -22.49 -27.58 -15.68
C ILE C 316 -23.64 -26.86 -14.99
N LEU C 317 -24.86 -27.10 -15.46
CA LEU C 317 -26.05 -26.49 -14.89
C LEU C 317 -27.15 -27.54 -14.79
N GLY C 318 -27.87 -27.50 -13.68
CA GLY C 318 -29.02 -28.35 -13.49
C GLY C 318 -28.96 -29.14 -12.19
N ARG C 319 -30.10 -29.75 -11.87
CA ARG C 319 -30.22 -30.53 -10.66
C ARG C 319 -29.31 -31.76 -10.70
N VAL C 320 -28.89 -32.22 -9.52
CA VAL C 320 -28.02 -33.38 -9.41
C VAL C 320 -28.87 -34.64 -9.48
N PRO C 321 -28.62 -35.54 -10.44
CA PRO C 321 -29.40 -36.78 -10.48
C PRO C 321 -29.12 -37.65 -9.27
N GLN C 322 -30.18 -38.29 -8.75
CA GLN C 322 -30.13 -39.20 -7.62
C GLN C 322 -29.87 -38.49 -6.29
N ILE C 323 -29.93 -37.16 -6.27
CA ILE C 323 -29.85 -36.40 -5.02
C ILE C 323 -30.91 -35.30 -5.10
N ALA C 324 -31.83 -35.30 -4.15
CA ALA C 324 -32.95 -34.38 -4.15
C ALA C 324 -32.57 -33.06 -3.47
N GLY C 325 -33.19 -31.98 -3.95
CA GLY C 325 -32.96 -30.68 -3.35
C GLY C 325 -31.52 -30.19 -3.48
N LEU C 326 -30.87 -30.49 -4.60
CA LEU C 326 -29.51 -30.05 -4.84
C LEU C 326 -29.35 -29.66 -6.30
N THR C 327 -28.83 -28.46 -6.54
CA THR C 327 -28.60 -27.94 -7.87
C THR C 327 -27.19 -27.37 -7.93
N ILE C 328 -26.53 -27.53 -9.09
CA ILE C 328 -25.14 -27.15 -9.25
C ILE C 328 -25.01 -26.22 -10.45
N GLY C 329 -24.18 -25.19 -10.29
CA GLY C 329 -23.79 -24.34 -11.39
C GLY C 329 -22.30 -24.03 -11.33
N ASN C 330 -21.56 -24.38 -12.37
CA ASN C 330 -20.11 -24.18 -12.37
C ASN C 330 -19.58 -24.49 -13.77
N GLY C 331 -18.26 -24.35 -13.93
CA GLY C 331 -17.59 -24.63 -15.18
C GLY C 331 -17.50 -23.46 -16.13
N LEU C 332 -17.80 -22.24 -15.68
CA LEU C 332 -17.86 -21.10 -16.58
C LEU C 332 -16.51 -20.81 -17.23
N GLY C 333 -15.41 -21.19 -16.59
CA GLY C 333 -14.10 -20.96 -17.21
C GLY C 333 -13.84 -19.49 -17.40
N ALA C 334 -13.41 -19.12 -18.60
CA ALA C 334 -12.97 -17.77 -18.92
C ALA C 334 -14.07 -16.90 -19.52
N SER C 335 -15.34 -17.33 -19.42
CA SER C 335 -16.46 -16.57 -19.97
C SER C 335 -17.56 -16.40 -18.94
N GLY C 336 -17.22 -16.45 -17.65
CA GLY C 336 -18.23 -16.40 -16.62
C GLY C 336 -18.92 -15.06 -16.51
N LEU C 337 -18.23 -13.97 -16.83
CA LEU C 337 -18.86 -12.65 -16.76
C LEU C 337 -19.90 -12.48 -17.86
N THR C 338 -19.69 -13.12 -19.01
CA THR C 338 -20.67 -13.05 -20.09
C THR C 338 -21.79 -14.07 -19.90
N VAL C 339 -21.45 -15.27 -19.42
CA VAL C 339 -22.44 -16.32 -19.24
C VAL C 339 -23.08 -16.31 -17.85
N GLY C 340 -22.40 -15.76 -16.85
CA GLY C 340 -22.83 -15.84 -15.47
C GLY C 340 -24.24 -15.33 -15.23
N PRO C 341 -24.48 -14.06 -15.58
CA PRO C 341 -25.81 -13.48 -15.30
C PRO C 341 -26.96 -14.29 -15.87
N PHE C 342 -26.90 -14.64 -17.15
CA PHE C 342 -27.97 -15.42 -17.75
C PHE C 342 -28.08 -16.81 -17.14
N ALA C 343 -26.94 -17.40 -16.74
CA ALA C 343 -26.98 -18.72 -16.13
C ALA C 343 -27.72 -18.69 -14.80
N GLY C 344 -27.53 -17.64 -14.01
CA GLY C 344 -28.27 -17.53 -12.77
C GLY C 344 -29.77 -17.53 -13.00
N HIS C 345 -30.22 -16.91 -14.09
CA HIS C 345 -31.62 -16.99 -14.46
C HIS C 345 -32.04 -18.43 -14.73
N LEU C 346 -31.16 -19.21 -15.35
CA LEU C 346 -31.46 -20.62 -15.61
C LEU C 346 -31.48 -21.42 -14.30
N LEU C 347 -30.52 -21.18 -13.42
CA LEU C 347 -30.51 -21.86 -12.13
C LEU C 347 -31.76 -21.53 -11.32
N ALA C 348 -32.21 -20.27 -11.37
CA ALA C 348 -33.43 -19.89 -10.67
C ALA C 348 -34.61 -20.71 -11.16
N GLY C 349 -34.77 -20.82 -12.48
CA GLY C 349 -35.88 -21.59 -13.02
C GLY C 349 -35.87 -23.04 -12.58
N VAL C 350 -34.68 -23.62 -12.39
CA VAL C 350 -34.59 -25.01 -11.96
C VAL C 350 -35.23 -25.18 -10.59
N VAL C 351 -34.68 -24.50 -9.59
CA VAL C 351 -35.17 -24.65 -8.22
C VAL C 351 -36.60 -24.18 -8.08
N MET C 352 -37.05 -23.30 -8.97
CA MET C 352 -38.42 -22.80 -8.91
C MET C 352 -39.40 -23.67 -9.69
N GLY C 353 -38.92 -24.38 -10.71
CA GLY C 353 -39.73 -25.34 -11.43
C GLY C 353 -40.23 -24.90 -12.79
N GLU C 354 -39.92 -23.69 -13.23
CA GLU C 354 -40.37 -23.24 -14.54
C GLU C 354 -39.80 -24.14 -15.63
N PRO C 355 -40.43 -24.16 -16.81
CA PRO C 355 -39.82 -24.86 -17.94
C PRO C 355 -38.58 -24.13 -18.42
N ALA C 356 -37.56 -24.90 -18.76
CA ALA C 356 -36.27 -24.33 -19.12
C ALA C 356 -36.37 -23.53 -20.41
N GLU C 357 -35.97 -22.25 -20.34
CA GLU C 357 -35.94 -21.42 -21.55
C GLU C 357 -35.04 -22.04 -22.62
N VAL C 358 -34.05 -22.81 -22.21
CA VAL C 358 -33.21 -23.57 -23.13
C VAL C 358 -33.06 -24.97 -22.55
N PRO C 359 -33.04 -26.02 -23.37
CA PRO C 359 -32.88 -27.38 -22.82
C PRO C 359 -31.54 -27.53 -22.10
N LEU C 360 -31.61 -27.87 -20.82
CA LEU C 360 -30.44 -27.99 -19.97
C LEU C 360 -29.88 -29.41 -19.90
N GLU C 361 -30.46 -30.35 -20.65
CA GLU C 361 -30.04 -31.75 -20.53
C GLU C 361 -28.55 -31.92 -20.84
N ARG C 362 -28.04 -31.17 -21.82
CA ARG C 362 -26.65 -31.31 -22.23
C ARG C 362 -25.67 -30.66 -21.27
N TYR C 363 -26.16 -30.01 -20.22
CA TYR C 363 -25.29 -29.42 -19.20
C TYR C 363 -25.45 -30.05 -17.83
N SER C 364 -26.28 -31.09 -17.70
CA SER C 364 -26.60 -31.61 -16.38
C SER C 364 -25.36 -32.22 -15.72
N PRO C 365 -25.29 -32.20 -14.39
CA PRO C 365 -24.16 -32.85 -13.71
C PRO C 365 -24.30 -34.37 -13.71
N THR C 366 -23.30 -35.05 -13.18
CA THR C 366 -23.31 -36.51 -13.05
C THR C 366 -23.70 -36.90 -11.64
N GLY C 367 -24.32 -38.07 -11.50
CA GLY C 367 -24.76 -38.56 -10.22
C GLY C 367 -23.63 -39.18 -9.44
N PRO C 368 -23.96 -39.64 -8.23
CA PRO C 368 -22.94 -40.28 -7.39
C PRO C 368 -22.34 -41.49 -8.07
N GLU C 369 -21.01 -41.60 -7.99
CA GLU C 369 -20.28 -42.73 -8.53
C GLU C 369 -20.02 -43.74 -7.40
N ALA C 370 -19.37 -44.84 -7.76
CA ALA C 370 -19.03 -45.89 -6.80
C ALA C 370 -17.53 -46.18 -6.81
N ARG D 2 2.36 37.17 -21.19
CA ARG D 2 1.67 38.11 -20.31
C ARG D 2 1.94 37.81 -18.84
N VAL D 3 1.13 36.93 -18.25
CA VAL D 3 1.14 36.71 -16.81
C VAL D 3 1.76 35.36 -16.50
N LEU D 4 2.43 35.29 -15.35
CA LEU D 4 3.09 34.08 -14.87
C LEU D 4 2.66 33.84 -13.43
N ILE D 5 2.05 32.68 -13.18
CA ILE D 5 1.54 32.33 -11.85
C ILE D 5 2.48 31.31 -11.23
N ILE D 6 2.87 31.56 -9.98
CA ILE D 6 3.73 30.66 -9.22
C ILE D 6 2.86 29.97 -8.18
N GLY D 7 2.69 28.66 -8.33
CA GLY D 7 1.85 27.90 -7.43
C GLY D 7 0.47 27.65 -8.01
N ALA D 8 0.08 26.39 -8.12
CA ALA D 8 -1.18 26.03 -8.75
C ALA D 8 -2.11 25.31 -7.79
N GLY D 9 -2.23 25.83 -6.57
CA GLY D 9 -3.24 25.38 -5.64
C GLY D 9 -4.59 25.94 -6.03
N ILE D 10 -5.54 25.87 -5.09
CA ILE D 10 -6.87 26.41 -5.37
C ILE D 10 -6.78 27.90 -5.67
N LEU D 11 -5.80 28.59 -5.10
CA LEU D 11 -5.67 30.03 -5.31
C LEU D 11 -5.04 30.33 -6.67
N GLY D 12 -3.89 29.73 -6.95
CA GLY D 12 -3.28 29.92 -8.25
C GLY D 12 -4.12 29.41 -9.39
N ALA D 13 -4.89 28.34 -9.14
CA ALA D 13 -5.77 27.81 -10.18
C ALA D 13 -6.92 28.75 -10.46
N SER D 14 -7.58 29.25 -9.41
CA SER D 14 -8.66 30.22 -9.59
C SER D 14 -8.17 31.43 -10.37
N ALA D 15 -6.96 31.91 -10.06
CA ALA D 15 -6.41 33.05 -10.79
C ALA D 15 -6.25 32.73 -12.27
N ALA D 16 -5.73 31.54 -12.58
CA ALA D 16 -5.54 31.16 -13.98
C ALA D 16 -6.88 31.03 -14.70
N TYR D 17 -7.89 30.47 -14.03
CA TYR D 17 -9.20 30.31 -14.65
C TYR D 17 -9.81 31.64 -15.03
N HIS D 18 -9.59 32.67 -14.21
CA HIS D 18 -10.17 33.98 -14.48
C HIS D 18 -9.36 34.75 -15.51
N LEU D 19 -8.04 34.65 -15.46
CA LEU D 19 -7.20 35.39 -16.41
C LEU D 19 -7.40 34.91 -17.83
N ALA D 20 -7.49 33.59 -18.02
CA ALA D 20 -7.64 33.05 -19.37
C ALA D 20 -8.91 33.57 -20.04
N ARG D 21 -9.98 33.77 -19.26
CA ARG D 21 -11.22 34.28 -19.83
C ARG D 21 -11.04 35.72 -20.32
N LEU D 22 -10.15 36.48 -19.69
CA LEU D 22 -9.90 37.86 -20.07
C LEU D 22 -8.89 37.99 -21.21
N GLY D 23 -8.46 36.88 -21.79
CA GLY D 23 -7.58 36.92 -22.95
C GLY D 23 -6.12 37.05 -22.65
N ALA D 24 -5.71 36.92 -21.39
CA ALA D 24 -4.30 37.04 -21.03
C ALA D 24 -3.57 35.73 -21.31
N GLN D 25 -2.36 35.84 -21.83
CA GLN D 25 -1.51 34.67 -22.06
C GLN D 25 -0.95 34.22 -20.73
N VAL D 26 -1.41 33.07 -20.23
CA VAL D 26 -1.07 32.59 -18.90
C VAL D 26 -0.04 31.48 -19.02
N GLU D 27 0.98 31.54 -18.16
CA GLU D 27 1.97 30.48 -18.00
C GLU D 27 2.04 30.13 -16.52
N ILE D 28 1.72 28.88 -16.18
CA ILE D 28 1.62 28.45 -14.79
C ILE D 28 2.76 27.48 -14.50
N ILE D 29 3.36 27.61 -13.33
CA ILE D 29 4.45 26.75 -12.88
C ILE D 29 4.18 26.35 -11.45
N ASP D 30 4.19 25.04 -11.19
CA ASP D 30 3.86 24.50 -9.88
C ASP D 30 4.81 23.37 -9.54
N GLN D 31 5.36 23.39 -8.33
CA GLN D 31 6.31 22.37 -7.87
C GLN D 31 5.62 21.21 -7.14
N ASN D 32 4.37 21.38 -6.75
CA ASN D 32 3.62 20.37 -5.99
C ASN D 32 4.46 19.83 -4.83
N HIS D 33 4.78 20.73 -3.91
CA HIS D 33 5.50 20.34 -2.71
C HIS D 33 4.75 19.24 -1.96
N PRO D 34 5.45 18.44 -1.16
CA PRO D 34 4.75 17.54 -0.24
C PRO D 34 3.91 18.33 0.74
N GLY D 35 2.67 17.87 0.96
CA GLY D 35 1.78 18.56 1.86
C GLY D 35 1.04 19.73 1.25
N LYS D 36 0.98 19.79 -0.08
CA LYS D 36 0.18 20.81 -0.76
C LYS D 36 -1.20 20.88 -0.13
N ALA D 37 -1.54 22.08 0.38
CA ALA D 37 -2.76 22.22 1.16
C ALA D 37 -3.99 21.81 0.38
N THR D 38 -4.08 22.23 -0.89
CA THR D 38 -5.30 22.02 -1.65
C THR D 38 -5.60 20.53 -1.83
N LEU D 39 -4.58 19.68 -1.79
CA LEU D 39 -4.77 18.25 -1.97
C LEU D 39 -5.37 17.57 -0.74
N ALA D 40 -5.23 18.18 0.43
CA ALA D 40 -5.75 17.62 1.66
C ALA D 40 -6.98 18.34 2.20
N GLY D 41 -7.38 19.45 1.57
CA GLY D 41 -8.51 20.22 2.03
C GLY D 41 -9.81 19.45 2.08
N ALA D 42 -10.48 19.47 3.24
CA ALA D 42 -11.73 18.74 3.41
C ALA D 42 -12.78 19.24 2.42
N GLY D 43 -13.11 20.53 2.49
CA GLY D 43 -14.02 21.12 1.53
C GLY D 43 -15.38 21.53 2.08
N VAL D 44 -15.42 22.05 3.29
CA VAL D 44 -16.65 22.56 3.87
C VAL D 44 -16.85 24.01 3.45
N VAL D 45 -18.08 24.35 3.07
CA VAL D 45 -18.42 25.70 2.61
C VAL D 45 -19.64 26.14 3.42
N CYS D 46 -19.40 26.87 4.52
CA CYS D 46 -20.47 27.30 5.40
C CYS D 46 -20.00 28.45 6.28
N PRO D 47 -19.96 29.68 5.77
CA PRO D 47 -19.41 30.79 6.56
C PRO D 47 -20.33 31.27 7.66
N TRP D 48 -21.64 31.05 7.50
CA TRP D 48 -22.61 31.68 8.41
C TRP D 48 -22.44 31.19 9.84
N ALA D 49 -21.88 29.99 10.04
CA ALA D 49 -21.74 29.41 11.37
C ALA D 49 -20.39 29.66 12.00
N THR D 50 -19.45 30.25 11.27
CA THR D 50 -18.09 30.41 11.79
C THR D 50 -18.09 31.29 13.03
N GLU D 51 -17.31 30.88 14.03
CA GLU D 51 -17.24 31.61 15.29
C GLU D 51 -16.36 32.84 15.20
N ALA D 52 -15.38 32.84 14.31
CA ALA D 52 -14.46 33.96 14.16
C ALA D 52 -15.22 35.16 13.58
N ASP D 53 -15.54 36.13 14.44
CA ASP D 53 -16.31 37.31 14.04
C ASP D 53 -15.34 38.48 13.82
N ASP D 54 -14.65 38.44 12.68
CA ASP D 54 -13.73 39.50 12.27
C ASP D 54 -14.25 40.12 10.97
N PRO D 55 -14.68 41.38 10.98
CA PRO D 55 -15.26 41.94 9.75
C PRO D 55 -14.26 42.07 8.62
N ASP D 56 -13.00 42.36 8.93
CA ASP D 56 -11.99 42.46 7.88
C ASP D 56 -11.81 41.13 7.16
N TRP D 57 -11.96 40.02 7.88
CA TRP D 57 -11.84 38.69 7.29
C TRP D 57 -13.18 38.13 6.84
N TYR D 58 -14.24 38.38 7.60
CA TYR D 58 -15.56 37.86 7.24
C TYR D 58 -16.13 38.55 6.00
N LEU D 59 -15.66 39.74 5.68
CA LEU D 59 -16.13 40.42 4.48
C LEU D 59 -15.94 39.54 3.24
N LEU D 60 -14.76 38.92 3.13
CA LEU D 60 -14.50 38.03 2.00
C LEU D 60 -15.09 36.65 2.22
N TYR D 61 -15.13 36.18 3.46
CA TYR D 61 -15.64 34.84 3.72
C TYR D 61 -17.07 34.70 3.22
N ALA D 62 -17.96 35.60 3.64
CA ALA D 62 -19.33 35.57 3.15
C ALA D 62 -19.40 35.88 1.66
N ARG D 63 -18.68 36.90 1.22
CA ARG D 63 -18.68 37.27 -0.18
C ARG D 63 -18.21 36.12 -1.06
N GLY D 64 -17.15 35.42 -0.64
CA GLY D 64 -16.59 34.35 -1.45
C GLY D 64 -17.45 33.10 -1.44
N ALA D 65 -18.21 32.87 -0.37
CA ALA D 65 -19.04 31.68 -0.28
C ALA D 65 -20.16 31.71 -1.32
N ARG D 66 -20.92 32.80 -1.37
CA ARG D 66 -22.02 32.88 -2.33
C ARG D 66 -21.54 33.02 -3.76
N TYR D 67 -20.23 33.12 -4.00
CA TYR D 67 -19.72 33.08 -5.36
C TYR D 67 -19.73 31.67 -5.92
N TYR D 68 -19.85 30.65 -5.06
CA TYR D 68 -19.89 29.27 -5.54
C TYR D 68 -21.07 29.03 -6.46
N GLY D 69 -22.20 29.70 -6.22
CA GLY D 69 -23.34 29.54 -7.10
C GLY D 69 -22.98 29.85 -8.55
N THR D 70 -22.39 31.01 -8.79
CA THR D 70 -21.95 31.35 -10.14
C THR D 70 -20.92 30.36 -10.65
N LEU D 71 -19.99 29.95 -9.79
CA LEU D 71 -18.83 29.19 -10.25
C LEU D 71 -19.22 27.80 -10.73
N ILE D 72 -20.03 27.09 -9.94
CA ILE D 72 -20.39 25.71 -10.30
C ILE D 72 -21.08 25.68 -11.66
N GLU D 73 -21.97 26.63 -11.91
CA GLU D 73 -22.68 26.64 -13.18
C GLU D 73 -21.76 26.99 -14.33
N GLU D 74 -20.93 28.03 -14.16
CA GLU D 74 -19.96 28.37 -15.19
C GLU D 74 -19.05 27.18 -15.49
N LEU D 75 -18.71 26.40 -14.46
CA LEU D 75 -17.95 25.17 -14.68
C LEU D 75 -18.85 24.06 -15.20
N ARG D 76 -20.07 23.94 -14.68
CA ARG D 76 -20.99 22.92 -15.16
C ARG D 76 -21.33 23.12 -16.63
N GLY D 77 -21.45 24.39 -17.05
CA GLY D 77 -21.71 24.70 -18.44
C GLY D 77 -20.45 24.82 -19.26
N GLN D 78 -19.40 24.10 -18.86
CA GLN D 78 -18.12 24.11 -19.55
C GLN D 78 -17.56 22.70 -19.73
N GLY D 79 -18.34 21.67 -19.42
CA GLY D 79 -17.87 20.30 -19.47
C GLY D 79 -17.35 19.76 -18.16
N GLU D 80 -17.19 20.60 -17.14
CA GLU D 80 -16.68 20.20 -15.83
C GLU D 80 -17.86 19.93 -14.92
N THR D 81 -18.18 18.65 -14.72
CA THR D 81 -19.27 18.23 -13.87
C THR D 81 -18.83 17.40 -12.67
N GLU D 82 -17.55 17.05 -12.58
CA GLU D 82 -17.01 16.25 -11.48
C GLU D 82 -16.18 17.21 -10.61
N LEU D 83 -16.86 17.88 -9.69
CA LEU D 83 -16.21 18.79 -8.75
C LEU D 83 -16.33 18.32 -7.32
N GLY D 84 -17.05 17.22 -7.06
CA GLY D 84 -17.34 16.81 -5.71
C GLY D 84 -18.26 17.75 -4.96
N TYR D 85 -18.87 18.72 -5.63
CA TYR D 85 -19.69 19.73 -4.98
C TYR D 85 -21.12 19.24 -4.83
N SER D 86 -21.74 19.60 -3.70
CA SER D 86 -23.12 19.24 -3.44
C SER D 86 -23.64 20.09 -2.29
N ARG D 87 -24.76 20.78 -2.53
CA ARG D 87 -25.40 21.62 -1.52
C ARG D 87 -26.22 20.72 -0.60
N VAL D 88 -25.52 20.00 0.27
CA VAL D 88 -26.14 18.97 1.09
C VAL D 88 -26.66 19.48 2.43
N GLY D 89 -26.36 20.73 2.79
CA GLY D 89 -26.76 21.27 4.07
C GLY D 89 -25.71 21.03 5.14
N ALA D 90 -25.92 21.66 6.30
CA ALA D 90 -24.96 21.62 7.39
C ALA D 90 -25.69 21.49 8.72
N LEU D 91 -25.05 20.78 9.65
CA LEU D 91 -25.54 20.61 11.01
C LEU D 91 -24.53 21.21 11.97
N VAL D 92 -24.96 22.15 12.79
CA VAL D 92 -24.11 22.81 13.77
C VAL D 92 -24.52 22.32 15.15
N LEU D 93 -23.56 21.77 15.90
CA LEU D 93 -23.80 21.21 17.21
C LEU D 93 -23.10 22.05 18.27
N ALA D 94 -23.37 21.73 19.54
CA ALA D 94 -22.75 22.43 20.65
C ALA D 94 -22.82 21.55 21.89
N GLU D 95 -22.01 21.90 22.89
CA GLU D 95 -21.94 21.13 24.11
C GLU D 95 -23.23 21.26 24.91
N ASP D 96 -23.58 22.50 25.28
CA ASP D 96 -24.73 22.78 26.10
C ASP D 96 -25.71 23.65 25.34
N ARG D 97 -26.99 23.59 25.75
CA ARG D 97 -28.02 24.39 25.10
C ARG D 97 -27.67 25.87 25.13
N ALA D 98 -26.97 26.32 26.17
CA ALA D 98 -26.62 27.74 26.28
C ALA D 98 -25.80 28.19 25.08
N ARG D 99 -24.63 27.59 24.88
CA ARG D 99 -23.78 27.96 23.75
C ARG D 99 -24.51 27.78 22.42
N LEU D 100 -25.38 26.75 22.33
CA LEU D 100 -26.14 26.55 21.10
C LEU D 100 -27.09 27.71 20.85
N ASP D 101 -27.59 28.35 21.92
CA ASP D 101 -28.48 29.49 21.76
C ASP D 101 -27.73 30.68 21.17
N THR D 102 -26.53 30.96 21.70
CA THR D 102 -25.76 32.09 21.20
C THR D 102 -25.39 31.91 19.74
N ILE D 103 -25.13 30.66 19.34
CA ILE D 103 -24.75 30.40 17.95
C ILE D 103 -25.94 30.60 17.03
N GLU D 104 -27.11 30.11 17.41
CA GLU D 104 -28.30 30.32 16.59
C GLU D 104 -28.53 31.80 16.33
N GLY D 105 -28.29 32.63 17.34
CA GLY D 105 -28.45 34.07 17.15
C GLY D 105 -27.44 34.64 16.16
N ARG D 106 -26.17 34.26 16.31
CA ARG D 106 -25.14 34.77 15.41
C ARG D 106 -25.40 34.32 13.97
N ILE D 107 -26.00 33.15 13.78
CA ILE D 107 -26.25 32.65 12.44
C ILE D 107 -27.33 33.47 11.75
N SER D 108 -28.47 33.66 12.43
CA SER D 108 -29.59 34.36 11.81
C SER D 108 -29.22 35.80 11.45
N ARG D 109 -28.34 36.42 12.23
CA ARG D 109 -27.96 37.80 11.94
C ARG D 109 -27.28 37.95 10.59
N ARG D 110 -26.59 36.91 10.13
CA ARG D 110 -25.73 36.99 8.96
C ARG D 110 -26.41 36.50 7.68
N ILE D 111 -27.64 35.99 7.76
CA ILE D 111 -28.35 35.51 6.57
C ILE D 111 -29.26 36.58 5.98
N LYS D 112 -29.31 37.78 6.57
CA LYS D 112 -30.21 38.81 6.09
C LYS D 112 -30.08 39.01 4.59
N ASP D 113 -28.89 39.40 4.13
CA ASP D 113 -28.61 39.58 2.72
C ASP D 113 -27.84 38.40 2.14
N ALA D 114 -28.11 37.19 2.61
CA ALA D 114 -27.48 35.97 2.10
C ALA D 114 -28.53 34.87 2.11
N PRO D 115 -29.46 34.89 1.16
CA PRO D 115 -30.54 33.89 1.15
C PRO D 115 -30.08 32.49 0.78
N GLU D 116 -28.82 32.32 0.37
CA GLU D 116 -28.33 30.98 0.04
C GLU D 116 -28.45 30.02 1.21
N ALA D 117 -28.51 30.53 2.43
CA ALA D 117 -28.59 29.66 3.61
C ALA D 117 -29.93 28.95 3.72
N GLY D 118 -30.98 29.50 3.10
CA GLY D 118 -32.30 28.89 3.23
C GLY D 118 -32.96 29.22 4.55
N THR D 119 -33.80 28.30 5.01
CA THR D 119 -34.56 28.49 6.25
C THR D 119 -33.87 27.69 7.36
N VAL D 120 -33.23 28.41 8.29
CA VAL D 120 -32.57 27.76 9.42
C VAL D 120 -33.62 27.24 10.38
N ARG D 121 -33.43 26.01 10.84
CA ARG D 121 -34.35 25.34 11.76
C ARG D 121 -33.55 24.72 12.88
N ARG D 122 -34.01 24.90 14.12
CA ARG D 122 -33.34 24.33 15.27
C ARG D 122 -33.88 22.93 15.54
N LEU D 123 -33.01 21.93 15.42
CA LEU D 123 -33.36 20.55 15.69
C LEU D 123 -33.08 20.21 17.15
N GLY D 124 -33.63 19.08 17.60
CA GLY D 124 -33.44 18.66 18.97
C GLY D 124 -33.81 17.20 19.15
N ALA D 125 -33.16 16.57 20.13
CA ALA D 125 -33.47 15.19 20.53
C ALA D 125 -33.38 14.24 19.33
N GLY D 126 -32.18 14.16 18.76
CA GLY D 126 -31.88 13.18 17.74
C GLY D 126 -32.39 13.48 16.35
N GLU D 127 -33.03 14.64 16.14
CA GLU D 127 -33.45 15.00 14.79
C GLU D 127 -32.25 15.14 13.86
N ALA D 128 -31.12 15.62 14.40
CA ALA D 128 -29.90 15.71 13.59
C ALA D 128 -29.39 14.33 13.20
N LYS D 129 -29.55 13.34 14.07
CA LYS D 129 -29.08 11.98 13.77
C LYS D 129 -29.83 11.40 12.58
N ARG D 130 -31.07 11.83 12.35
CA ARG D 130 -31.85 11.29 11.23
C ARG D 130 -31.25 11.68 9.89
N LEU D 131 -30.55 12.81 9.83
CA LEU D 131 -29.89 13.24 8.60
C LEU D 131 -28.44 12.77 8.52
N PHE D 132 -27.82 12.47 9.66
CA PHE D 132 -26.45 11.94 9.69
C PHE D 132 -26.45 10.79 10.68
N PRO D 133 -26.74 9.58 10.22
CA PRO D 133 -27.03 8.47 11.15
C PRO D 133 -25.95 8.29 12.21
N PRO D 134 -24.66 8.36 11.83
CA PRO D 134 -23.63 8.08 12.84
C PRO D 134 -23.66 8.97 14.07
N LEU D 135 -24.31 10.13 14.01
CA LEU D 135 -24.33 11.04 15.14
C LEU D 135 -24.99 10.39 16.36
N ARG D 136 -24.81 11.03 17.52
CA ARG D 136 -25.49 10.61 18.73
C ARG D 136 -26.93 11.08 18.73
N ASP D 137 -27.81 10.27 19.33
CA ASP D 137 -29.22 10.60 19.39
C ASP D 137 -29.51 11.77 20.32
N ASP D 138 -28.62 12.05 21.26
CA ASP D 138 -28.86 13.08 22.28
C ASP D 138 -28.30 14.45 21.89
N LEU D 139 -28.14 14.72 20.60
CA LEU D 139 -27.50 15.95 20.12
C LEU D 139 -28.53 16.85 19.48
N GLU D 140 -28.75 18.01 20.07
CA GLU D 140 -29.49 19.09 19.41
C GLU D 140 -28.56 19.76 18.40
N ALA D 141 -29.16 20.35 17.36
CA ALA D 141 -28.37 20.93 16.30
C ALA D 141 -29.14 22.06 15.64
N ILE D 142 -28.42 22.81 14.81
CA ILE D 142 -28.98 23.88 13.98
C ILE D 142 -28.70 23.50 12.54
N HIS D 143 -29.76 23.40 11.74
CA HIS D 143 -29.65 22.97 10.36
C HIS D 143 -29.58 24.18 9.43
N ILE D 144 -28.54 24.24 8.62
CA ILE D 144 -28.35 25.30 7.64
C ILE D 144 -28.42 24.67 6.25
N PRO D 145 -29.58 24.69 5.60
CA PRO D 145 -29.70 24.00 4.30
C PRO D 145 -28.73 24.49 3.24
N GLY D 146 -28.18 25.70 3.38
CA GLY D 146 -27.32 26.24 2.34
C GLY D 146 -25.89 25.79 2.40
N GLY D 147 -25.45 25.20 3.51
CA GLY D 147 -24.10 24.69 3.61
C GLY D 147 -23.82 23.58 2.61
N ALA D 148 -22.67 23.66 1.95
CA ALA D 148 -22.29 22.69 0.92
C ALA D 148 -20.90 22.14 1.23
N ARG D 149 -20.50 21.13 0.47
CA ARG D 149 -19.15 20.59 0.52
C ARG D 149 -18.63 20.44 -0.90
N VAL D 150 -17.33 20.19 -1.01
CA VAL D 150 -16.66 20.08 -2.32
C VAL D 150 -15.34 19.37 -2.11
N ASP D 151 -14.80 18.80 -3.18
CA ASP D 151 -13.50 18.15 -3.16
C ASP D 151 -12.48 19.17 -3.69
N GLY D 152 -11.72 19.77 -2.78
CA GLY D 152 -10.76 20.79 -3.16
C GLY D 152 -9.79 20.32 -4.23
N ARG D 153 -9.42 19.04 -4.20
CA ARG D 153 -8.49 18.51 -5.20
C ARG D 153 -9.11 18.55 -6.59
N LEU D 154 -10.37 18.15 -6.73
CA LEU D 154 -11.00 18.09 -8.05
C LEU D 154 -11.35 19.49 -8.55
N LEU D 155 -11.74 20.39 -7.65
CA LEU D 155 -12.10 21.74 -8.07
C LEU D 155 -10.90 22.45 -8.70
N ALA D 156 -9.75 22.39 -8.03
CA ALA D 156 -8.57 23.05 -8.56
C ALA D 156 -8.17 22.49 -9.92
N ALA D 157 -8.34 21.18 -10.10
CA ALA D 157 -8.00 20.59 -11.40
C ALA D 157 -8.96 21.05 -12.48
N SER D 158 -10.25 21.19 -12.15
CA SER D 158 -11.23 21.61 -13.15
C SER D 158 -10.93 23.01 -13.65
N MET D 159 -10.71 23.96 -12.74
CA MET D 159 -10.36 25.32 -13.16
C MET D 159 -9.14 25.31 -14.07
N LEU D 160 -8.10 24.58 -13.69
CA LEU D 160 -6.89 24.52 -14.51
C LEU D 160 -7.20 24.00 -15.91
N ARG D 161 -8.00 22.93 -16.00
CA ARG D 161 -8.32 22.37 -17.30
C ARG D 161 -9.02 23.40 -18.18
N VAL D 162 -9.95 24.17 -17.62
CA VAL D 162 -10.61 25.22 -18.38
C VAL D 162 -9.60 26.29 -18.78
N ALA D 163 -8.67 26.62 -17.88
CA ALA D 163 -7.66 27.61 -18.21
C ALA D 163 -6.74 27.12 -19.32
N ILE D 164 -6.37 25.83 -19.29
CA ILE D 164 -5.49 25.29 -20.33
C ILE D 164 -6.24 25.20 -21.65
N SER D 165 -7.54 24.87 -21.62
CA SER D 165 -8.33 24.87 -22.83
C SER D 165 -8.46 26.28 -23.41
N SER D 166 -8.15 27.31 -22.62
CA SER D 166 -8.20 28.69 -23.08
C SER D 166 -6.79 29.27 -23.26
N GLY D 167 -5.84 28.43 -23.66
CA GLY D 167 -4.52 28.89 -24.01
C GLY D 167 -3.56 29.05 -22.85
N ALA D 168 -3.77 28.34 -21.74
CA ALA D 168 -2.86 28.38 -20.62
C ALA D 168 -1.92 27.18 -20.66
N THR D 169 -0.78 27.32 -19.99
CA THR D 169 0.23 26.28 -19.95
C THR D 169 0.55 25.94 -18.50
N LEU D 170 0.88 24.67 -18.26
CA LEU D 170 1.20 24.17 -16.93
C LEU D 170 2.53 23.43 -16.99
N ARG D 171 3.41 23.72 -16.03
CA ARG D 171 4.73 23.11 -15.99
C ARG D 171 5.07 22.77 -14.55
N ASN D 172 6.01 21.83 -14.39
CA ASN D 172 6.47 21.38 -13.09
C ASN D 172 7.90 21.84 -12.88
N ASP D 173 8.10 22.71 -11.88
CA ASP D 173 9.42 23.28 -11.63
C ASP D 173 9.37 24.05 -10.33
N TYR D 174 10.55 24.24 -9.73
CA TYR D 174 10.69 25.07 -8.53
C TYR D 174 11.39 26.36 -8.95
N VAL D 175 10.65 27.46 -8.93
CA VAL D 175 11.11 28.71 -9.50
C VAL D 175 11.51 29.66 -8.38
N SER D 176 12.19 30.75 -8.76
CA SER D 176 12.68 31.74 -7.83
C SER D 176 12.34 33.13 -8.34
N LEU D 177 12.64 34.14 -7.54
CA LEU D 177 12.35 35.53 -7.88
C LEU D 177 13.61 36.37 -7.76
N ARG D 178 13.68 37.40 -8.59
CA ARG D 178 14.85 38.27 -8.65
C ARG D 178 14.40 39.69 -8.94
N LEU D 179 15.18 40.66 -8.45
CA LEU D 179 14.89 42.08 -8.63
C LEU D 179 15.76 42.60 -9.77
N ASN D 180 15.14 42.84 -10.92
CA ASN D 180 15.85 43.26 -12.14
C ASN D 180 15.35 44.64 -12.53
N ASP D 181 16.06 45.67 -12.08
CA ASP D 181 15.72 47.06 -12.35
C ASP D 181 14.27 47.35 -11.97
N GLY D 182 13.97 47.11 -10.69
CA GLY D 182 12.65 47.38 -10.15
C GLY D 182 11.58 46.38 -10.52
N ARG D 183 11.80 45.56 -11.53
CA ARG D 183 10.81 44.59 -11.96
C ARG D 183 11.05 43.25 -11.27
N ALA D 184 9.97 42.48 -11.11
CA ALA D 184 10.08 41.11 -10.60
C ALA D 184 10.34 40.18 -11.78
N GLU D 185 11.40 39.40 -11.68
CA GLU D 185 11.79 38.46 -12.72
C GLU D 185 11.86 37.06 -12.14
N CYS D 186 11.40 36.08 -12.91
CA CYS D 186 11.29 34.70 -12.45
C CYS D 186 12.34 33.84 -13.15
N LEU D 187 13.14 33.14 -12.36
CA LEU D 187 14.19 32.26 -12.87
C LEU D 187 13.83 30.81 -12.57
N GLY D 188 13.89 29.96 -13.59
CA GLY D 188 13.62 28.55 -13.43
C GLY D 188 14.79 27.81 -12.80
N SER D 189 14.63 26.49 -12.70
CA SER D 189 15.69 25.65 -12.15
C SER D 189 16.96 25.77 -12.98
N ASP D 190 16.83 25.82 -14.31
CA ASP D 190 17.98 25.98 -15.17
C ASP D 190 18.71 27.29 -14.93
N GLY D 191 18.02 28.30 -14.39
CA GLY D 191 18.59 29.61 -14.18
C GLY D 191 18.21 30.64 -15.21
N ARG D 192 17.71 30.21 -16.37
CA ARG D 192 17.29 31.14 -17.39
C ARG D 192 16.01 31.86 -16.94
N PRO D 193 15.83 33.12 -17.33
CA PRO D 193 14.63 33.84 -16.92
C PRO D 193 13.39 33.30 -17.63
N ILE D 194 12.24 33.61 -17.05
CA ILE D 194 10.95 33.23 -17.60
C ILE D 194 10.19 34.52 -17.95
N PRO D 195 10.27 34.99 -19.18
CA PRO D 195 9.62 36.27 -19.53
C PRO D 195 8.17 36.31 -19.08
N ALA D 196 7.82 37.37 -18.36
CA ALA D 196 6.45 37.56 -17.87
C ALA D 196 6.23 39.03 -17.62
N ASP D 197 5.13 39.57 -18.17
CA ASP D 197 4.79 40.97 -17.94
C ASP D 197 4.34 41.20 -16.51
N GLU D 198 3.65 40.23 -15.92
CA GLU D 198 3.14 40.33 -14.56
C GLU D 198 3.29 38.99 -13.88
N ILE D 199 3.64 39.01 -12.59
CA ILE D 199 3.89 37.81 -11.80
C ILE D 199 2.93 37.79 -10.63
N ILE D 200 2.26 36.66 -10.44
CA ILE D 200 1.39 36.42 -9.29
C ILE D 200 1.98 35.27 -8.49
N VAL D 201 2.00 35.42 -7.17
CA VAL D 201 2.61 34.45 -6.26
C VAL D 201 1.51 33.88 -5.39
N THR D 202 1.07 32.66 -5.71
CA THR D 202 0.10 31.93 -4.90
C THR D 202 0.77 30.67 -4.35
N ALA D 203 1.98 30.82 -3.84
CA ALA D 203 2.83 29.71 -3.44
C ALA D 203 2.41 29.07 -2.11
N GLY D 204 1.31 29.50 -1.51
CA GLY D 204 0.90 28.89 -0.26
C GLY D 204 1.93 29.09 0.83
N ALA D 205 2.10 28.07 1.67
CA ALA D 205 2.98 28.20 2.82
C ALA D 205 4.43 28.46 2.41
N TRP D 206 4.82 27.98 1.23
CA TRP D 206 6.20 28.11 0.78
C TRP D 206 6.51 29.50 0.21
N ALA D 207 5.54 30.42 0.25
CA ALA D 207 5.76 31.74 -0.32
C ALA D 207 6.87 32.49 0.39
N ALA D 208 6.88 32.44 1.72
CA ALA D 208 7.86 33.21 2.49
C ALA D 208 9.28 32.91 2.06
N GLN D 209 9.53 31.72 1.52
CA GLN D 209 10.89 31.32 1.17
C GLN D 209 11.39 32.06 -0.08
N ILE D 210 10.55 32.17 -1.10
CA ILE D 210 10.99 32.85 -2.33
C ILE D 210 10.84 34.36 -2.20
N LEU D 211 9.88 34.83 -1.39
CA LEU D 211 9.72 36.27 -1.21
C LEU D 211 10.87 36.85 -0.40
N ALA D 212 11.44 36.08 0.52
CA ALA D 212 12.61 36.55 1.25
C ALA D 212 13.77 36.85 0.31
N LEU D 213 13.77 36.26 -0.89
CA LEU D 213 14.80 36.57 -1.87
C LEU D 213 14.73 38.01 -2.35
N LEU D 214 13.57 38.66 -2.19
CA LEU D 214 13.41 40.06 -2.55
C LEU D 214 13.44 40.97 -1.33
N GLY D 215 13.92 40.47 -0.20
CA GLY D 215 13.95 41.25 1.03
C GLY D 215 12.61 41.43 1.69
N LEU D 216 11.56 40.79 1.18
CA LEU D 216 10.24 40.92 1.76
C LEU D 216 10.11 40.02 2.99
N ARG D 217 9.25 40.44 3.92
CA ARG D 217 8.91 39.65 5.10
C ARG D 217 7.46 39.23 4.97
N HIS D 218 7.26 37.97 4.58
CA HIS D 218 5.92 37.44 4.36
C HIS D 218 5.46 36.67 5.58
N PRO D 219 4.51 37.20 6.38
CA PRO D 219 4.10 36.53 7.62
C PRO D 219 3.07 35.43 7.39
N VAL D 220 3.46 34.42 6.61
CA VAL D 220 2.62 33.26 6.34
C VAL D 220 3.47 32.02 6.53
N VAL D 221 3.12 31.21 7.52
CA VAL D 221 3.90 30.02 7.86
C VAL D 221 2.95 28.82 7.79
N PRO D 222 3.50 27.62 7.60
CA PRO D 222 2.65 26.43 7.47
C PRO D 222 2.08 25.98 8.80
N GLN D 223 0.81 25.56 8.77
CA GLN D 223 0.14 24.96 9.92
C GLN D 223 -0.27 23.55 9.49
N LYS D 224 0.47 22.56 9.97
CA LYS D 224 0.20 21.18 9.60
C LYS D 224 -1.20 20.76 10.04
N GLY D 225 -1.86 19.97 9.18
CA GLY D 225 -3.17 19.44 9.51
C GLY D 225 -3.37 18.05 8.95
N GLN D 226 -3.69 17.10 9.82
CA GLN D 226 -3.92 15.72 9.43
C GLN D 226 -5.42 15.45 9.40
N ILE D 227 -5.87 14.78 8.33
CA ILE D 227 -7.28 14.57 8.08
C ILE D 227 -7.49 13.11 7.71
N ILE D 228 -8.58 12.52 8.23
CA ILE D 228 -8.83 11.09 8.10
C ILE D 228 -10.00 10.87 7.16
N HIS D 229 -9.88 9.85 6.30
CA HIS D 229 -10.94 9.45 5.39
C HIS D 229 -11.43 8.05 5.80
N LEU D 230 -12.74 7.91 5.95
CA LEU D 230 -13.35 6.65 6.34
C LEU D 230 -14.25 6.13 5.21
N HIS D 231 -14.49 4.82 5.22
CA HIS D 231 -15.35 4.18 4.24
C HIS D 231 -16.41 3.38 4.98
N LEU D 232 -17.68 3.60 4.59
CA LEU D 232 -18.80 2.86 5.17
C LEU D 232 -19.21 1.78 4.17
N PRO D 233 -18.78 0.53 4.37
CA PRO D 233 -19.07 -0.50 3.36
C PRO D 233 -20.57 -0.63 3.09
N GLY D 234 -20.96 -0.37 1.84
CA GLY D 234 -22.34 -0.50 1.42
C GLY D 234 -23.28 0.40 2.20
N VAL D 235 -23.00 1.71 2.19
CA VAL D 235 -23.86 2.70 2.84
C VAL D 235 -23.92 3.93 1.96
N ALA D 236 -25.15 4.36 1.64
CA ALA D 236 -25.35 5.52 0.77
C ALA D 236 -25.21 6.79 1.59
N THR D 237 -24.26 7.65 1.19
CA THR D 237 -23.94 8.86 1.93
C THR D 237 -24.01 10.12 1.07
N SER D 238 -24.53 10.02 -0.17
CA SER D 238 -24.53 11.19 -1.04
C SER D 238 -25.42 12.30 -0.50
N GLY D 239 -26.43 11.96 0.30
CA GLY D 239 -27.34 12.93 0.85
C GLY D 239 -27.00 13.44 2.23
N TRP D 240 -25.96 12.92 2.85
CA TRP D 240 -25.63 13.31 4.21
C TRP D 240 -25.09 14.74 4.22
N PRO D 241 -25.48 15.55 5.20
CA PRO D 241 -24.99 16.93 5.28
C PRO D 241 -23.62 17.00 5.95
N VAL D 242 -23.12 18.22 6.08
CA VAL D 242 -21.87 18.47 6.79
C VAL D 242 -22.19 18.66 8.27
N VAL D 243 -21.19 18.41 9.11
CA VAL D 243 -21.35 18.49 10.57
C VAL D 243 -20.26 19.41 11.12
N LEU D 244 -20.67 20.40 11.91
CA LEU D 244 -19.77 21.40 12.47
C LEU D 244 -19.97 21.45 13.98
N PRO D 245 -19.25 20.63 14.75
CA PRO D 245 -19.44 20.61 16.20
C PRO D 245 -18.96 21.88 16.91
N MET D 246 -18.35 22.82 16.21
CA MET D 246 -17.89 24.07 16.81
C MET D 246 -16.84 23.79 17.91
N ASN D 247 -15.94 22.85 17.63
CA ASN D 247 -14.91 22.46 18.58
C ASN D 247 -13.58 22.27 17.88
N SER D 248 -13.32 23.10 16.88
CA SER D 248 -12.12 23.06 16.04
C SER D 248 -12.09 21.86 15.11
N TYR D 249 -13.08 20.97 15.17
CA TYR D 249 -13.16 19.81 14.32
C TYR D 249 -14.45 19.86 13.49
N TYR D 250 -14.63 18.85 12.65
CA TYR D 250 -15.75 18.82 11.71
C TYR D 250 -15.72 17.46 11.01
N MET D 251 -16.71 17.23 10.15
CA MET D 251 -16.72 16.04 9.31
C MET D 251 -17.81 16.19 8.26
N LEU D 252 -17.58 15.58 7.10
CA LEU D 252 -18.50 15.65 5.98
C LEU D 252 -18.54 14.30 5.30
N ALA D 253 -19.48 14.15 4.35
CA ALA D 253 -19.67 12.91 3.64
C ALA D 253 -19.68 13.15 2.14
N PHE D 254 -19.10 12.22 1.39
CA PHE D 254 -19.07 12.26 -0.07
C PHE D 254 -19.93 11.13 -0.62
N ASP D 255 -20.00 11.08 -1.95
CA ASP D 255 -20.93 10.16 -2.61
C ASP D 255 -20.48 8.70 -2.45
N ASP D 256 -19.18 8.45 -2.52
CA ASP D 256 -18.67 7.08 -2.58
C ASP D 256 -18.55 6.45 -1.19
N SER D 257 -19.63 6.48 -0.41
CA SER D 257 -19.65 5.84 0.91
C SER D 257 -18.44 6.24 1.74
N ARG D 258 -18.04 7.50 1.61
CA ARG D 258 -16.83 8.01 2.24
C ARG D 258 -17.19 9.14 3.21
N VAL D 259 -16.52 9.14 4.36
CA VAL D 259 -16.71 10.14 5.39
C VAL D 259 -15.36 10.68 5.82
N VAL D 260 -15.23 12.00 5.85
CA VAL D 260 -13.99 12.68 6.23
C VAL D 260 -14.21 13.37 7.57
N VAL D 261 -13.18 13.39 8.41
CA VAL D 261 -13.29 13.92 9.76
C VAL D 261 -12.33 15.09 9.94
N GLY D 262 -12.69 16.00 10.84
CA GLY D 262 -11.96 17.24 11.03
C GLY D 262 -10.47 17.07 11.21
N ALA D 263 -9.71 18.14 10.98
CA ALA D 263 -8.26 18.07 10.93
C ALA D 263 -7.63 18.65 12.20
N THR D 264 -6.35 18.36 12.37
CA THR D 264 -5.55 18.90 13.46
C THR D 264 -4.98 20.26 13.07
N ARG D 265 -4.52 21.00 14.07
CA ARG D 265 -3.97 22.34 13.89
C ARG D 265 -2.67 22.41 14.68
N GLU D 266 -1.57 22.06 14.02
CA GLU D 266 -0.27 21.95 14.66
C GLU D 266 0.56 23.17 14.27
N ASP D 267 0.62 24.15 15.17
CA ASP D 267 1.42 25.34 14.93
C ASP D 267 2.90 25.03 15.12
N GLY D 268 3.74 25.85 14.49
CA GLY D 268 5.17 25.65 14.57
C GLY D 268 5.64 24.29 14.11
N SER D 269 4.85 23.63 13.27
CA SER D 269 5.19 22.29 12.80
C SER D 269 6.17 22.30 11.65
N GLY D 270 6.25 23.40 10.90
CA GLY D 270 7.04 23.38 9.69
C GLY D 270 6.40 22.46 8.66
N PHE D 271 7.20 22.09 7.66
CA PHE D 271 6.73 21.20 6.60
C PHE D 271 6.98 19.73 6.99
N ASP D 272 6.38 19.37 8.12
CA ASP D 272 6.54 18.03 8.70
C ASP D 272 5.51 17.10 8.05
N TYR D 273 5.89 16.51 6.92
CA TYR D 273 4.98 15.70 6.11
C TYR D 273 5.02 14.27 6.64
N ARG D 274 4.37 14.06 7.78
CA ARG D 274 4.29 12.76 8.44
C ARG D 274 2.92 12.61 9.09
N VAL D 275 2.39 11.38 9.08
CA VAL D 275 1.16 11.06 9.77
C VAL D 275 1.54 10.58 11.17
N THR D 276 1.24 11.39 12.19
CA THR D 276 1.66 11.11 13.55
C THR D 276 0.58 10.35 14.31
N ALA D 277 0.97 9.84 15.49
CA ALA D 277 0.06 9.07 16.32
C ALA D 277 -0.97 9.97 17.01
N ARG D 278 -0.50 10.98 17.76
CA ARG D 278 -1.42 11.85 18.47
C ARG D 278 -2.38 12.54 17.51
N GLY D 279 -1.88 12.98 16.35
CA GLY D 279 -2.75 13.62 15.38
C GLY D 279 -3.94 12.76 15.02
N GLN D 280 -3.70 11.48 14.74
CA GLN D 280 -4.79 10.58 14.40
C GLN D 280 -5.67 10.29 15.60
N LEU D 281 -5.09 10.22 16.80
CA LEU D 281 -5.89 10.00 18.00
C LEU D 281 -6.85 11.15 18.23
N GLU D 282 -6.36 12.39 18.11
CA GLU D 282 -7.22 13.56 18.30
C GLU D 282 -8.40 13.53 17.35
N VAL D 283 -8.15 13.27 16.06
CA VAL D 283 -9.22 13.31 15.08
C VAL D 283 -10.18 12.16 15.29
N LEU D 284 -9.66 10.96 15.59
CA LEU D 284 -10.55 9.83 15.84
C LEU D 284 -11.40 10.05 17.08
N GLN D 285 -10.80 10.57 18.16
CA GLN D 285 -11.57 10.87 19.37
C GLN D 285 -12.66 11.88 19.08
N ALA D 286 -12.30 13.01 18.46
CA ALA D 286 -13.29 14.04 18.15
C ALA D 286 -14.39 13.50 17.24
N GLY D 287 -14.01 12.67 16.27
CA GLY D 287 -14.98 12.11 15.34
C GLY D 287 -15.91 11.11 16.00
N LEU D 288 -15.36 10.06 16.59
CA LEU D 288 -16.19 9.05 17.24
C LEU D 288 -16.88 9.61 18.48
N GLY D 289 -16.30 10.64 19.11
CA GLY D 289 -16.92 11.21 20.29
C GLY D 289 -18.32 11.73 20.01
N ILE D 290 -18.54 12.31 18.82
CA ILE D 290 -19.84 12.81 18.44
C ILE D 290 -20.58 11.86 17.50
N ALA D 291 -19.88 10.93 16.87
CA ALA D 291 -20.47 10.03 15.87
C ALA D 291 -20.00 8.61 16.16
N PRO D 292 -20.57 7.97 17.19
CA PRO D 292 -20.18 6.58 17.48
C PRO D 292 -20.46 5.61 16.35
N GLY D 293 -21.34 5.97 15.41
CA GLY D 293 -21.64 5.07 14.31
C GLY D 293 -20.47 4.80 13.39
N LEU D 294 -19.45 5.66 13.41
CA LEU D 294 -18.26 5.48 12.60
C LEU D 294 -17.24 4.53 13.24
N ALA D 295 -17.62 3.83 14.31
CA ALA D 295 -16.67 2.99 15.01
C ALA D 295 -16.10 1.90 14.10
N ASP D 296 -16.96 1.21 13.36
CA ASP D 296 -16.57 0.07 12.55
C ASP D 296 -16.33 0.45 11.09
N ALA D 297 -16.08 1.73 10.81
CA ALA D 297 -15.81 2.17 9.46
C ALA D 297 -14.36 1.88 9.08
N THR D 298 -14.14 1.57 7.81
CA THR D 298 -12.80 1.30 7.33
C THR D 298 -12.00 2.59 7.23
N HIS D 299 -10.78 2.58 7.74
CA HIS D 299 -9.86 3.69 7.59
C HIS D 299 -9.08 3.49 6.29
N ILE D 300 -9.34 4.34 5.31
CA ILE D 300 -8.79 4.16 3.97
C ILE D 300 -7.53 5.00 3.77
N GLU D 301 -7.48 6.20 4.35
CA GLU D 301 -6.39 7.11 4.04
C GLU D 301 -6.33 8.21 5.10
N THR D 302 -5.13 8.74 5.29
CA THR D 302 -4.91 9.92 6.13
C THR D 302 -4.02 10.88 5.36
N ARG D 303 -4.57 12.04 5.02
CA ARG D 303 -3.85 13.05 4.24
C ARG D 303 -3.23 14.09 5.16
N VAL D 304 -2.20 14.75 4.65
CA VAL D 304 -1.50 15.80 5.37
C VAL D 304 -1.38 17.02 4.46
N GLY D 305 -1.63 18.19 5.03
CA GLY D 305 -1.51 19.43 4.28
C GLY D 305 -1.06 20.54 5.19
N PHE D 306 -0.39 21.53 4.61
CA PHE D 306 0.16 22.67 5.34
C PHE D 306 -0.63 23.91 4.97
N ARG D 307 -1.43 24.41 5.91
CA ARG D 307 -2.27 25.56 5.64
C ARG D 307 -1.39 26.81 5.48
N PRO D 308 -1.74 27.71 4.56
CA PRO D 308 -1.07 29.03 4.54
C PRO D 308 -1.58 29.91 5.67
N ALA D 309 -1.15 29.61 6.89
CA ALA D 309 -1.61 30.33 8.07
C ALA D 309 -0.81 31.61 8.25
N GLY D 310 -1.49 32.76 8.23
CA GLY D 310 -0.83 34.04 8.39
C GLY D 310 -0.91 34.54 9.83
N SER D 311 -0.10 35.58 10.09
CA SER D 311 -0.08 36.18 11.42
C SER D 311 -1.48 36.62 11.82
N ALA D 312 -2.16 37.37 10.95
CA ALA D 312 -3.56 37.70 11.12
C ALA D 312 -4.41 36.74 10.29
N MET D 313 -5.60 36.43 10.80
CA MET D 313 -6.51 35.56 10.07
C MET D 313 -6.92 36.18 8.74
N ARG D 314 -6.77 37.49 8.58
CA ARG D 314 -7.06 38.13 7.31
C ARG D 314 -6.00 37.75 6.28
N PRO D 315 -6.39 37.49 5.03
CA PRO D 315 -5.41 37.06 4.02
C PRO D 315 -4.53 38.21 3.54
N ILE D 316 -3.67 37.94 2.57
CA ILE D 316 -2.79 38.94 1.97
C ILE D 316 -3.01 38.88 0.46
N LEU D 317 -3.58 39.95 -0.09
CA LEU D 317 -3.85 40.05 -1.52
C LEU D 317 -3.51 41.44 -2.00
N GLY D 318 -2.87 41.52 -3.16
CA GLY D 318 -2.59 42.79 -3.80
C GLY D 318 -1.14 42.91 -4.22
N ARG D 319 -0.88 43.98 -4.99
CA ARG D 319 0.45 44.22 -5.52
C ARG D 319 1.45 44.47 -4.39
N VAL D 320 2.71 44.15 -4.67
CA VAL D 320 3.78 44.39 -3.71
C VAL D 320 4.23 45.85 -3.81
N PRO D 321 4.27 46.60 -2.71
CA PRO D 321 4.68 48.00 -2.80
C PRO D 321 6.14 48.12 -3.23
N GLN D 322 6.38 49.06 -4.14
CA GLN D 322 7.71 49.49 -4.58
C GLN D 322 8.41 48.47 -5.47
N ILE D 323 7.80 47.32 -5.74
CA ILE D 323 8.32 46.34 -6.70
C ILE D 323 7.33 46.28 -7.86
N ALA D 324 7.86 46.38 -9.08
CA ALA D 324 7.04 46.49 -10.28
C ALA D 324 6.69 45.11 -10.83
N GLY D 325 5.45 44.97 -11.29
CA GLY D 325 5.03 43.73 -11.94
C GLY D 325 5.02 42.52 -11.02
N LEU D 326 4.66 42.72 -9.75
CA LEU D 326 4.62 41.63 -8.79
C LEU D 326 3.32 41.73 -7.99
N THR D 327 2.62 40.60 -7.88
CA THR D 327 1.39 40.50 -7.11
C THR D 327 1.46 39.27 -6.22
N ILE D 328 0.88 39.37 -5.02
CA ILE D 328 0.94 38.30 -4.03
C ILE D 328 -0.47 37.93 -3.60
N GLY D 329 -0.71 36.63 -3.48
CA GLY D 329 -1.93 36.13 -2.87
C GLY D 329 -1.62 34.96 -1.95
N ASN D 330 -1.96 35.09 -0.67
CA ASN D 330 -1.63 34.05 0.31
C ASN D 330 -2.37 34.37 1.60
N GLY D 331 -2.26 33.46 2.57
CA GLY D 331 -2.87 33.65 3.87
C GLY D 331 -4.25 33.04 4.01
N LEU D 332 -4.66 32.16 3.10
CA LEU D 332 -6.00 31.59 3.15
C LEU D 332 -6.23 30.76 4.41
N GLY D 333 -5.16 30.28 5.04
CA GLY D 333 -5.31 29.61 6.33
C GLY D 333 -6.18 28.36 6.22
N ALA D 334 -7.19 28.29 7.08
CA ALA D 334 -8.04 27.12 7.19
C ALA D 334 -9.37 27.25 6.45
N SER D 335 -9.59 28.37 5.76
CA SER D 335 -10.83 28.61 5.03
C SER D 335 -10.55 28.87 3.55
N GLY D 336 -9.48 28.27 3.01
CA GLY D 336 -9.09 28.56 1.65
C GLY D 336 -10.03 27.98 0.61
N LEU D 337 -10.68 26.86 0.92
CA LEU D 337 -11.57 26.26 -0.06
C LEU D 337 -12.85 27.06 -0.22
N THR D 338 -13.25 27.81 0.81
CA THR D 338 -14.43 28.66 0.69
C THR D 338 -14.08 30.02 0.10
N VAL D 339 -12.89 30.54 0.41
CA VAL D 339 -12.51 31.88 0.01
C VAL D 339 -11.66 31.87 -1.25
N GLY D 340 -10.98 30.75 -1.49
CA GLY D 340 -10.03 30.64 -2.58
C GLY D 340 -10.58 31.04 -3.93
N PRO D 341 -11.69 30.43 -4.34
CA PRO D 341 -12.21 30.70 -5.69
C PRO D 341 -12.46 32.18 -5.97
N PHE D 342 -13.14 32.88 -5.07
CA PHE D 342 -13.38 34.31 -5.28
C PHE D 342 -12.11 35.11 -5.14
N ALA D 343 -11.19 34.70 -4.26
CA ALA D 343 -9.93 35.41 -4.11
C ALA D 343 -9.12 35.39 -5.40
N GLY D 344 -9.20 34.30 -6.16
CA GLY D 344 -8.53 34.25 -7.44
C GLY D 344 -9.12 35.23 -8.44
N HIS D 345 -10.42 35.50 -8.34
CA HIS D 345 -11.05 36.50 -9.20
C HIS D 345 -10.50 37.89 -8.90
N LEU D 346 -10.24 38.19 -7.63
CA LEU D 346 -9.72 39.51 -7.27
C LEU D 346 -8.29 39.67 -7.76
N LEU D 347 -7.44 38.68 -7.52
CA LEU D 347 -6.07 38.74 -8.03
C LEU D 347 -6.06 38.96 -9.54
N ALA D 348 -7.00 38.35 -10.26
CA ALA D 348 -7.11 38.59 -11.68
C ALA D 348 -7.48 40.04 -11.97
N GLY D 349 -8.39 40.61 -11.18
CA GLY D 349 -8.75 42.00 -11.37
C GLY D 349 -7.63 42.96 -11.03
N VAL D 350 -6.74 42.57 -10.11
CA VAL D 350 -5.63 43.43 -9.73
C VAL D 350 -4.67 43.61 -10.90
N VAL D 351 -4.11 42.50 -11.39
CA VAL D 351 -3.10 42.58 -12.44
C VAL D 351 -3.67 43.18 -13.72
N MET D 352 -4.98 42.99 -13.96
CA MET D 352 -5.58 43.52 -15.18
C MET D 352 -5.97 44.99 -15.02
N GLY D 353 -6.32 45.42 -13.81
CA GLY D 353 -6.56 46.82 -13.53
C GLY D 353 -8.00 47.18 -13.17
N GLU D 354 -8.93 46.23 -13.23
CA GLU D 354 -10.32 46.54 -12.92
C GLU D 354 -10.43 47.14 -11.52
N PRO D 355 -11.48 47.91 -11.26
CA PRO D 355 -11.66 48.49 -9.93
C PRO D 355 -11.93 47.41 -8.89
N ALA D 356 -11.64 47.76 -7.63
CA ALA D 356 -11.74 46.80 -6.53
C ALA D 356 -13.19 46.63 -6.10
N GLU D 357 -13.69 45.40 -6.19
CA GLU D 357 -15.00 45.08 -5.62
C GLU D 357 -14.99 45.13 -4.10
N VAL D 358 -13.80 45.01 -3.50
CA VAL D 358 -13.66 44.96 -2.04
C VAL D 358 -12.46 45.79 -1.64
N PRO D 359 -12.51 46.41 -0.46
CA PRO D 359 -11.34 47.20 -0.01
C PRO D 359 -10.05 46.40 0.03
N LEU D 360 -9.09 46.74 -0.83
CA LEU D 360 -7.80 46.07 -0.85
C LEU D 360 -6.81 46.65 0.15
N GLU D 361 -7.10 47.82 0.74
CA GLU D 361 -6.14 48.47 1.62
C GLU D 361 -5.82 47.61 2.83
N ARG D 362 -6.81 46.86 3.34
CA ARG D 362 -6.64 46.09 4.56
C ARG D 362 -5.95 44.74 4.33
N TYR D 363 -5.59 44.40 3.10
CA TYR D 363 -4.94 43.13 2.80
C TYR D 363 -3.59 43.26 2.12
N SER D 364 -3.27 44.42 1.55
CA SER D 364 -2.05 44.54 0.75
C SER D 364 -0.84 44.08 1.56
N PRO D 365 0.18 43.55 0.88
CA PRO D 365 1.40 43.11 1.58
C PRO D 365 2.31 44.29 1.90
N THR D 366 3.44 43.97 2.52
CA THR D 366 4.44 44.97 2.86
C THR D 366 5.47 45.10 1.76
N GLY D 367 6.21 46.21 1.79
CA GLY D 367 7.26 46.45 0.84
C GLY D 367 8.59 45.95 1.36
N PRO D 368 9.66 46.18 0.59
CA PRO D 368 10.99 45.78 1.06
C PRO D 368 11.41 46.58 2.29
N GLU D 369 12.17 45.93 3.16
CA GLU D 369 12.60 46.50 4.42
C GLU D 369 14.04 47.00 4.25
N ALA D 370 14.17 48.24 3.79
CA ALA D 370 15.48 48.87 3.61
C ALA D 370 16.39 48.00 2.74
#